data_1QK8
# 
_entry.id   1QK8 
# 
_audit_conform.dict_name       mmcif_pdbx.dic 
_audit_conform.dict_version    5.398 
_audit_conform.dict_location   http://mmcif.pdb.org/dictionaries/ascii/mmcif_pdbx.dic 
# 
loop_
_database_2.database_id 
_database_2.database_code 
_database_2.pdbx_database_accession 
_database_2.pdbx_DOI 
PDB   1QK8         pdb_00001qk8 10.2210/pdb1qk8/pdb 
PDBE  EBI-2913     ?            ?                   
WWPDB D_1290002913 ?            ?                   
# 
loop_
_pdbx_audit_revision_history.ordinal 
_pdbx_audit_revision_history.data_content_type 
_pdbx_audit_revision_history.major_revision 
_pdbx_audit_revision_history.minor_revision 
_pdbx_audit_revision_history.revision_date 
1 'Structure model' 1 0 2000-06-02 
2 'Structure model' 1 1 2011-05-08 
3 'Structure model' 1 2 2011-07-13 
4 'Structure model' 1 3 2024-11-13 
# 
_pdbx_audit_revision_details.ordinal             1 
_pdbx_audit_revision_details.revision_ordinal    1 
_pdbx_audit_revision_details.data_content_type   'Structure model' 
_pdbx_audit_revision_details.provider            repository 
_pdbx_audit_revision_details.type                'Initial release' 
_pdbx_audit_revision_details.description         ? 
_pdbx_audit_revision_details.details             ? 
# 
loop_
_pdbx_audit_revision_group.ordinal 
_pdbx_audit_revision_group.revision_ordinal 
_pdbx_audit_revision_group.data_content_type 
_pdbx_audit_revision_group.group 
1 2 'Structure model' 'Version format compliance' 
2 3 'Structure model' 'Version format compliance' 
3 4 'Structure model' 'Data collection'           
4 4 'Structure model' 'Database references'       
5 4 'Structure model' Other                       
6 4 'Structure model' 'Structure summary'         
# 
loop_
_pdbx_audit_revision_category.ordinal 
_pdbx_audit_revision_category.revision_ordinal 
_pdbx_audit_revision_category.data_content_type 
_pdbx_audit_revision_category.category 
1 4 'Structure model' chem_comp_atom            
2 4 'Structure model' chem_comp_bond            
3 4 'Structure model' database_2                
4 4 'Structure model' pdbx_database_status      
5 4 'Structure model' pdbx_entry_details        
6 4 'Structure model' pdbx_modification_feature 
# 
loop_
_pdbx_audit_revision_item.ordinal 
_pdbx_audit_revision_item.revision_ordinal 
_pdbx_audit_revision_item.data_content_type 
_pdbx_audit_revision_item.item 
1 4 'Structure model' '_database_2.pdbx_DOI'                 
2 4 'Structure model' '_database_2.pdbx_database_accession'  
3 4 'Structure model' '_pdbx_database_status.status_code_sf' 
# 
_pdbx_database_status.status_code                     REL 
_pdbx_database_status.entry_id                        1QK8 
_pdbx_database_status.deposit_site                    PDBE 
_pdbx_database_status.process_site                    PDBE 
_pdbx_database_status.SG_entry                        . 
_pdbx_database_status.recvd_initial_deposition_date   1999-07-11 
_pdbx_database_status.pdb_format_compatible           Y 
_pdbx_database_status.status_code_sf                  REL 
_pdbx_database_status.status_code_mr                  ? 
_pdbx_database_status.status_code_cs                  ? 
_pdbx_database_status.methods_development_category    ? 
_pdbx_database_status.status_code_nmr_data            ? 
# 
loop_
_audit_author.name 
_audit_author.pdbx_ordinal 
'Alphey, M.S.' 1 
'Hunter, W.N.' 2 
# 
_citation.id                        primary 
_citation.title                     'The High Resolution Crystal Structure of Recombinant Crithidia Fasciculata Tryparedoxin-I' 
_citation.journal_abbrev            J.Biol.Chem. 
_citation.journal_volume            274 
_citation.page_first                25613 
_citation.page_last                 ? 
_citation.year                      1999 
_citation.journal_id_ASTM           JBCHA3 
_citation.country                   US 
_citation.journal_id_ISSN           0021-9258 
_citation.journal_id_CSD            0071 
_citation.book_publisher            ? 
_citation.pdbx_database_id_PubMed   10464297 
_citation.pdbx_database_id_DOI      10.1074/JBC.274.36.25613 
# 
loop_
_citation_author.citation_id 
_citation_author.name 
_citation_author.ordinal 
_citation_author.identifier_ORCID 
primary 'Alphey, M.S.'   1 ? 
primary 'Leonard, G.A.'  2 ? 
primary 'Gourley, D.G.'  3 ? 
primary 'Tetaud, E.'     4 ? 
primary 'Fairlamb, A.H.' 5 ? 
primary 'Hunter, W.N.'   6 ? 
# 
loop_
_entity.id 
_entity.type 
_entity.src_method 
_entity.pdbx_description 
_entity.formula_weight 
_entity.pdbx_number_of_molecules 
_entity.pdbx_ec 
_entity.pdbx_mutation 
_entity.pdbx_fragment 
_entity.details 
1 polymer man TRYPAREDOXIN-I 16498.633 1   ? ? ? ? 
2 water   nat water          18.015    237 ? ? ? ? 
# 
_entity_name_com.entity_id   1 
_entity_name_com.name        TRYX-I 
# 
_entity_poly.entity_id                      1 
_entity_poly.type                           'polypeptide(L)' 
_entity_poly.nstd_linkage                   no 
_entity_poly.nstd_monomer                   no 
_entity_poly.pdbx_seq_one_letter_code       
;MSGLDKYLPGIEKLRRGDGEVEVKSLAGKLVFFYFSASWCPPCRGFTPQLIEFYDKFHESKNFEVVFCTWDEEEDGFAGY
FAKMPWLAVPFAQSEAVQKLSKHFNVESIPTLIGVDADSGDVVTTRARATLVKDPEGEQFPWKDAP
;
_entity_poly.pdbx_seq_one_letter_code_can   
;MSGLDKYLPGIEKLRRGDGEVEVKSLAGKLVFFYFSASWCPPCRGFTPQLIEFYDKFHESKNFEVVFCTWDEEEDGFAGY
FAKMPWLAVPFAQSEAVQKLSKHFNVESIPTLIGVDADSGDVVTTRARATLVKDPEGEQFPWKDAP
;
_entity_poly.pdbx_strand_id                 A 
_entity_poly.pdbx_target_identifier         ? 
# 
_pdbx_entity_nonpoly.entity_id   2 
_pdbx_entity_nonpoly.name        water 
_pdbx_entity_nonpoly.comp_id     HOH 
# 
loop_
_entity_poly_seq.entity_id 
_entity_poly_seq.num 
_entity_poly_seq.mon_id 
_entity_poly_seq.hetero 
1 1   MET n 
1 2   SER n 
1 3   GLY n 
1 4   LEU n 
1 5   ASP n 
1 6   LYS n 
1 7   TYR n 
1 8   LEU n 
1 9   PRO n 
1 10  GLY n 
1 11  ILE n 
1 12  GLU n 
1 13  LYS n 
1 14  LEU n 
1 15  ARG n 
1 16  ARG n 
1 17  GLY n 
1 18  ASP n 
1 19  GLY n 
1 20  GLU n 
1 21  VAL n 
1 22  GLU n 
1 23  VAL n 
1 24  LYS n 
1 25  SER n 
1 26  LEU n 
1 27  ALA n 
1 28  GLY n 
1 29  LYS n 
1 30  LEU n 
1 31  VAL n 
1 32  PHE n 
1 33  PHE n 
1 34  TYR n 
1 35  PHE n 
1 36  SER n 
1 37  ALA n 
1 38  SER n 
1 39  TRP n 
1 40  CYS n 
1 41  PRO n 
1 42  PRO n 
1 43  CYS n 
1 44  ARG n 
1 45  GLY n 
1 46  PHE n 
1 47  THR n 
1 48  PRO n 
1 49  GLN n 
1 50  LEU n 
1 51  ILE n 
1 52  GLU n 
1 53  PHE n 
1 54  TYR n 
1 55  ASP n 
1 56  LYS n 
1 57  PHE n 
1 58  HIS n 
1 59  GLU n 
1 60  SER n 
1 61  LYS n 
1 62  ASN n 
1 63  PHE n 
1 64  GLU n 
1 65  VAL n 
1 66  VAL n 
1 67  PHE n 
1 68  CYS n 
1 69  THR n 
1 70  TRP n 
1 71  ASP n 
1 72  GLU n 
1 73  GLU n 
1 74  GLU n 
1 75  ASP n 
1 76  GLY n 
1 77  PHE n 
1 78  ALA n 
1 79  GLY n 
1 80  TYR n 
1 81  PHE n 
1 82  ALA n 
1 83  LYS n 
1 84  MET n 
1 85  PRO n 
1 86  TRP n 
1 87  LEU n 
1 88  ALA n 
1 89  VAL n 
1 90  PRO n 
1 91  PHE n 
1 92  ALA n 
1 93  GLN n 
1 94  SER n 
1 95  GLU n 
1 96  ALA n 
1 97  VAL n 
1 98  GLN n 
1 99  LYS n 
1 100 LEU n 
1 101 SER n 
1 102 LYS n 
1 103 HIS n 
1 104 PHE n 
1 105 ASN n 
1 106 VAL n 
1 107 GLU n 
1 108 SER n 
1 109 ILE n 
1 110 PRO n 
1 111 THR n 
1 112 LEU n 
1 113 ILE n 
1 114 GLY n 
1 115 VAL n 
1 116 ASP n 
1 117 ALA n 
1 118 ASP n 
1 119 SER n 
1 120 GLY n 
1 121 ASP n 
1 122 VAL n 
1 123 VAL n 
1 124 THR n 
1 125 THR n 
1 126 ARG n 
1 127 ALA n 
1 128 ARG n 
1 129 ALA n 
1 130 THR n 
1 131 LEU n 
1 132 VAL n 
1 133 LYS n 
1 134 ASP n 
1 135 PRO n 
1 136 GLU n 
1 137 GLY n 
1 138 GLU n 
1 139 GLN n 
1 140 PHE n 
1 141 PRO n 
1 142 TRP n 
1 143 LYS n 
1 144 ASP n 
1 145 ALA n 
1 146 PRO n 
# 
_entity_src_gen.entity_id                          1 
_entity_src_gen.pdbx_src_id                        1 
_entity_src_gen.pdbx_alt_source_flag               sample 
_entity_src_gen.pdbx_seq_type                      ? 
_entity_src_gen.pdbx_beg_seq_num                   ? 
_entity_src_gen.pdbx_end_seq_num                   ? 
_entity_src_gen.gene_src_common_name               ? 
_entity_src_gen.gene_src_genus                     ? 
_entity_src_gen.pdbx_gene_src_gene                 ? 
_entity_src_gen.gene_src_species                   ? 
_entity_src_gen.gene_src_strain                    ? 
_entity_src_gen.gene_src_tissue                    ? 
_entity_src_gen.gene_src_tissue_fraction           ? 
_entity_src_gen.gene_src_details                   ? 
_entity_src_gen.pdbx_gene_src_fragment             ? 
_entity_src_gen.pdbx_gene_src_scientific_name      'CRITHIDIA FASCICULATA' 
_entity_src_gen.pdbx_gene_src_ncbi_taxonomy_id     5656 
_entity_src_gen.pdbx_gene_src_variant              ? 
_entity_src_gen.pdbx_gene_src_cell_line            ? 
_entity_src_gen.pdbx_gene_src_atcc                 ? 
_entity_src_gen.pdbx_gene_src_organ                ? 
_entity_src_gen.pdbx_gene_src_organelle            ? 
_entity_src_gen.pdbx_gene_src_cell                 ? 
_entity_src_gen.pdbx_gene_src_cellular_location    CYTOPLASM 
_entity_src_gen.host_org_common_name               ? 
_entity_src_gen.pdbx_host_org_scientific_name      'ESCHERICHIA COLI' 
_entity_src_gen.pdbx_host_org_ncbi_taxonomy_id     562 
_entity_src_gen.host_org_genus                     ? 
_entity_src_gen.pdbx_host_org_gene                 ? 
_entity_src_gen.pdbx_host_org_organ                ? 
_entity_src_gen.host_org_species                   ? 
_entity_src_gen.pdbx_host_org_tissue               ? 
_entity_src_gen.pdbx_host_org_tissue_fraction      ? 
_entity_src_gen.pdbx_host_org_strain               'B834 MET-' 
_entity_src_gen.pdbx_host_org_variant              ? 
_entity_src_gen.pdbx_host_org_cell_line            ? 
_entity_src_gen.pdbx_host_org_atcc                 ? 
_entity_src_gen.pdbx_host_org_culture_collection   ? 
_entity_src_gen.pdbx_host_org_cell                 ? 
_entity_src_gen.pdbx_host_org_organelle            ? 
_entity_src_gen.pdbx_host_org_cellular_location    ? 
_entity_src_gen.pdbx_host_org_vector_type          ? 
_entity_src_gen.pdbx_host_org_vector               ? 
_entity_src_gen.host_org_details                   ? 
_entity_src_gen.expression_system_id               ? 
_entity_src_gen.plasmid_name                       PET15B 
_entity_src_gen.plasmid_details                    ? 
_entity_src_gen.pdbx_description                   ? 
# 
loop_
_chem_comp.id 
_chem_comp.type 
_chem_comp.mon_nstd_flag 
_chem_comp.name 
_chem_comp.pdbx_synonyms 
_chem_comp.formula 
_chem_comp.formula_weight 
ALA 'L-peptide linking' y ALANINE         ? 'C3 H7 N O2'     89.093  
ARG 'L-peptide linking' y ARGININE        ? 'C6 H15 N4 O2 1' 175.209 
ASN 'L-peptide linking' y ASPARAGINE      ? 'C4 H8 N2 O3'    132.118 
ASP 'L-peptide linking' y 'ASPARTIC ACID' ? 'C4 H7 N O4'     133.103 
CYS 'L-peptide linking' y CYSTEINE        ? 'C3 H7 N O2 S'   121.158 
GLN 'L-peptide linking' y GLUTAMINE       ? 'C5 H10 N2 O3'   146.144 
GLU 'L-peptide linking' y 'GLUTAMIC ACID' ? 'C5 H9 N O4'     147.129 
GLY 'peptide linking'   y GLYCINE         ? 'C2 H5 N O2'     75.067  
HIS 'L-peptide linking' y HISTIDINE       ? 'C6 H10 N3 O2 1' 156.162 
HOH non-polymer         . WATER           ? 'H2 O'           18.015  
ILE 'L-peptide linking' y ISOLEUCINE      ? 'C6 H13 N O2'    131.173 
LEU 'L-peptide linking' y LEUCINE         ? 'C6 H13 N O2'    131.173 
LYS 'L-peptide linking' y LYSINE          ? 'C6 H15 N2 O2 1' 147.195 
MET 'L-peptide linking' y METHIONINE      ? 'C5 H11 N O2 S'  149.211 
PHE 'L-peptide linking' y PHENYLALANINE   ? 'C9 H11 N O2'    165.189 
PRO 'L-peptide linking' y PROLINE         ? 'C5 H9 N O2'     115.130 
SER 'L-peptide linking' y SERINE          ? 'C3 H7 N O3'     105.093 
THR 'L-peptide linking' y THREONINE       ? 'C4 H9 N O3'     119.119 
TRP 'L-peptide linking' y TRYPTOPHAN      ? 'C11 H12 N2 O2'  204.225 
TYR 'L-peptide linking' y TYROSINE        ? 'C9 H11 N O3'    181.189 
VAL 'L-peptide linking' y VALINE          ? 'C5 H11 N O2'    117.146 
# 
loop_
_pdbx_poly_seq_scheme.asym_id 
_pdbx_poly_seq_scheme.entity_id 
_pdbx_poly_seq_scheme.seq_id 
_pdbx_poly_seq_scheme.mon_id 
_pdbx_poly_seq_scheme.ndb_seq_num 
_pdbx_poly_seq_scheme.pdb_seq_num 
_pdbx_poly_seq_scheme.auth_seq_num 
_pdbx_poly_seq_scheme.pdb_mon_id 
_pdbx_poly_seq_scheme.auth_mon_id 
_pdbx_poly_seq_scheme.pdb_strand_id 
_pdbx_poly_seq_scheme.pdb_ins_code 
_pdbx_poly_seq_scheme.hetero 
A 1 1   MET 1   1   ?   ?   ?   A . n 
A 1 2   SER 2   2   ?   ?   ?   A . n 
A 1 3   GLY 3   3   3   GLY GLY A . n 
A 1 4   LEU 4   4   4   LEU LEU A . n 
A 1 5   ASP 5   5   5   ASP ASP A . n 
A 1 6   LYS 6   6   6   LYS LYS A . n 
A 1 7   TYR 7   7   7   TYR TYR A . n 
A 1 8   LEU 8   8   8   LEU LEU A . n 
A 1 9   PRO 9   9   9   PRO PRO A . n 
A 1 10  GLY 10  10  10  GLY GLY A . n 
A 1 11  ILE 11  11  11  ILE ILE A . n 
A 1 12  GLU 12  12  12  GLU GLU A . n 
A 1 13  LYS 13  13  13  LYS LYS A . n 
A 1 14  LEU 14  14  14  LEU LEU A . n 
A 1 15  ARG 15  15  15  ARG ARG A . n 
A 1 16  ARG 16  16  16  ARG ARG A . n 
A 1 17  GLY 17  17  17  GLY GLY A . n 
A 1 18  ASP 18  18  18  ASP ASP A . n 
A 1 19  GLY 19  19  19  GLY GLY A . n 
A 1 20  GLU 20  20  20  GLU GLU A . n 
A 1 21  VAL 21  21  21  VAL VAL A . n 
A 1 22  GLU 22  22  22  GLU GLU A . n 
A 1 23  VAL 23  23  23  VAL VAL A . n 
A 1 24  LYS 24  24  24  LYS LYS A . n 
A 1 25  SER 25  25  25  SER SER A . n 
A 1 26  LEU 26  26  26  LEU LEU A . n 
A 1 27  ALA 27  27  27  ALA ALA A . n 
A 1 28  GLY 28  28  28  GLY GLY A . n 
A 1 29  LYS 29  29  29  LYS LYS A . n 
A 1 30  LEU 30  30  30  LEU LEU A . n 
A 1 31  VAL 31  31  31  VAL VAL A . n 
A 1 32  PHE 32  32  32  PHE PHE A . n 
A 1 33  PHE 33  33  33  PHE PHE A . n 
A 1 34  TYR 34  34  34  TYR TYR A . n 
A 1 35  PHE 35  35  35  PHE PHE A . n 
A 1 36  SER 36  36  36  SER SER A . n 
A 1 37  ALA 37  37  37  ALA ALA A . n 
A 1 38  SER 38  38  38  SER SER A . n 
A 1 39  TRP 39  39  39  TRP TRP A . n 
A 1 40  CYS 40  40  40  CYS CYS A . n 
A 1 41  PRO 41  41  41  PRO PRO A . n 
A 1 42  PRO 42  42  42  PRO PRO A . n 
A 1 43  CYS 43  43  43  CYS CYS A . n 
A 1 44  ARG 44  44  44  ARG ARG A . n 
A 1 45  GLY 45  45  45  GLY GLY A . n 
A 1 46  PHE 46  46  46  PHE PHE A . n 
A 1 47  THR 47  47  47  THR THR A . n 
A 1 48  PRO 48  48  48  PRO PRO A . n 
A 1 49  GLN 49  49  49  GLN GLN A . n 
A 1 50  LEU 50  50  50  LEU LEU A . n 
A 1 51  ILE 51  51  51  ILE ILE A . n 
A 1 52  GLU 52  52  52  GLU GLU A . n 
A 1 53  PHE 53  53  53  PHE PHE A . n 
A 1 54  TYR 54  54  54  TYR TYR A . n 
A 1 55  ASP 55  55  55  ASP ASP A . n 
A 1 56  LYS 56  56  56  LYS LYS A . n 
A 1 57  PHE 57  57  57  PHE PHE A . n 
A 1 58  HIS 58  58  58  HIS HIS A . n 
A 1 59  GLU 59  59  59  GLU GLU A . n 
A 1 60  SER 60  60  60  SER SER A . n 
A 1 61  LYS 61  61  61  LYS LYS A . n 
A 1 62  ASN 62  62  62  ASN ASN A . n 
A 1 63  PHE 63  63  63  PHE PHE A . n 
A 1 64  GLU 64  64  64  GLU GLU A . n 
A 1 65  VAL 65  65  65  VAL VAL A . n 
A 1 66  VAL 66  66  66  VAL VAL A . n 
A 1 67  PHE 67  67  67  PHE PHE A . n 
A 1 68  CYS 68  68  68  CYS CYS A . n 
A 1 69  THR 69  69  69  THR THR A . n 
A 1 70  TRP 70  70  70  TRP TRP A . n 
A 1 71  ASP 71  71  71  ASP ASP A . n 
A 1 72  GLU 72  72  72  GLU GLU A . n 
A 1 73  GLU 73  73  73  GLU GLU A . n 
A 1 74  GLU 74  74  74  GLU GLU A . n 
A 1 75  ASP 75  75  75  ASP ASP A . n 
A 1 76  GLY 76  76  76  GLY GLY A . n 
A 1 77  PHE 77  77  77  PHE PHE A . n 
A 1 78  ALA 78  78  78  ALA ALA A . n 
A 1 79  GLY 79  79  79  GLY GLY A . n 
A 1 80  TYR 80  80  80  TYR TYR A . n 
A 1 81  PHE 81  81  81  PHE PHE A . n 
A 1 82  ALA 82  82  82  ALA ALA A . n 
A 1 83  LYS 83  83  83  LYS LYS A . n 
A 1 84  MET 84  84  84  MET MET A . n 
A 1 85  PRO 85  85  85  PRO PRO A . n 
A 1 86  TRP 86  86  86  TRP TRP A . n 
A 1 87  LEU 87  87  87  LEU LEU A . n 
A 1 88  ALA 88  88  88  ALA ALA A . n 
A 1 89  VAL 89  89  89  VAL VAL A . n 
A 1 90  PRO 90  90  90  PRO PRO A . n 
A 1 91  PHE 91  91  91  PHE PHE A . n 
A 1 92  ALA 92  92  92  ALA ALA A . n 
A 1 93  GLN 93  93  93  GLN GLN A . n 
A 1 94  SER 94  94  94  SER SER A . n 
A 1 95  GLU 95  95  95  GLU GLU A . n 
A 1 96  ALA 96  96  96  ALA ALA A . n 
A 1 97  VAL 97  97  97  VAL VAL A . n 
A 1 98  GLN 98  98  98  GLN GLN A . n 
A 1 99  LYS 99  99  99  LYS LYS A . n 
A 1 100 LEU 100 100 100 LEU LEU A . n 
A 1 101 SER 101 101 101 SER SER A . n 
A 1 102 LYS 102 102 102 LYS LYS A . n 
A 1 103 HIS 103 103 103 HIS HIS A . n 
A 1 104 PHE 104 104 104 PHE PHE A . n 
A 1 105 ASN 105 105 105 ASN ASN A . n 
A 1 106 VAL 106 106 106 VAL VAL A . n 
A 1 107 GLU 107 107 107 GLU GLU A . n 
A 1 108 SER 108 108 108 SER SER A . n 
A 1 109 ILE 109 109 109 ILE ILE A . n 
A 1 110 PRO 110 110 110 PRO PRO A . n 
A 1 111 THR 111 111 111 THR THR A . n 
A 1 112 LEU 112 112 112 LEU LEU A . n 
A 1 113 ILE 113 113 113 ILE ILE A . n 
A 1 114 GLY 114 114 114 GLY GLY A . n 
A 1 115 VAL 115 115 115 VAL VAL A . n 
A 1 116 ASP 116 116 116 ASP ASP A . n 
A 1 117 ALA 117 117 117 ALA ALA A . n 
A 1 118 ASP 118 118 118 ASP ASP A . n 
A 1 119 SER 119 119 119 SER SER A . n 
A 1 120 GLY 120 120 120 GLY GLY A . n 
A 1 121 ASP 121 121 121 ASP ASP A . n 
A 1 122 VAL 122 122 122 VAL VAL A . n 
A 1 123 VAL 123 123 123 VAL VAL A . n 
A 1 124 THR 124 124 124 THR THR A . n 
A 1 125 THR 125 125 125 THR THR A . n 
A 1 126 ARG 126 126 126 ARG ARG A . n 
A 1 127 ALA 127 127 127 ALA ALA A . n 
A 1 128 ARG 128 128 128 ARG ARG A . n 
A 1 129 ALA 129 129 129 ALA ALA A . n 
A 1 130 THR 130 130 130 THR THR A . n 
A 1 131 LEU 131 131 131 LEU LEU A . n 
A 1 132 VAL 132 132 132 VAL VAL A . n 
A 1 133 LYS 133 133 133 LYS LYS A . n 
A 1 134 ASP 134 134 134 ASP ASP A . n 
A 1 135 PRO 135 135 135 PRO PRO A . n 
A 1 136 GLU 136 136 136 GLU GLU A . n 
A 1 137 GLY 137 137 137 GLY GLY A . n 
A 1 138 GLU 138 138 138 GLU GLU A . n 
A 1 139 GLN 139 139 139 GLN GLN A . n 
A 1 140 PHE 140 140 140 PHE PHE A . n 
A 1 141 PRO 141 141 141 PRO PRO A . n 
A 1 142 TRP 142 142 142 TRP TRP A . n 
A 1 143 LYS 143 143 143 LYS LYS A . n 
A 1 144 ASP 144 144 144 ASP ASP A . n 
A 1 145 ALA 145 145 145 ALA ALA A . n 
A 1 146 PRO 146 146 ?   ?   ?   A . n 
# 
loop_
_pdbx_nonpoly_scheme.asym_id 
_pdbx_nonpoly_scheme.entity_id 
_pdbx_nonpoly_scheme.mon_id 
_pdbx_nonpoly_scheme.ndb_seq_num 
_pdbx_nonpoly_scheme.pdb_seq_num 
_pdbx_nonpoly_scheme.auth_seq_num 
_pdbx_nonpoly_scheme.pdb_mon_id 
_pdbx_nonpoly_scheme.auth_mon_id 
_pdbx_nonpoly_scheme.pdb_strand_id 
_pdbx_nonpoly_scheme.pdb_ins_code 
B 2 HOH 1   2001 2001 HOH HOH A . 
B 2 HOH 2   2002 2002 HOH HOH A . 
B 2 HOH 3   2003 2003 HOH HOH A . 
B 2 HOH 4   2004 2004 HOH HOH A . 
B 2 HOH 5   2005 2005 HOH HOH A . 
B 2 HOH 6   2006 2006 HOH HOH A . 
B 2 HOH 7   2007 2007 HOH HOH A . 
B 2 HOH 8   2008 2008 HOH HOH A . 
B 2 HOH 9   2009 2009 HOH HOH A . 
B 2 HOH 10  2010 2010 HOH HOH A . 
B 2 HOH 11  2011 2011 HOH HOH A . 
B 2 HOH 12  2012 2012 HOH HOH A . 
B 2 HOH 13  2013 2013 HOH HOH A . 
B 2 HOH 14  2014 2014 HOH HOH A . 
B 2 HOH 15  2015 2015 HOH HOH A . 
B 2 HOH 16  2016 2016 HOH HOH A . 
B 2 HOH 17  2017 2017 HOH HOH A . 
B 2 HOH 18  2018 2018 HOH HOH A . 
B 2 HOH 19  2019 2019 HOH HOH A . 
B 2 HOH 20  2020 2020 HOH HOH A . 
B 2 HOH 21  2021 2021 HOH HOH A . 
B 2 HOH 22  2022 2022 HOH HOH A . 
B 2 HOH 23  2023 2023 HOH HOH A . 
B 2 HOH 24  2024 2024 HOH HOH A . 
B 2 HOH 25  2025 2025 HOH HOH A . 
B 2 HOH 26  2026 2026 HOH HOH A . 
B 2 HOH 27  2027 2027 HOH HOH A . 
B 2 HOH 28  2028 2028 HOH HOH A . 
B 2 HOH 29  2029 2029 HOH HOH A . 
B 2 HOH 30  2030 2030 HOH HOH A . 
B 2 HOH 31  2031 2031 HOH HOH A . 
B 2 HOH 32  2032 2032 HOH HOH A . 
B 2 HOH 33  2033 2033 HOH HOH A . 
B 2 HOH 34  2034 2034 HOH HOH A . 
B 2 HOH 35  2035 2035 HOH HOH A . 
B 2 HOH 36  2036 2036 HOH HOH A . 
B 2 HOH 37  2037 2037 HOH HOH A . 
B 2 HOH 38  2038 2038 HOH HOH A . 
B 2 HOH 39  2039 2039 HOH HOH A . 
B 2 HOH 40  2040 2040 HOH HOH A . 
B 2 HOH 41  2041 2041 HOH HOH A . 
B 2 HOH 42  2042 2042 HOH HOH A . 
B 2 HOH 43  2043 2043 HOH HOH A . 
B 2 HOH 44  2044 2044 HOH HOH A . 
B 2 HOH 45  2045 2045 HOH HOH A . 
B 2 HOH 46  2046 2046 HOH HOH A . 
B 2 HOH 47  2047 2047 HOH HOH A . 
B 2 HOH 48  2048 2048 HOH HOH A . 
B 2 HOH 49  2049 2049 HOH HOH A . 
B 2 HOH 50  2050 2050 HOH HOH A . 
B 2 HOH 51  2051 2051 HOH HOH A . 
B 2 HOH 52  2052 2052 HOH HOH A . 
B 2 HOH 53  2053 2053 HOH HOH A . 
B 2 HOH 54  2054 2054 HOH HOH A . 
B 2 HOH 55  2055 2055 HOH HOH A . 
B 2 HOH 56  2056 2056 HOH HOH A . 
B 2 HOH 57  2057 2057 HOH HOH A . 
B 2 HOH 58  2058 2058 HOH HOH A . 
B 2 HOH 59  2059 2059 HOH HOH A . 
B 2 HOH 60  2060 2060 HOH HOH A . 
B 2 HOH 61  2061 2061 HOH HOH A . 
B 2 HOH 62  2062 2062 HOH HOH A . 
B 2 HOH 63  2063 2063 HOH HOH A . 
B 2 HOH 64  2064 2064 HOH HOH A . 
B 2 HOH 65  2065 2065 HOH HOH A . 
B 2 HOH 66  2066 2066 HOH HOH A . 
B 2 HOH 67  2067 2067 HOH HOH A . 
B 2 HOH 68  2068 2068 HOH HOH A . 
B 2 HOH 69  2069 2069 HOH HOH A . 
B 2 HOH 70  2070 2070 HOH HOH A . 
B 2 HOH 71  2071 2071 HOH HOH A . 
B 2 HOH 72  2072 2072 HOH HOH A . 
B 2 HOH 73  2073 2073 HOH HOH A . 
B 2 HOH 74  2074 2074 HOH HOH A . 
B 2 HOH 75  2075 2075 HOH HOH A . 
B 2 HOH 76  2076 2076 HOH HOH A . 
B 2 HOH 77  2077 2077 HOH HOH A . 
B 2 HOH 78  2078 2078 HOH HOH A . 
B 2 HOH 79  2079 2079 HOH HOH A . 
B 2 HOH 80  2080 2080 HOH HOH A . 
B 2 HOH 81  2081 2081 HOH HOH A . 
B 2 HOH 82  2082 2082 HOH HOH A . 
B 2 HOH 83  2083 2083 HOH HOH A . 
B 2 HOH 84  2084 2084 HOH HOH A . 
B 2 HOH 85  2085 2085 HOH HOH A . 
B 2 HOH 86  2086 2086 HOH HOH A . 
B 2 HOH 87  2087 2087 HOH HOH A . 
B 2 HOH 88  2088 2088 HOH HOH A . 
B 2 HOH 89  2089 2089 HOH HOH A . 
B 2 HOH 90  2090 2090 HOH HOH A . 
B 2 HOH 91  2091 2091 HOH HOH A . 
B 2 HOH 92  2092 2092 HOH HOH A . 
B 2 HOH 93  2093 2093 HOH HOH A . 
B 2 HOH 94  2094 2094 HOH HOH A . 
B 2 HOH 95  2095 2095 HOH HOH A . 
B 2 HOH 96  2096 2096 HOH HOH A . 
B 2 HOH 97  2097 2097 HOH HOH A . 
B 2 HOH 98  2098 2098 HOH HOH A . 
B 2 HOH 99  2099 2099 HOH HOH A . 
B 2 HOH 100 2100 2100 HOH HOH A . 
B 2 HOH 101 2101 2101 HOH HOH A . 
B 2 HOH 102 2102 2102 HOH HOH A . 
B 2 HOH 103 2103 2103 HOH HOH A . 
B 2 HOH 104 2104 2104 HOH HOH A . 
B 2 HOH 105 2105 2105 HOH HOH A . 
B 2 HOH 106 2106 2106 HOH HOH A . 
B 2 HOH 107 2107 2107 HOH HOH A . 
B 2 HOH 108 2108 2108 HOH HOH A . 
B 2 HOH 109 2109 2109 HOH HOH A . 
B 2 HOH 110 2110 2110 HOH HOH A . 
B 2 HOH 111 2111 2111 HOH HOH A . 
B 2 HOH 112 2112 2112 HOH HOH A . 
B 2 HOH 113 2113 2113 HOH HOH A . 
B 2 HOH 114 2114 2114 HOH HOH A . 
B 2 HOH 115 2115 2115 HOH HOH A . 
B 2 HOH 116 2116 2116 HOH HOH A . 
B 2 HOH 117 2117 2117 HOH HOH A . 
B 2 HOH 118 2118 2118 HOH HOH A . 
B 2 HOH 119 2119 2119 HOH HOH A . 
B 2 HOH 120 2120 2120 HOH HOH A . 
B 2 HOH 121 2121 2121 HOH HOH A . 
B 2 HOH 122 2122 2122 HOH HOH A . 
B 2 HOH 123 2123 2123 HOH HOH A . 
B 2 HOH 124 2124 2124 HOH HOH A . 
B 2 HOH 125 2125 2125 HOH HOH A . 
B 2 HOH 126 2126 2126 HOH HOH A . 
B 2 HOH 127 2127 2127 HOH HOH A . 
B 2 HOH 128 2128 2128 HOH HOH A . 
B 2 HOH 129 2129 2129 HOH HOH A . 
B 2 HOH 130 2130 2130 HOH HOH A . 
B 2 HOH 131 2131 2131 HOH HOH A . 
B 2 HOH 132 2132 2132 HOH HOH A . 
B 2 HOH 133 2133 2133 HOH HOH A . 
B 2 HOH 134 2134 2134 HOH HOH A . 
B 2 HOH 135 2135 2135 HOH HOH A . 
B 2 HOH 136 2136 2136 HOH HOH A . 
B 2 HOH 137 2137 2137 HOH HOH A . 
B 2 HOH 138 2138 2138 HOH HOH A . 
B 2 HOH 139 2139 2139 HOH HOH A . 
B 2 HOH 140 2140 2140 HOH HOH A . 
B 2 HOH 141 2141 2141 HOH HOH A . 
B 2 HOH 142 2142 2142 HOH HOH A . 
B 2 HOH 143 2143 2143 HOH HOH A . 
B 2 HOH 144 2144 2144 HOH HOH A . 
B 2 HOH 145 2145 2145 HOH HOH A . 
B 2 HOH 146 2146 2146 HOH HOH A . 
B 2 HOH 147 2147 2147 HOH HOH A . 
B 2 HOH 148 2148 2148 HOH HOH A . 
B 2 HOH 149 2149 2149 HOH HOH A . 
B 2 HOH 150 2150 2150 HOH HOH A . 
B 2 HOH 151 2151 2151 HOH HOH A . 
B 2 HOH 152 2152 2152 HOH HOH A . 
B 2 HOH 153 2153 2153 HOH HOH A . 
B 2 HOH 154 2154 2154 HOH HOH A . 
B 2 HOH 155 2155 2155 HOH HOH A . 
B 2 HOH 156 2156 2156 HOH HOH A . 
B 2 HOH 157 2157 2157 HOH HOH A . 
B 2 HOH 158 2158 2158 HOH HOH A . 
B 2 HOH 159 2159 2159 HOH HOH A . 
B 2 HOH 160 2160 2160 HOH HOH A . 
B 2 HOH 161 2161 2161 HOH HOH A . 
B 2 HOH 162 2162 2162 HOH HOH A . 
B 2 HOH 163 2163 2163 HOH HOH A . 
B 2 HOH 164 2164 2164 HOH HOH A . 
B 2 HOH 165 2165 2165 HOH HOH A . 
B 2 HOH 166 2166 2166 HOH HOH A . 
B 2 HOH 167 2167 2167 HOH HOH A . 
B 2 HOH 168 2168 2168 HOH HOH A . 
B 2 HOH 169 2169 2169 HOH HOH A . 
B 2 HOH 170 2170 2170 HOH HOH A . 
B 2 HOH 171 2171 2171 HOH HOH A . 
B 2 HOH 172 2172 2172 HOH HOH A . 
B 2 HOH 173 2173 2173 HOH HOH A . 
B 2 HOH 174 2174 2174 HOH HOH A . 
B 2 HOH 175 2175 2175 HOH HOH A . 
B 2 HOH 176 2176 2176 HOH HOH A . 
B 2 HOH 177 2177 2177 HOH HOH A . 
B 2 HOH 178 2178 2178 HOH HOH A . 
B 2 HOH 179 2179 2179 HOH HOH A . 
B 2 HOH 180 2180 2180 HOH HOH A . 
B 2 HOH 181 2181 2181 HOH HOH A . 
B 2 HOH 182 2182 2182 HOH HOH A . 
B 2 HOH 183 2183 2183 HOH HOH A . 
B 2 HOH 184 2184 2184 HOH HOH A . 
B 2 HOH 185 2185 2185 HOH HOH A . 
B 2 HOH 186 2186 2186 HOH HOH A . 
B 2 HOH 187 2187 2187 HOH HOH A . 
B 2 HOH 188 2188 2188 HOH HOH A . 
B 2 HOH 189 2189 2189 HOH HOH A . 
B 2 HOH 190 2190 2190 HOH HOH A . 
B 2 HOH 191 2191 2191 HOH HOH A . 
B 2 HOH 192 2192 2192 HOH HOH A . 
B 2 HOH 193 2193 2193 HOH HOH A . 
B 2 HOH 194 2194 2194 HOH HOH A . 
B 2 HOH 195 2195 2195 HOH HOH A . 
B 2 HOH 196 2196 2196 HOH HOH A . 
B 2 HOH 197 2197 2197 HOH HOH A . 
B 2 HOH 198 2198 2198 HOH HOH A . 
B 2 HOH 199 2199 2199 HOH HOH A . 
B 2 HOH 200 2200 2200 HOH HOH A . 
B 2 HOH 201 2201 2201 HOH HOH A . 
B 2 HOH 202 2202 2202 HOH HOH A . 
B 2 HOH 203 2203 2203 HOH HOH A . 
B 2 HOH 204 2204 2204 HOH HOH A . 
B 2 HOH 205 2205 2205 HOH HOH A . 
B 2 HOH 206 2206 2206 HOH HOH A . 
B 2 HOH 207 2207 2207 HOH HOH A . 
B 2 HOH 208 2208 2208 HOH HOH A . 
B 2 HOH 209 2209 2209 HOH HOH A . 
B 2 HOH 210 2210 2210 HOH HOH A . 
B 2 HOH 211 2211 2211 HOH HOH A . 
B 2 HOH 212 2212 2212 HOH HOH A . 
B 2 HOH 213 2213 2213 HOH HOH A . 
B 2 HOH 214 2214 2214 HOH HOH A . 
B 2 HOH 215 2215 2215 HOH HOH A . 
B 2 HOH 216 2216 2216 HOH HOH A . 
B 2 HOH 217 2217 2217 HOH HOH A . 
B 2 HOH 218 2218 2218 HOH HOH A . 
B 2 HOH 219 2219 2219 HOH HOH A . 
B 2 HOH 220 2220 2220 HOH HOH A . 
B 2 HOH 221 2221 2221 HOH HOH A . 
B 2 HOH 222 2222 2222 HOH HOH A . 
B 2 HOH 223 2223 2223 HOH HOH A . 
B 2 HOH 224 2224 2224 HOH HOH A . 
B 2 HOH 225 2225 2225 HOH HOH A . 
B 2 HOH 226 2226 2226 HOH HOH A . 
B 2 HOH 227 2227 2227 HOH HOH A . 
B 2 HOH 228 2228 2228 HOH HOH A . 
B 2 HOH 229 2229 2229 HOH HOH A . 
B 2 HOH 230 2230 2230 HOH HOH A . 
B 2 HOH 231 2231 2231 HOH HOH A . 
B 2 HOH 232 2232 2232 HOH HOH A . 
B 2 HOH 233 2233 2233 HOH HOH A . 
B 2 HOH 234 2234 2234 HOH HOH A . 
B 2 HOH 235 2235 2235 HOH HOH A . 
B 2 HOH 236 2236 2236 HOH HOH A . 
B 2 HOH 237 2237 2237 HOH HOH A . 
# 
loop_
_software.name 
_software.classification 
_software.version 
_software.citation_id 
_software.pdbx_ordinal 
REFMAC    refinement       . ? 1 
DENZO     'data reduction' . ? 2 
SCALEPACK 'data scaling'   . ? 3 
# 
_cell.entry_id           1QK8 
_cell.length_a           38.390 
_cell.length_b           50.700 
_cell.length_c           70.820 
_cell.angle_alpha        90.00 
_cell.angle_beta         90.00 
_cell.angle_gamma        90.00 
_cell.Z_PDB              4 
_cell.pdbx_unique_axis   ? 
# 
_symmetry.entry_id                         1QK8 
_symmetry.space_group_name_H-M             'P 21 21 21' 
_symmetry.pdbx_full_space_group_name_H-M   ? 
_symmetry.cell_setting                     ? 
_symmetry.Int_Tables_number                19 
# 
_exptl.entry_id          1QK8 
_exptl.method            'X-RAY DIFFRACTION' 
_exptl.crystals_number   1 
# 
_exptl_crystal.id                    1 
_exptl_crystal.density_meas          ? 
_exptl_crystal.density_Matthews      2.13 
_exptl_crystal.density_percent_sol   42 
_exptl_crystal.description           ? 
# 
_exptl_crystal_grow.crystal_id      1 
_exptl_crystal_grow.method          ? 
_exptl_crystal_grow.temp            ? 
_exptl_crystal_grow.temp_details    ? 
_exptl_crystal_grow.pH              7.50 
_exptl_crystal_grow.pdbx_pH_range   ? 
_exptl_crystal_grow.pdbx_details    '6.75MG/ML PROTEIN, 7.5% PEG MME 2000, 0.025M TRIS/HCL PH8.2, 0.25% DMSO, pH 7.50' 
# 
_diffrn.id                     1 
_diffrn.ambient_temp           100.0 
_diffrn.ambient_temp_details   ? 
_diffrn.crystal_id             1 
# 
_diffrn_detector.diffrn_id              1 
_diffrn_detector.detector               CCD 
_diffrn_detector.type                   MARRESEARCH 
_diffrn_detector.pdbx_collection_date   1998-11-15 
_diffrn_detector.details                ? 
# 
_diffrn_radiation.diffrn_id                        1 
_diffrn_radiation.wavelength_id                    1 
_diffrn_radiation.pdbx_monochromatic_or_laue_m_l   M 
_diffrn_radiation.monochromator                    ? 
_diffrn_radiation.pdbx_diffrn_protocol             MAD 
_diffrn_radiation.pdbx_scattering_type             x-ray 
# 
loop_
_diffrn_radiation_wavelength.id 
_diffrn_radiation_wavelength.wavelength 
_diffrn_radiation_wavelength.wt 
1 0.88 1.0 
2 0.97 1.0 
# 
_diffrn_source.diffrn_id                   1 
_diffrn_source.source                      SYNCHROTRON 
_diffrn_source.type                        'ESRF BEAMLINE BM14' 
_diffrn_source.pdbx_synchrotron_site       ESRF 
_diffrn_source.pdbx_synchrotron_beamline   BM14 
_diffrn_source.pdbx_wavelength             ? 
_diffrn_source.pdbx_wavelength_list        '0.88, 0.97' 
# 
_reflns.pdbx_diffrn_id               1 
_reflns.pdbx_ordinal                 1 
_reflns.entry_id                     1QK8 
_reflns.observed_criterion_sigma_I   ? 
_reflns.observed_criterion_sigma_F   ? 
_reflns.d_resolution_low             19.000 
_reflns.d_resolution_high            1.400 
_reflns.number_obs                   49768 
_reflns.number_all                   ? 
_reflns.percent_possible_obs         94.5 
_reflns.pdbx_Rmerge_I_obs            0.02900 
_reflns.pdbx_Rsym_value              ? 
_reflns.pdbx_netI_over_sigmaI        145.1000 
_reflns.B_iso_Wilson_estimate        11.413 
_reflns.pdbx_redundancy              2.000 
# 
_reflns_shell.pdbx_diffrn_id         1 
_reflns_shell.pdbx_ordinal           1 
_reflns_shell.d_res_high             1.40 
_reflns_shell.d_res_low              1.43 
_reflns_shell.percent_possible_all   65.6 
_reflns_shell.Rmerge_I_obs           0.17000 
_reflns_shell.pdbx_Rsym_value        ? 
_reflns_shell.meanI_over_sigI_obs    103.100 
_reflns_shell.pdbx_redundancy        1.00 
# 
_refine.pdbx_refine_id                           'X-RAY DIFFRACTION' 
_refine.entry_id                                 1QK8 
_refine.pdbx_diffrn_id                           1 
_refine.pdbx_TLS_residual_ADP_flag               ? 
_refine.ls_number_reflns_obs                     27853 
_refine.ls_number_reflns_all                     ? 
_refine.pdbx_ls_sigma_I                          ? 
_refine.pdbx_ls_sigma_F                          0.0 
_refine.pdbx_data_cutoff_high_absF               ? 
_refine.pdbx_data_cutoff_low_absF                ? 
_refine.pdbx_data_cutoff_high_rms_absF           ? 
_refine.ls_d_res_low                             40 
_refine.ls_d_res_high                            1.4 
_refine.ls_percent_reflns_obs                    97.78 
_refine.ls_R_factor_obs                          ? 
_refine.ls_R_factor_all                          ? 
_refine.ls_R_factor_R_work                       0.191 
_refine.ls_R_factor_R_free                       0.223 
_refine.ls_R_factor_R_free_error                 ? 
_refine.ls_R_factor_R_free_error_details         ? 
_refine.ls_percent_reflns_R_free                 5.0 
_refine.ls_number_reflns_R_free                  1379 
_refine.ls_number_parameters                     ? 
_refine.ls_number_restraints                     ? 
_refine.occupancy_min                            ? 
_refine.occupancy_max                            ? 
_refine.correlation_coeff_Fo_to_Fc               ? 
_refine.correlation_coeff_Fo_to_Fc_free          ? 
_refine.B_iso_mean                               15.13 
_refine.aniso_B[1][1]                            ? 
_refine.aniso_B[2][2]                            ? 
_refine.aniso_B[3][3]                            ? 
_refine.aniso_B[1][2]                            ? 
_refine.aniso_B[1][3]                            ? 
_refine.aniso_B[2][3]                            ? 
_refine.solvent_model_details                    ? 
_refine.solvent_model_param_ksol                 ? 
_refine.solvent_model_param_bsol                 ? 
_refine.pdbx_solvent_vdw_probe_radii             ? 
_refine.pdbx_solvent_ion_probe_radii             ? 
_refine.pdbx_solvent_shrinkage_radii             ? 
_refine.pdbx_ls_cross_valid_method               THROUGHOUT 
_refine.details                                  
;RESIDUES GLU A 12, LYS A 13, ASP A 18, GLU A 20, GLU A 22, GLU A 59, GLU A 73, GLU A 74, ASP A 75,GLN A 93, ASN A 105, ARG A 128, AND GLN A 139 WERE SEEN TO HAVE DUAL CONFORMATIONS WHICH ARE DISCUSSED IN THE PAPER BY M.S.ALPHEY ET AL. THE C-TERMINAL RESIDUE WAS NOT SEEN IN THE DENSITY MAPS, THE FIRST TWO N-TERMINAL RESIDUES WERE NOT SEEN IN THE ELECTRON DENSITY MAPS
;
_refine.pdbx_starting_model                      ? 
_refine.pdbx_method_to_determine_struct          MAD 
_refine.pdbx_isotropic_thermal_model             ? 
_refine.pdbx_stereochemistry_target_values       ? 
_refine.pdbx_stereochem_target_val_spec_case     ? 
_refine.pdbx_R_Free_selection_details            RANDOM 
_refine.pdbx_overall_ESU_R                       0.0724 
_refine.pdbx_overall_ESU_R_Free                  0.0742 
_refine.overall_SU_ML                            0.0467 
_refine.pdbx_overall_phase_error                 ? 
_refine.overall_SU_B                             1.147 
_refine.overall_SU_R_Cruickshank_DPI             ? 
_refine.pdbx_overall_SU_R_free_Cruickshank_DPI   ? 
_refine.pdbx_overall_SU_R_Blow_DPI               ? 
_refine.pdbx_overall_SU_R_free_Blow_DPI          ? 
# 
_refine_hist.pdbx_refine_id                   'X-RAY DIFFRACTION' 
_refine_hist.cycle_id                         LAST 
_refine_hist.pdbx_number_atoms_protein        1144 
_refine_hist.pdbx_number_atoms_nucleic_acid   0 
_refine_hist.pdbx_number_atoms_ligand         0 
_refine_hist.number_atoms_solvent             237 
_refine_hist.number_atoms_total               1381 
_refine_hist.d_res_high                       1.4 
_refine_hist.d_res_low                        40 
# 
loop_
_refine_ls_restr.type 
_refine_ls_restr.dev_ideal 
_refine_ls_restr.dev_ideal_target 
_refine_ls_restr.weight 
_refine_ls_restr.number 
_refine_ls_restr.pdbx_refine_id 
_refine_ls_restr.pdbx_restraint_function 
p_bond_d            0.014 0.020 ? ? 'X-RAY DIFFRACTION' ? 
p_angle_d           0.030 0.040 ? ? 'X-RAY DIFFRACTION' ? 
p_angle_deg         ?     ?     ? ? 'X-RAY DIFFRACTION' ? 
p_planar_d          0.120 0.050 ? ? 'X-RAY DIFFRACTION' ? 
p_hb_or_metal_coord ?     ?     ? ? 'X-RAY DIFFRACTION' ? 
p_mcbond_it         1.245 2.000 ? ? 'X-RAY DIFFRACTION' ? 
p_mcangle_it        1.821 3.000 ? ? 'X-RAY DIFFRACTION' ? 
p_scbond_it         1.766 2.000 ? ? 'X-RAY DIFFRACTION' ? 
p_scangle_it        2.504 3.000 ? ? 'X-RAY DIFFRACTION' ? 
p_plane_restr       ?     ?     ? ? 'X-RAY DIFFRACTION' ? 
p_chiral_restr      0.122 0.150 ? ? 'X-RAY DIFFRACTION' ? 
p_singtor_nbd       0.174 0.3   ? ? 'X-RAY DIFFRACTION' ? 
p_multtor_nbd       0.242 0.3   ? ? 'X-RAY DIFFRACTION' ? 
p_xhyhbond_nbd      ?     ?     ? ? 'X-RAY DIFFRACTION' ? 
p_xyhbond_nbd       0.162 0.3   ? ? 'X-RAY DIFFRACTION' ? 
p_planar_tor        17.9  7.0   ? ? 'X-RAY DIFFRACTION' ? 
p_staggered_tor     13.4  15.0  ? ? 'X-RAY DIFFRACTION' ? 
p_orthonormal_tor   ?     ?     ? ? 'X-RAY DIFFRACTION' ? 
p_transverse_tor    26.6  20.0  ? ? 'X-RAY DIFFRACTION' ? 
p_special_tor       0     15.0  ? ? 'X-RAY DIFFRACTION' ? 
# 
_struct.entry_id                  1QK8 
_struct.title                     'TRYPAREDOXIN-I FROM CRITHIDIA FASCICULATA' 
_struct.pdbx_model_details        ? 
_struct.pdbx_CASP_flag            ? 
_struct.pdbx_model_type_details   ? 
# 
_struct_keywords.entry_id        1QK8 
_struct_keywords.pdbx_keywords   TRYPAREDOXIN 
_struct_keywords.text            
'TRYPAREDOXIN, CRITHIDIA FASCICULATA, THIOREDOXIN, TRYPANOSOME, ANOMALOUS DISPERSION, OXIDATIVE STRESS, OXIDOREDUCTASE' 
# 
loop_
_struct_asym.id 
_struct_asym.pdbx_blank_PDB_chainid_flag 
_struct_asym.pdbx_modified 
_struct_asym.entity_id 
_struct_asym.details 
A N N 1 ? 
B N N 2 ? 
# 
_struct_ref.id                         1 
_struct_ref.db_name                    EMBL 
_struct_ref.db_code                    AF055913 
_struct_ref.entity_id                  1 
_struct_ref.pdbx_seq_one_letter_code   ? 
_struct_ref.pdbx_align_begin           ? 
_struct_ref.pdbx_db_accession          AF055913 
_struct_ref.pdbx_db_isoform            ? 
# 
_struct_ref_seq.align_id                      1 
_struct_ref_seq.ref_id                        1 
_struct_ref_seq.pdbx_PDB_id_code              1QK8 
_struct_ref_seq.pdbx_strand_id                A 
_struct_ref_seq.seq_align_beg                 1 
_struct_ref_seq.pdbx_seq_align_beg_ins_code   ? 
_struct_ref_seq.seq_align_end                 146 
_struct_ref_seq.pdbx_seq_align_end_ins_code   ? 
_struct_ref_seq.pdbx_db_accession             AF055913 
_struct_ref_seq.db_align_beg                  1 
_struct_ref_seq.pdbx_db_align_beg_ins_code    ? 
_struct_ref_seq.db_align_end                  146 
_struct_ref_seq.pdbx_db_align_end_ins_code    ? 
_struct_ref_seq.pdbx_auth_seq_align_beg       1 
_struct_ref_seq.pdbx_auth_seq_align_end       146 
# 
_pdbx_struct_assembly.id                   1 
_pdbx_struct_assembly.details              software_defined_assembly 
_pdbx_struct_assembly.method_details       PQS 
_pdbx_struct_assembly.oligomeric_details   monomeric 
_pdbx_struct_assembly.oligomeric_count     1 
# 
_pdbx_struct_assembly_gen.assembly_id       1 
_pdbx_struct_assembly_gen.oper_expression   1 
_pdbx_struct_assembly_gen.asym_id_list      A,B 
# 
_pdbx_struct_oper_list.id                   1 
_pdbx_struct_oper_list.type                 'identity operation' 
_pdbx_struct_oper_list.name                 1_555 
_pdbx_struct_oper_list.symmetry_operation   x,y,z 
_pdbx_struct_oper_list.matrix[1][1]         1.0000000000 
_pdbx_struct_oper_list.matrix[1][2]         0.0000000000 
_pdbx_struct_oper_list.matrix[1][3]         0.0000000000 
_pdbx_struct_oper_list.vector[1]            0.0000000000 
_pdbx_struct_oper_list.matrix[2][1]         0.0000000000 
_pdbx_struct_oper_list.matrix[2][2]         1.0000000000 
_pdbx_struct_oper_list.matrix[2][3]         0.0000000000 
_pdbx_struct_oper_list.vector[2]            0.0000000000 
_pdbx_struct_oper_list.matrix[3][1]         0.0000000000 
_pdbx_struct_oper_list.matrix[3][2]         0.0000000000 
_pdbx_struct_oper_list.matrix[3][3]         1.0000000000 
_pdbx_struct_oper_list.vector[3]            0.0000000000 
# 
_struct_biol.id   1 
# 
loop_
_struct_conf.conf_type_id 
_struct_conf.id 
_struct_conf.pdbx_PDB_helix_id 
_struct_conf.beg_label_comp_id 
_struct_conf.beg_label_asym_id 
_struct_conf.beg_label_seq_id 
_struct_conf.pdbx_beg_PDB_ins_code 
_struct_conf.end_label_comp_id 
_struct_conf.end_label_asym_id 
_struct_conf.end_label_seq_id 
_struct_conf.pdbx_end_PDB_ins_code 
_struct_conf.beg_auth_comp_id 
_struct_conf.beg_auth_asym_id 
_struct_conf.beg_auth_seq_id 
_struct_conf.end_auth_comp_id 
_struct_conf.end_auth_asym_id 
_struct_conf.end_auth_seq_id 
_struct_conf.pdbx_PDB_helix_class 
_struct_conf.details 
_struct_conf.pdbx_PDB_helix_length 
HELX_P HELX_P1 1 LYS A 24  ? ALA A 27  ? LYS A 24  ALA A 27  5 ? 4  
HELX_P HELX_P2 2 CYS A 40  ? HIS A 58  ? CYS A 40  HIS A 58  1 ? 19 
HELX_P HELX_P3 3 GLU A 73  ? ASP A 75  ? GLU A 73  ASP A 75  5 ? 3  
HELX_P HELX_P4 4 GLY A 76  ? LYS A 83  ? GLY A 76  LYS A 83  1 ? 8  
HELX_P HELX_P5 5 PRO A 90  ? ALA A 92  ? PRO A 90  ALA A 92  5 ? 3  
HELX_P HELX_P6 6 GLN A 93  ? PHE A 104 ? GLN A 93  PHE A 104 1 ? 12 
HELX_P HELX_P7 7 ARG A 126 ? ASP A 134 ? ARG A 126 ASP A 134 1 ? 9  
# 
_struct_conf_type.id          HELX_P 
_struct_conf_type.criteria    ? 
_struct_conf_type.reference   ? 
# 
_struct_conn.id                            disulf1 
_struct_conn.conn_type_id                  disulf 
_struct_conn.pdbx_leaving_atom_flag        ? 
_struct_conn.pdbx_PDB_id                   ? 
_struct_conn.ptnr1_label_asym_id           A 
_struct_conn.ptnr1_label_comp_id           CYS 
_struct_conn.ptnr1_label_seq_id            40 
_struct_conn.ptnr1_label_atom_id           SG 
_struct_conn.pdbx_ptnr1_label_alt_id       ? 
_struct_conn.pdbx_ptnr1_PDB_ins_code       ? 
_struct_conn.pdbx_ptnr1_standard_comp_id   ? 
_struct_conn.ptnr1_symmetry                1_555 
_struct_conn.ptnr2_label_asym_id           A 
_struct_conn.ptnr2_label_comp_id           CYS 
_struct_conn.ptnr2_label_seq_id            43 
_struct_conn.ptnr2_label_atom_id           SG 
_struct_conn.pdbx_ptnr2_label_alt_id       ? 
_struct_conn.pdbx_ptnr2_PDB_ins_code       ? 
_struct_conn.ptnr1_auth_asym_id            A 
_struct_conn.ptnr1_auth_comp_id            CYS 
_struct_conn.ptnr1_auth_seq_id             40 
_struct_conn.ptnr2_auth_asym_id            A 
_struct_conn.ptnr2_auth_comp_id            CYS 
_struct_conn.ptnr2_auth_seq_id             43 
_struct_conn.ptnr2_symmetry                1_555 
_struct_conn.pdbx_ptnr3_label_atom_id      ? 
_struct_conn.pdbx_ptnr3_label_seq_id       ? 
_struct_conn.pdbx_ptnr3_label_comp_id      ? 
_struct_conn.pdbx_ptnr3_label_asym_id      ? 
_struct_conn.pdbx_ptnr3_label_alt_id       ? 
_struct_conn.pdbx_ptnr3_PDB_ins_code       ? 
_struct_conn.details                       ? 
_struct_conn.pdbx_dist_value               2.087 
_struct_conn.pdbx_value_order              ? 
_struct_conn.pdbx_role                     ? 
# 
_struct_conn_type.id          disulf 
_struct_conn_type.criteria    ? 
_struct_conn_type.reference   ? 
# 
_pdbx_modification_feature.ordinal                            1 
_pdbx_modification_feature.label_comp_id                      CYS 
_pdbx_modification_feature.label_asym_id                      A 
_pdbx_modification_feature.label_seq_id                       40 
_pdbx_modification_feature.label_alt_id                       ? 
_pdbx_modification_feature.modified_residue_label_comp_id     CYS 
_pdbx_modification_feature.modified_residue_label_asym_id     A 
_pdbx_modification_feature.modified_residue_label_seq_id      43 
_pdbx_modification_feature.modified_residue_label_alt_id      ? 
_pdbx_modification_feature.auth_comp_id                       CYS 
_pdbx_modification_feature.auth_asym_id                       A 
_pdbx_modification_feature.auth_seq_id                        40 
_pdbx_modification_feature.PDB_ins_code                       ? 
_pdbx_modification_feature.symmetry                           1_555 
_pdbx_modification_feature.modified_residue_auth_comp_id      CYS 
_pdbx_modification_feature.modified_residue_auth_asym_id      A 
_pdbx_modification_feature.modified_residue_auth_seq_id       43 
_pdbx_modification_feature.modified_residue_PDB_ins_code      ? 
_pdbx_modification_feature.modified_residue_symmetry          1_555 
_pdbx_modification_feature.comp_id_linking_atom               SG 
_pdbx_modification_feature.modified_residue_id_linking_atom   SG 
_pdbx_modification_feature.modified_residue_id                . 
_pdbx_modification_feature.ref_pcm_id                         . 
_pdbx_modification_feature.ref_comp_id                        . 
_pdbx_modification_feature.type                               None 
_pdbx_modification_feature.category                           'Disulfide bridge' 
# 
_struct_mon_prot_cis.pdbx_id                1 
_struct_mon_prot_cis.label_comp_id          ILE 
_struct_mon_prot_cis.label_seq_id           109 
_struct_mon_prot_cis.label_asym_id          A 
_struct_mon_prot_cis.label_alt_id           . 
_struct_mon_prot_cis.pdbx_PDB_ins_code      ? 
_struct_mon_prot_cis.auth_comp_id           ILE 
_struct_mon_prot_cis.auth_seq_id            109 
_struct_mon_prot_cis.auth_asym_id           A 
_struct_mon_prot_cis.pdbx_label_comp_id_2   PRO 
_struct_mon_prot_cis.pdbx_label_seq_id_2    110 
_struct_mon_prot_cis.pdbx_label_asym_id_2   A 
_struct_mon_prot_cis.pdbx_PDB_ins_code_2    ? 
_struct_mon_prot_cis.pdbx_auth_comp_id_2    PRO 
_struct_mon_prot_cis.pdbx_auth_seq_id_2     110 
_struct_mon_prot_cis.pdbx_auth_asym_id_2    A 
_struct_mon_prot_cis.pdbx_PDB_model_num     1 
_struct_mon_prot_cis.pdbx_omega_angle       29.43 
# 
loop_
_struct_sheet.id 
_struct_sheet.type 
_struct_sheet.number_strands 
_struct_sheet.details 
A ? 2 ? 
B ? 3 ? 
# 
loop_
_struct_sheet_order.sheet_id 
_struct_sheet_order.range_id_1 
_struct_sheet_order.range_id_2 
_struct_sheet_order.offset 
_struct_sheet_order.sense 
A 1 2 ? anti-parallel 
B 1 2 ? parallel      
B 2 3 ? anti-parallel 
# 
loop_
_struct_sheet_range.sheet_id 
_struct_sheet_range.id 
_struct_sheet_range.beg_label_comp_id 
_struct_sheet_range.beg_label_asym_id 
_struct_sheet_range.beg_label_seq_id 
_struct_sheet_range.pdbx_beg_PDB_ins_code 
_struct_sheet_range.end_label_comp_id 
_struct_sheet_range.end_label_asym_id 
_struct_sheet_range.end_label_seq_id 
_struct_sheet_range.pdbx_end_PDB_ins_code 
_struct_sheet_range.beg_auth_comp_id 
_struct_sheet_range.beg_auth_asym_id 
_struct_sheet_range.beg_auth_seq_id 
_struct_sheet_range.end_auth_comp_id 
_struct_sheet_range.end_auth_asym_id 
_struct_sheet_range.end_auth_seq_id 
A 1 LYS A 13  ? ARG A 16  ? LYS A 13  ARG A 16  
A 2 GLY A 19  ? GLU A 22  ? GLY A 19  GLU A 22  
B 1 PHE A 63  ? THR A 69  ? PHE A 63  THR A 69  
B 2 LEU A 30  ? SER A 36  ? LEU A 30  SER A 36  
B 3 THR A 111 ? ASP A 116 ? THR A 111 ASP A 116 
# 
loop_
_pdbx_struct_sheet_hbond.sheet_id 
_pdbx_struct_sheet_hbond.range_id_1 
_pdbx_struct_sheet_hbond.range_id_2 
_pdbx_struct_sheet_hbond.range_1_label_atom_id 
_pdbx_struct_sheet_hbond.range_1_label_comp_id 
_pdbx_struct_sheet_hbond.range_1_label_asym_id 
_pdbx_struct_sheet_hbond.range_1_label_seq_id 
_pdbx_struct_sheet_hbond.range_1_PDB_ins_code 
_pdbx_struct_sheet_hbond.range_1_auth_atom_id 
_pdbx_struct_sheet_hbond.range_1_auth_comp_id 
_pdbx_struct_sheet_hbond.range_1_auth_asym_id 
_pdbx_struct_sheet_hbond.range_1_auth_seq_id 
_pdbx_struct_sheet_hbond.range_2_label_atom_id 
_pdbx_struct_sheet_hbond.range_2_label_comp_id 
_pdbx_struct_sheet_hbond.range_2_label_asym_id 
_pdbx_struct_sheet_hbond.range_2_label_seq_id 
_pdbx_struct_sheet_hbond.range_2_PDB_ins_code 
_pdbx_struct_sheet_hbond.range_2_auth_atom_id 
_pdbx_struct_sheet_hbond.range_2_auth_comp_id 
_pdbx_struct_sheet_hbond.range_2_auth_asym_id 
_pdbx_struct_sheet_hbond.range_2_auth_seq_id 
A 1 2 O LEU A 14 ? O LEU A 14 N VAL A 21  ? N VAL A 21  
B 1 2 O GLU A 64 ? O GLU A 64 N LEU A 30  ? N LEU A 30  
B 2 3 O VAL A 31 ? O VAL A 31 N VAL A 115 ? N VAL A 115 
# 
_pdbx_entry_details.entry_id                   1QK8 
_pdbx_entry_details.compound_details           ? 
_pdbx_entry_details.source_details             ? 
_pdbx_entry_details.nonpolymer_details         ? 
_pdbx_entry_details.sequence_details           ? 
_pdbx_entry_details.has_ligand_of_interest     ? 
_pdbx_entry_details.has_protein_modification   Y 
# 
_pdbx_validate_symm_contact.id                1 
_pdbx_validate_symm_contact.PDB_model_num     1 
_pdbx_validate_symm_contact.auth_atom_id_1    O 
_pdbx_validate_symm_contact.auth_asym_id_1    A 
_pdbx_validate_symm_contact.auth_comp_id_1    HOH 
_pdbx_validate_symm_contact.auth_seq_id_1     2013 
_pdbx_validate_symm_contact.PDB_ins_code_1    ? 
_pdbx_validate_symm_contact.label_alt_id_1    ? 
_pdbx_validate_symm_contact.site_symmetry_1   1_555 
_pdbx_validate_symm_contact.auth_atom_id_2    O 
_pdbx_validate_symm_contact.auth_asym_id_2    A 
_pdbx_validate_symm_contact.auth_comp_id_2    HOH 
_pdbx_validate_symm_contact.auth_seq_id_2     2150 
_pdbx_validate_symm_contact.PDB_ins_code_2    ? 
_pdbx_validate_symm_contact.label_alt_id_2    ? 
_pdbx_validate_symm_contact.site_symmetry_2   4_445 
_pdbx_validate_symm_contact.dist              2.00 
# 
loop_
_pdbx_validate_rmsd_angle.id 
_pdbx_validate_rmsd_angle.PDB_model_num 
_pdbx_validate_rmsd_angle.auth_atom_id_1 
_pdbx_validate_rmsd_angle.auth_asym_id_1 
_pdbx_validate_rmsd_angle.auth_comp_id_1 
_pdbx_validate_rmsd_angle.auth_seq_id_1 
_pdbx_validate_rmsd_angle.PDB_ins_code_1 
_pdbx_validate_rmsd_angle.label_alt_id_1 
_pdbx_validate_rmsd_angle.auth_atom_id_2 
_pdbx_validate_rmsd_angle.auth_asym_id_2 
_pdbx_validate_rmsd_angle.auth_comp_id_2 
_pdbx_validate_rmsd_angle.auth_seq_id_2 
_pdbx_validate_rmsd_angle.PDB_ins_code_2 
_pdbx_validate_rmsd_angle.label_alt_id_2 
_pdbx_validate_rmsd_angle.auth_atom_id_3 
_pdbx_validate_rmsd_angle.auth_asym_id_3 
_pdbx_validate_rmsd_angle.auth_comp_id_3 
_pdbx_validate_rmsd_angle.auth_seq_id_3 
_pdbx_validate_rmsd_angle.PDB_ins_code_3 
_pdbx_validate_rmsd_angle.label_alt_id_3 
_pdbx_validate_rmsd_angle.angle_value 
_pdbx_validate_rmsd_angle.angle_target_value 
_pdbx_validate_rmsd_angle.angle_deviation 
_pdbx_validate_rmsd_angle.angle_standard_deviation 
_pdbx_validate_rmsd_angle.linker_flag 
1 1 CB A PHE 53  ? ? CG A PHE 53  ? ? CD1 A PHE 53  ? ? 115.88 120.80 -4.92 0.70 N 
2 1 CB A TYR 80  ? ? CG A TYR 80  ? ? CD1 A TYR 80  ? ? 125.03 121.00 4.03  0.60 N 
3 1 CB A ASP 121 ? ? CG A ASP 121 ? ? OD2 A ASP 121 ? ? 110.46 118.30 -7.84 0.90 N 
4 1 CD A ARG 126 ? ? NE A ARG 126 ? ? CZ  A ARG 126 ? ? 138.37 123.60 14.77 1.40 N 
5 1 CD A ARG 128 ? ? NE A ARG 128 ? ? CZ  A ARG 128 ? ? 115.12 123.60 -8.48 1.40 N 
6 1 CA A PRO 141 ? ? N  A PRO 141 ? ? CD  A PRO 141 ? ? 102.91 111.50 -8.59 1.40 N 
# 
loop_
_pdbx_validate_torsion.id 
_pdbx_validate_torsion.PDB_model_num 
_pdbx_validate_torsion.auth_comp_id 
_pdbx_validate_torsion.auth_asym_id 
_pdbx_validate_torsion.auth_seq_id 
_pdbx_validate_torsion.PDB_ins_code 
_pdbx_validate_torsion.label_alt_id 
_pdbx_validate_torsion.phi 
_pdbx_validate_torsion.psi 
1 1 TRP A 86  ? ? -105.26 -148.88 
2 1 ASP A 134 ? ? -151.53 67.20   
# 
_pdbx_validate_peptide_omega.id               1 
_pdbx_validate_peptide_omega.PDB_model_num    1 
_pdbx_validate_peptide_omega.auth_comp_id_1   PHE 
_pdbx_validate_peptide_omega.auth_asym_id_1   A 
_pdbx_validate_peptide_omega.auth_seq_id_1    140 
_pdbx_validate_peptide_omega.PDB_ins_code_1   ? 
_pdbx_validate_peptide_omega.label_alt_id_1   ? 
_pdbx_validate_peptide_omega.auth_comp_id_2   PRO 
_pdbx_validate_peptide_omega.auth_asym_id_2   A 
_pdbx_validate_peptide_omega.auth_seq_id_2    141 
_pdbx_validate_peptide_omega.PDB_ins_code_2   ? 
_pdbx_validate_peptide_omega.label_alt_id_2   ? 
_pdbx_validate_peptide_omega.omega            32.32 
# 
loop_
_pdbx_validate_main_chain_plane.id 
_pdbx_validate_main_chain_plane.PDB_model_num 
_pdbx_validate_main_chain_plane.auth_comp_id 
_pdbx_validate_main_chain_plane.auth_asym_id 
_pdbx_validate_main_chain_plane.auth_seq_id 
_pdbx_validate_main_chain_plane.PDB_ins_code 
_pdbx_validate_main_chain_plane.label_alt_id 
_pdbx_validate_main_chain_plane.improper_torsion_angle 
1 1 ILE A 109 ? ? 15.53 
2 1 PHE A 140 ? ? 13.03 
# 
loop_
_pdbx_database_remark.id 
_pdbx_database_remark.text 
650 
;
HELIX
DETERMINATION METHOD: DSSP
;
700 
;
SHEET
DETERMINATION METHOD: DSSP
;
# 
loop_
_pdbx_unobs_or_zero_occ_residues.id 
_pdbx_unobs_or_zero_occ_residues.PDB_model_num 
_pdbx_unobs_or_zero_occ_residues.polymer_flag 
_pdbx_unobs_or_zero_occ_residues.occupancy_flag 
_pdbx_unobs_or_zero_occ_residues.auth_asym_id 
_pdbx_unobs_or_zero_occ_residues.auth_comp_id 
_pdbx_unobs_or_zero_occ_residues.auth_seq_id 
_pdbx_unobs_or_zero_occ_residues.PDB_ins_code 
_pdbx_unobs_or_zero_occ_residues.label_asym_id 
_pdbx_unobs_or_zero_occ_residues.label_comp_id 
_pdbx_unobs_or_zero_occ_residues.label_seq_id 
1 1 Y 1 A MET 1   ? A MET 1   
2 1 Y 1 A SER 2   ? A SER 2   
3 1 Y 1 A PRO 146 ? A PRO 146 
# 
loop_
_chem_comp_atom.comp_id 
_chem_comp_atom.atom_id 
_chem_comp_atom.type_symbol 
_chem_comp_atom.pdbx_aromatic_flag 
_chem_comp_atom.pdbx_stereo_config 
_chem_comp_atom.pdbx_ordinal 
ALA N    N N N 1   
ALA CA   C N S 2   
ALA C    C N N 3   
ALA O    O N N 4   
ALA CB   C N N 5   
ALA OXT  O N N 6   
ALA H    H N N 7   
ALA H2   H N N 8   
ALA HA   H N N 9   
ALA HB1  H N N 10  
ALA HB2  H N N 11  
ALA HB3  H N N 12  
ALA HXT  H N N 13  
ARG N    N N N 14  
ARG CA   C N S 15  
ARG C    C N N 16  
ARG O    O N N 17  
ARG CB   C N N 18  
ARG CG   C N N 19  
ARG CD   C N N 20  
ARG NE   N N N 21  
ARG CZ   C N N 22  
ARG NH1  N N N 23  
ARG NH2  N N N 24  
ARG OXT  O N N 25  
ARG H    H N N 26  
ARG H2   H N N 27  
ARG HA   H N N 28  
ARG HB2  H N N 29  
ARG HB3  H N N 30  
ARG HG2  H N N 31  
ARG HG3  H N N 32  
ARG HD2  H N N 33  
ARG HD3  H N N 34  
ARG HE   H N N 35  
ARG HH11 H N N 36  
ARG HH12 H N N 37  
ARG HH21 H N N 38  
ARG HH22 H N N 39  
ARG HXT  H N N 40  
ASN N    N N N 41  
ASN CA   C N S 42  
ASN C    C N N 43  
ASN O    O N N 44  
ASN CB   C N N 45  
ASN CG   C N N 46  
ASN OD1  O N N 47  
ASN ND2  N N N 48  
ASN OXT  O N N 49  
ASN H    H N N 50  
ASN H2   H N N 51  
ASN HA   H N N 52  
ASN HB2  H N N 53  
ASN HB3  H N N 54  
ASN HD21 H N N 55  
ASN HD22 H N N 56  
ASN HXT  H N N 57  
ASP N    N N N 58  
ASP CA   C N S 59  
ASP C    C N N 60  
ASP O    O N N 61  
ASP CB   C N N 62  
ASP CG   C N N 63  
ASP OD1  O N N 64  
ASP OD2  O N N 65  
ASP OXT  O N N 66  
ASP H    H N N 67  
ASP H2   H N N 68  
ASP HA   H N N 69  
ASP HB2  H N N 70  
ASP HB3  H N N 71  
ASP HD2  H N N 72  
ASP HXT  H N N 73  
CYS N    N N N 74  
CYS CA   C N R 75  
CYS C    C N N 76  
CYS O    O N N 77  
CYS CB   C N N 78  
CYS SG   S N N 79  
CYS OXT  O N N 80  
CYS H    H N N 81  
CYS H2   H N N 82  
CYS HA   H N N 83  
CYS HB2  H N N 84  
CYS HB3  H N N 85  
CYS HG   H N N 86  
CYS HXT  H N N 87  
GLN N    N N N 88  
GLN CA   C N S 89  
GLN C    C N N 90  
GLN O    O N N 91  
GLN CB   C N N 92  
GLN CG   C N N 93  
GLN CD   C N N 94  
GLN OE1  O N N 95  
GLN NE2  N N N 96  
GLN OXT  O N N 97  
GLN H    H N N 98  
GLN H2   H N N 99  
GLN HA   H N N 100 
GLN HB2  H N N 101 
GLN HB3  H N N 102 
GLN HG2  H N N 103 
GLN HG3  H N N 104 
GLN HE21 H N N 105 
GLN HE22 H N N 106 
GLN HXT  H N N 107 
GLU N    N N N 108 
GLU CA   C N S 109 
GLU C    C N N 110 
GLU O    O N N 111 
GLU CB   C N N 112 
GLU CG   C N N 113 
GLU CD   C N N 114 
GLU OE1  O N N 115 
GLU OE2  O N N 116 
GLU OXT  O N N 117 
GLU H    H N N 118 
GLU H2   H N N 119 
GLU HA   H N N 120 
GLU HB2  H N N 121 
GLU HB3  H N N 122 
GLU HG2  H N N 123 
GLU HG3  H N N 124 
GLU HE2  H N N 125 
GLU HXT  H N N 126 
GLY N    N N N 127 
GLY CA   C N N 128 
GLY C    C N N 129 
GLY O    O N N 130 
GLY OXT  O N N 131 
GLY H    H N N 132 
GLY H2   H N N 133 
GLY HA2  H N N 134 
GLY HA3  H N N 135 
GLY HXT  H N N 136 
HIS N    N N N 137 
HIS CA   C N S 138 
HIS C    C N N 139 
HIS O    O N N 140 
HIS CB   C N N 141 
HIS CG   C Y N 142 
HIS ND1  N Y N 143 
HIS CD2  C Y N 144 
HIS CE1  C Y N 145 
HIS NE2  N Y N 146 
HIS OXT  O N N 147 
HIS H    H N N 148 
HIS H2   H N N 149 
HIS HA   H N N 150 
HIS HB2  H N N 151 
HIS HB3  H N N 152 
HIS HD1  H N N 153 
HIS HD2  H N N 154 
HIS HE1  H N N 155 
HIS HE2  H N N 156 
HIS HXT  H N N 157 
HOH O    O N N 158 
HOH H1   H N N 159 
HOH H2   H N N 160 
ILE N    N N N 161 
ILE CA   C N S 162 
ILE C    C N N 163 
ILE O    O N N 164 
ILE CB   C N S 165 
ILE CG1  C N N 166 
ILE CG2  C N N 167 
ILE CD1  C N N 168 
ILE OXT  O N N 169 
ILE H    H N N 170 
ILE H2   H N N 171 
ILE HA   H N N 172 
ILE HB   H N N 173 
ILE HG12 H N N 174 
ILE HG13 H N N 175 
ILE HG21 H N N 176 
ILE HG22 H N N 177 
ILE HG23 H N N 178 
ILE HD11 H N N 179 
ILE HD12 H N N 180 
ILE HD13 H N N 181 
ILE HXT  H N N 182 
LEU N    N N N 183 
LEU CA   C N S 184 
LEU C    C N N 185 
LEU O    O N N 186 
LEU CB   C N N 187 
LEU CG   C N N 188 
LEU CD1  C N N 189 
LEU CD2  C N N 190 
LEU OXT  O N N 191 
LEU H    H N N 192 
LEU H2   H N N 193 
LEU HA   H N N 194 
LEU HB2  H N N 195 
LEU HB3  H N N 196 
LEU HG   H N N 197 
LEU HD11 H N N 198 
LEU HD12 H N N 199 
LEU HD13 H N N 200 
LEU HD21 H N N 201 
LEU HD22 H N N 202 
LEU HD23 H N N 203 
LEU HXT  H N N 204 
LYS N    N N N 205 
LYS CA   C N S 206 
LYS C    C N N 207 
LYS O    O N N 208 
LYS CB   C N N 209 
LYS CG   C N N 210 
LYS CD   C N N 211 
LYS CE   C N N 212 
LYS NZ   N N N 213 
LYS OXT  O N N 214 
LYS H    H N N 215 
LYS H2   H N N 216 
LYS HA   H N N 217 
LYS HB2  H N N 218 
LYS HB3  H N N 219 
LYS HG2  H N N 220 
LYS HG3  H N N 221 
LYS HD2  H N N 222 
LYS HD3  H N N 223 
LYS HE2  H N N 224 
LYS HE3  H N N 225 
LYS HZ1  H N N 226 
LYS HZ2  H N N 227 
LYS HZ3  H N N 228 
LYS HXT  H N N 229 
MET N    N N N 230 
MET CA   C N S 231 
MET C    C N N 232 
MET O    O N N 233 
MET CB   C N N 234 
MET CG   C N N 235 
MET SD   S N N 236 
MET CE   C N N 237 
MET OXT  O N N 238 
MET H    H N N 239 
MET H2   H N N 240 
MET HA   H N N 241 
MET HB2  H N N 242 
MET HB3  H N N 243 
MET HG2  H N N 244 
MET HG3  H N N 245 
MET HE1  H N N 246 
MET HE2  H N N 247 
MET HE3  H N N 248 
MET HXT  H N N 249 
PHE N    N N N 250 
PHE CA   C N S 251 
PHE C    C N N 252 
PHE O    O N N 253 
PHE CB   C N N 254 
PHE CG   C Y N 255 
PHE CD1  C Y N 256 
PHE CD2  C Y N 257 
PHE CE1  C Y N 258 
PHE CE2  C Y N 259 
PHE CZ   C Y N 260 
PHE OXT  O N N 261 
PHE H    H N N 262 
PHE H2   H N N 263 
PHE HA   H N N 264 
PHE HB2  H N N 265 
PHE HB3  H N N 266 
PHE HD1  H N N 267 
PHE HD2  H N N 268 
PHE HE1  H N N 269 
PHE HE2  H N N 270 
PHE HZ   H N N 271 
PHE HXT  H N N 272 
PRO N    N N N 273 
PRO CA   C N S 274 
PRO C    C N N 275 
PRO O    O N N 276 
PRO CB   C N N 277 
PRO CG   C N N 278 
PRO CD   C N N 279 
PRO OXT  O N N 280 
PRO H    H N N 281 
PRO HA   H N N 282 
PRO HB2  H N N 283 
PRO HB3  H N N 284 
PRO HG2  H N N 285 
PRO HG3  H N N 286 
PRO HD2  H N N 287 
PRO HD3  H N N 288 
PRO HXT  H N N 289 
SER N    N N N 290 
SER CA   C N S 291 
SER C    C N N 292 
SER O    O N N 293 
SER CB   C N N 294 
SER OG   O N N 295 
SER OXT  O N N 296 
SER H    H N N 297 
SER H2   H N N 298 
SER HA   H N N 299 
SER HB2  H N N 300 
SER HB3  H N N 301 
SER HG   H N N 302 
SER HXT  H N N 303 
THR N    N N N 304 
THR CA   C N S 305 
THR C    C N N 306 
THR O    O N N 307 
THR CB   C N R 308 
THR OG1  O N N 309 
THR CG2  C N N 310 
THR OXT  O N N 311 
THR H    H N N 312 
THR H2   H N N 313 
THR HA   H N N 314 
THR HB   H N N 315 
THR HG1  H N N 316 
THR HG21 H N N 317 
THR HG22 H N N 318 
THR HG23 H N N 319 
THR HXT  H N N 320 
TRP N    N N N 321 
TRP CA   C N S 322 
TRP C    C N N 323 
TRP O    O N N 324 
TRP CB   C N N 325 
TRP CG   C Y N 326 
TRP CD1  C Y N 327 
TRP CD2  C Y N 328 
TRP NE1  N Y N 329 
TRP CE2  C Y N 330 
TRP CE3  C Y N 331 
TRP CZ2  C Y N 332 
TRP CZ3  C Y N 333 
TRP CH2  C Y N 334 
TRP OXT  O N N 335 
TRP H    H N N 336 
TRP H2   H N N 337 
TRP HA   H N N 338 
TRP HB2  H N N 339 
TRP HB3  H N N 340 
TRP HD1  H N N 341 
TRP HE1  H N N 342 
TRP HE3  H N N 343 
TRP HZ2  H N N 344 
TRP HZ3  H N N 345 
TRP HH2  H N N 346 
TRP HXT  H N N 347 
TYR N    N N N 348 
TYR CA   C N S 349 
TYR C    C N N 350 
TYR O    O N N 351 
TYR CB   C N N 352 
TYR CG   C Y N 353 
TYR CD1  C Y N 354 
TYR CD2  C Y N 355 
TYR CE1  C Y N 356 
TYR CE2  C Y N 357 
TYR CZ   C Y N 358 
TYR OH   O N N 359 
TYR OXT  O N N 360 
TYR H    H N N 361 
TYR H2   H N N 362 
TYR HA   H N N 363 
TYR HB2  H N N 364 
TYR HB3  H N N 365 
TYR HD1  H N N 366 
TYR HD2  H N N 367 
TYR HE1  H N N 368 
TYR HE2  H N N 369 
TYR HH   H N N 370 
TYR HXT  H N N 371 
VAL N    N N N 372 
VAL CA   C N S 373 
VAL C    C N N 374 
VAL O    O N N 375 
VAL CB   C N N 376 
VAL CG1  C N N 377 
VAL CG2  C N N 378 
VAL OXT  O N N 379 
VAL H    H N N 380 
VAL H2   H N N 381 
VAL HA   H N N 382 
VAL HB   H N N 383 
VAL HG11 H N N 384 
VAL HG12 H N N 385 
VAL HG13 H N N 386 
VAL HG21 H N N 387 
VAL HG22 H N N 388 
VAL HG23 H N N 389 
VAL HXT  H N N 390 
# 
loop_
_chem_comp_bond.comp_id 
_chem_comp_bond.atom_id_1 
_chem_comp_bond.atom_id_2 
_chem_comp_bond.value_order 
_chem_comp_bond.pdbx_aromatic_flag 
_chem_comp_bond.pdbx_stereo_config 
_chem_comp_bond.pdbx_ordinal 
ALA N   CA   sing N N 1   
ALA N   H    sing N N 2   
ALA N   H2   sing N N 3   
ALA CA  C    sing N N 4   
ALA CA  CB   sing N N 5   
ALA CA  HA   sing N N 6   
ALA C   O    doub N N 7   
ALA C   OXT  sing N N 8   
ALA CB  HB1  sing N N 9   
ALA CB  HB2  sing N N 10  
ALA CB  HB3  sing N N 11  
ALA OXT HXT  sing N N 12  
ARG N   CA   sing N N 13  
ARG N   H    sing N N 14  
ARG N   H2   sing N N 15  
ARG CA  C    sing N N 16  
ARG CA  CB   sing N N 17  
ARG CA  HA   sing N N 18  
ARG C   O    doub N N 19  
ARG C   OXT  sing N N 20  
ARG CB  CG   sing N N 21  
ARG CB  HB2  sing N N 22  
ARG CB  HB3  sing N N 23  
ARG CG  CD   sing N N 24  
ARG CG  HG2  sing N N 25  
ARG CG  HG3  sing N N 26  
ARG CD  NE   sing N N 27  
ARG CD  HD2  sing N N 28  
ARG CD  HD3  sing N N 29  
ARG NE  CZ   sing N N 30  
ARG NE  HE   sing N N 31  
ARG CZ  NH1  sing N N 32  
ARG CZ  NH2  doub N N 33  
ARG NH1 HH11 sing N N 34  
ARG NH1 HH12 sing N N 35  
ARG NH2 HH21 sing N N 36  
ARG NH2 HH22 sing N N 37  
ARG OXT HXT  sing N N 38  
ASN N   CA   sing N N 39  
ASN N   H    sing N N 40  
ASN N   H2   sing N N 41  
ASN CA  C    sing N N 42  
ASN CA  CB   sing N N 43  
ASN CA  HA   sing N N 44  
ASN C   O    doub N N 45  
ASN C   OXT  sing N N 46  
ASN CB  CG   sing N N 47  
ASN CB  HB2  sing N N 48  
ASN CB  HB3  sing N N 49  
ASN CG  OD1  doub N N 50  
ASN CG  ND2  sing N N 51  
ASN ND2 HD21 sing N N 52  
ASN ND2 HD22 sing N N 53  
ASN OXT HXT  sing N N 54  
ASP N   CA   sing N N 55  
ASP N   H    sing N N 56  
ASP N   H2   sing N N 57  
ASP CA  C    sing N N 58  
ASP CA  CB   sing N N 59  
ASP CA  HA   sing N N 60  
ASP C   O    doub N N 61  
ASP C   OXT  sing N N 62  
ASP CB  CG   sing N N 63  
ASP CB  HB2  sing N N 64  
ASP CB  HB3  sing N N 65  
ASP CG  OD1  doub N N 66  
ASP CG  OD2  sing N N 67  
ASP OD2 HD2  sing N N 68  
ASP OXT HXT  sing N N 69  
CYS N   CA   sing N N 70  
CYS N   H    sing N N 71  
CYS N   H2   sing N N 72  
CYS CA  C    sing N N 73  
CYS CA  CB   sing N N 74  
CYS CA  HA   sing N N 75  
CYS C   O    doub N N 76  
CYS C   OXT  sing N N 77  
CYS CB  SG   sing N N 78  
CYS CB  HB2  sing N N 79  
CYS CB  HB3  sing N N 80  
CYS SG  HG   sing N N 81  
CYS OXT HXT  sing N N 82  
GLN N   CA   sing N N 83  
GLN N   H    sing N N 84  
GLN N   H2   sing N N 85  
GLN CA  C    sing N N 86  
GLN CA  CB   sing N N 87  
GLN CA  HA   sing N N 88  
GLN C   O    doub N N 89  
GLN C   OXT  sing N N 90  
GLN CB  CG   sing N N 91  
GLN CB  HB2  sing N N 92  
GLN CB  HB3  sing N N 93  
GLN CG  CD   sing N N 94  
GLN CG  HG2  sing N N 95  
GLN CG  HG3  sing N N 96  
GLN CD  OE1  doub N N 97  
GLN CD  NE2  sing N N 98  
GLN NE2 HE21 sing N N 99  
GLN NE2 HE22 sing N N 100 
GLN OXT HXT  sing N N 101 
GLU N   CA   sing N N 102 
GLU N   H    sing N N 103 
GLU N   H2   sing N N 104 
GLU CA  C    sing N N 105 
GLU CA  CB   sing N N 106 
GLU CA  HA   sing N N 107 
GLU C   O    doub N N 108 
GLU C   OXT  sing N N 109 
GLU CB  CG   sing N N 110 
GLU CB  HB2  sing N N 111 
GLU CB  HB3  sing N N 112 
GLU CG  CD   sing N N 113 
GLU CG  HG2  sing N N 114 
GLU CG  HG3  sing N N 115 
GLU CD  OE1  doub N N 116 
GLU CD  OE2  sing N N 117 
GLU OE2 HE2  sing N N 118 
GLU OXT HXT  sing N N 119 
GLY N   CA   sing N N 120 
GLY N   H    sing N N 121 
GLY N   H2   sing N N 122 
GLY CA  C    sing N N 123 
GLY CA  HA2  sing N N 124 
GLY CA  HA3  sing N N 125 
GLY C   O    doub N N 126 
GLY C   OXT  sing N N 127 
GLY OXT HXT  sing N N 128 
HIS N   CA   sing N N 129 
HIS N   H    sing N N 130 
HIS N   H2   sing N N 131 
HIS CA  C    sing N N 132 
HIS CA  CB   sing N N 133 
HIS CA  HA   sing N N 134 
HIS C   O    doub N N 135 
HIS C   OXT  sing N N 136 
HIS CB  CG   sing N N 137 
HIS CB  HB2  sing N N 138 
HIS CB  HB3  sing N N 139 
HIS CG  ND1  sing Y N 140 
HIS CG  CD2  doub Y N 141 
HIS ND1 CE1  doub Y N 142 
HIS ND1 HD1  sing N N 143 
HIS CD2 NE2  sing Y N 144 
HIS CD2 HD2  sing N N 145 
HIS CE1 NE2  sing Y N 146 
HIS CE1 HE1  sing N N 147 
HIS NE2 HE2  sing N N 148 
HIS OXT HXT  sing N N 149 
HOH O   H1   sing N N 150 
HOH O   H2   sing N N 151 
ILE N   CA   sing N N 152 
ILE N   H    sing N N 153 
ILE N   H2   sing N N 154 
ILE CA  C    sing N N 155 
ILE CA  CB   sing N N 156 
ILE CA  HA   sing N N 157 
ILE C   O    doub N N 158 
ILE C   OXT  sing N N 159 
ILE CB  CG1  sing N N 160 
ILE CB  CG2  sing N N 161 
ILE CB  HB   sing N N 162 
ILE CG1 CD1  sing N N 163 
ILE CG1 HG12 sing N N 164 
ILE CG1 HG13 sing N N 165 
ILE CG2 HG21 sing N N 166 
ILE CG2 HG22 sing N N 167 
ILE CG2 HG23 sing N N 168 
ILE CD1 HD11 sing N N 169 
ILE CD1 HD12 sing N N 170 
ILE CD1 HD13 sing N N 171 
ILE OXT HXT  sing N N 172 
LEU N   CA   sing N N 173 
LEU N   H    sing N N 174 
LEU N   H2   sing N N 175 
LEU CA  C    sing N N 176 
LEU CA  CB   sing N N 177 
LEU CA  HA   sing N N 178 
LEU C   O    doub N N 179 
LEU C   OXT  sing N N 180 
LEU CB  CG   sing N N 181 
LEU CB  HB2  sing N N 182 
LEU CB  HB3  sing N N 183 
LEU CG  CD1  sing N N 184 
LEU CG  CD2  sing N N 185 
LEU CG  HG   sing N N 186 
LEU CD1 HD11 sing N N 187 
LEU CD1 HD12 sing N N 188 
LEU CD1 HD13 sing N N 189 
LEU CD2 HD21 sing N N 190 
LEU CD2 HD22 sing N N 191 
LEU CD2 HD23 sing N N 192 
LEU OXT HXT  sing N N 193 
LYS N   CA   sing N N 194 
LYS N   H    sing N N 195 
LYS N   H2   sing N N 196 
LYS CA  C    sing N N 197 
LYS CA  CB   sing N N 198 
LYS CA  HA   sing N N 199 
LYS C   O    doub N N 200 
LYS C   OXT  sing N N 201 
LYS CB  CG   sing N N 202 
LYS CB  HB2  sing N N 203 
LYS CB  HB3  sing N N 204 
LYS CG  CD   sing N N 205 
LYS CG  HG2  sing N N 206 
LYS CG  HG3  sing N N 207 
LYS CD  CE   sing N N 208 
LYS CD  HD2  sing N N 209 
LYS CD  HD3  sing N N 210 
LYS CE  NZ   sing N N 211 
LYS CE  HE2  sing N N 212 
LYS CE  HE3  sing N N 213 
LYS NZ  HZ1  sing N N 214 
LYS NZ  HZ2  sing N N 215 
LYS NZ  HZ3  sing N N 216 
LYS OXT HXT  sing N N 217 
MET N   CA   sing N N 218 
MET N   H    sing N N 219 
MET N   H2   sing N N 220 
MET CA  C    sing N N 221 
MET CA  CB   sing N N 222 
MET CA  HA   sing N N 223 
MET C   O    doub N N 224 
MET C   OXT  sing N N 225 
MET CB  CG   sing N N 226 
MET CB  HB2  sing N N 227 
MET CB  HB3  sing N N 228 
MET CG  SD   sing N N 229 
MET CG  HG2  sing N N 230 
MET CG  HG3  sing N N 231 
MET SD  CE   sing N N 232 
MET CE  HE1  sing N N 233 
MET CE  HE2  sing N N 234 
MET CE  HE3  sing N N 235 
MET OXT HXT  sing N N 236 
PHE N   CA   sing N N 237 
PHE N   H    sing N N 238 
PHE N   H2   sing N N 239 
PHE CA  C    sing N N 240 
PHE CA  CB   sing N N 241 
PHE CA  HA   sing N N 242 
PHE C   O    doub N N 243 
PHE C   OXT  sing N N 244 
PHE CB  CG   sing N N 245 
PHE CB  HB2  sing N N 246 
PHE CB  HB3  sing N N 247 
PHE CG  CD1  doub Y N 248 
PHE CG  CD2  sing Y N 249 
PHE CD1 CE1  sing Y N 250 
PHE CD1 HD1  sing N N 251 
PHE CD2 CE2  doub Y N 252 
PHE CD2 HD2  sing N N 253 
PHE CE1 CZ   doub Y N 254 
PHE CE1 HE1  sing N N 255 
PHE CE2 CZ   sing Y N 256 
PHE CE2 HE2  sing N N 257 
PHE CZ  HZ   sing N N 258 
PHE OXT HXT  sing N N 259 
PRO N   CA   sing N N 260 
PRO N   CD   sing N N 261 
PRO N   H    sing N N 262 
PRO CA  C    sing N N 263 
PRO CA  CB   sing N N 264 
PRO CA  HA   sing N N 265 
PRO C   O    doub N N 266 
PRO C   OXT  sing N N 267 
PRO CB  CG   sing N N 268 
PRO CB  HB2  sing N N 269 
PRO CB  HB3  sing N N 270 
PRO CG  CD   sing N N 271 
PRO CG  HG2  sing N N 272 
PRO CG  HG3  sing N N 273 
PRO CD  HD2  sing N N 274 
PRO CD  HD3  sing N N 275 
PRO OXT HXT  sing N N 276 
SER N   CA   sing N N 277 
SER N   H    sing N N 278 
SER N   H2   sing N N 279 
SER CA  C    sing N N 280 
SER CA  CB   sing N N 281 
SER CA  HA   sing N N 282 
SER C   O    doub N N 283 
SER C   OXT  sing N N 284 
SER CB  OG   sing N N 285 
SER CB  HB2  sing N N 286 
SER CB  HB3  sing N N 287 
SER OG  HG   sing N N 288 
SER OXT HXT  sing N N 289 
THR N   CA   sing N N 290 
THR N   H    sing N N 291 
THR N   H2   sing N N 292 
THR CA  C    sing N N 293 
THR CA  CB   sing N N 294 
THR CA  HA   sing N N 295 
THR C   O    doub N N 296 
THR C   OXT  sing N N 297 
THR CB  OG1  sing N N 298 
THR CB  CG2  sing N N 299 
THR CB  HB   sing N N 300 
THR OG1 HG1  sing N N 301 
THR CG2 HG21 sing N N 302 
THR CG2 HG22 sing N N 303 
THR CG2 HG23 sing N N 304 
THR OXT HXT  sing N N 305 
TRP N   CA   sing N N 306 
TRP N   H    sing N N 307 
TRP N   H2   sing N N 308 
TRP CA  C    sing N N 309 
TRP CA  CB   sing N N 310 
TRP CA  HA   sing N N 311 
TRP C   O    doub N N 312 
TRP C   OXT  sing N N 313 
TRP CB  CG   sing N N 314 
TRP CB  HB2  sing N N 315 
TRP CB  HB3  sing N N 316 
TRP CG  CD1  doub Y N 317 
TRP CG  CD2  sing Y N 318 
TRP CD1 NE1  sing Y N 319 
TRP CD1 HD1  sing N N 320 
TRP CD2 CE2  doub Y N 321 
TRP CD2 CE3  sing Y N 322 
TRP NE1 CE2  sing Y N 323 
TRP NE1 HE1  sing N N 324 
TRP CE2 CZ2  sing Y N 325 
TRP CE3 CZ3  doub Y N 326 
TRP CE3 HE3  sing N N 327 
TRP CZ2 CH2  doub Y N 328 
TRP CZ2 HZ2  sing N N 329 
TRP CZ3 CH2  sing Y N 330 
TRP CZ3 HZ3  sing N N 331 
TRP CH2 HH2  sing N N 332 
TRP OXT HXT  sing N N 333 
TYR N   CA   sing N N 334 
TYR N   H    sing N N 335 
TYR N   H2   sing N N 336 
TYR CA  C    sing N N 337 
TYR CA  CB   sing N N 338 
TYR CA  HA   sing N N 339 
TYR C   O    doub N N 340 
TYR C   OXT  sing N N 341 
TYR CB  CG   sing N N 342 
TYR CB  HB2  sing N N 343 
TYR CB  HB3  sing N N 344 
TYR CG  CD1  doub Y N 345 
TYR CG  CD2  sing Y N 346 
TYR CD1 CE1  sing Y N 347 
TYR CD1 HD1  sing N N 348 
TYR CD2 CE2  doub Y N 349 
TYR CD2 HD2  sing N N 350 
TYR CE1 CZ   doub Y N 351 
TYR CE1 HE1  sing N N 352 
TYR CE2 CZ   sing Y N 353 
TYR CE2 HE2  sing N N 354 
TYR CZ  OH   sing N N 355 
TYR OH  HH   sing N N 356 
TYR OXT HXT  sing N N 357 
VAL N   CA   sing N N 358 
VAL N   H    sing N N 359 
VAL N   H2   sing N N 360 
VAL CA  C    sing N N 361 
VAL CA  CB   sing N N 362 
VAL CA  HA   sing N N 363 
VAL C   O    doub N N 364 
VAL C   OXT  sing N N 365 
VAL CB  CG1  sing N N 366 
VAL CB  CG2  sing N N 367 
VAL CB  HB   sing N N 368 
VAL CG1 HG11 sing N N 369 
VAL CG1 HG12 sing N N 370 
VAL CG1 HG13 sing N N 371 
VAL CG2 HG21 sing N N 372 
VAL CG2 HG22 sing N N 373 
VAL CG2 HG23 sing N N 374 
VAL OXT HXT  sing N N 375 
# 
_atom_sites.entry_id                    1QK8 
_atom_sites.fract_transf_matrix[1][1]   0.00270032 
_atom_sites.fract_transf_matrix[1][2]   -0.00506308 
_atom_sites.fract_transf_matrix[1][3]   -0.02540811 
_atom_sites.fract_transf_matrix[2][1]   -0.01889441 
_atom_sites.fract_transf_matrix[2][2]   0.00481933 
_atom_sites.fract_transf_matrix[2][3]   -0.00296840 
_atom_sites.fract_transf_matrix[3][1]   0.00377835 
_atom_sites.fract_transf_matrix[3][2]   0.01341413 
_atom_sites.fract_transf_matrix[3][3]   -0.00227148 
_atom_sites.fract_transf_vector[1]      -0.000213 
_atom_sites.fract_transf_vector[2]      0.023740 
_atom_sites.fract_transf_vector[3]      0.077735 
# 
loop_
_atom_type.symbol 
C 
N 
O 
S 
# 
loop_
_atom_site.group_PDB 
_atom_site.id 
_atom_site.type_symbol 
_atom_site.label_atom_id 
_atom_site.label_alt_id 
_atom_site.label_comp_id 
_atom_site.label_asym_id 
_atom_site.label_entity_id 
_atom_site.label_seq_id 
_atom_site.pdbx_PDB_ins_code 
_atom_site.Cartn_x 
_atom_site.Cartn_y 
_atom_site.Cartn_z 
_atom_site.occupancy 
_atom_site.B_iso_or_equiv 
_atom_site.pdbx_formal_charge 
_atom_site.auth_seq_id 
_atom_site.auth_comp_id 
_atom_site.auth_asym_id 
_atom_site.auth_atom_id 
_atom_site.pdbx_PDB_model_num 
ATOM   1    N N   . GLY A 1 3   ? 11.724  7.424   9.184   1.00 27.85 ? 3    GLY A N   1 
ATOM   2    C CA  . GLY A 1 3   ? 10.549  7.702   8.329   1.00 26.32 ? 3    GLY A CA  1 
ATOM   3    C C   . GLY A 1 3   ? 9.394   6.728   8.361   1.00 27.56 ? 3    GLY A C   1 
ATOM   4    O O   . GLY A 1 3   ? 8.258   7.178   8.515   1.00 29.00 ? 3    GLY A O   1 
ATOM   5    N N   . LEU A 1 4   ? 9.563   5.416   8.190   1.00 27.43 ? 4    LEU A N   1 
ATOM   6    C CA  . LEU A 1 4   ? 8.460   4.484   8.214   1.00 28.84 ? 4    LEU A CA  1 
ATOM   7    C C   . LEU A 1 4   ? 8.149   4.017   9.632   1.00 30.48 ? 4    LEU A C   1 
ATOM   8    O O   . LEU A 1 4   ? 7.058   3.525   9.923   1.00 30.04 ? 4    LEU A O   1 
ATOM   9    C CB  . LEU A 1 4   ? 8.675   3.237   7.365   1.00 28.95 ? 4    LEU A CB  1 
ATOM   10   C CG  . LEU A 1 4   ? 8.717   3.476   5.856   1.00 28.10 ? 4    LEU A CG  1 
ATOM   11   C CD1 . LEU A 1 4   ? 8.992   2.185   5.124   1.00 27.63 ? 4    LEU A CD1 1 
ATOM   12   C CD2 . LEU A 1 4   ? 7.446   4.138   5.362   1.00 27.97 ? 4    LEU A CD2 1 
ATOM   13   N N   . ASP A 1 5   ? 9.126   4.238   10.498  1.00 31.82 ? 5    ASP A N   1 
ATOM   14   C CA  . ASP A 1 5   ? 9.061   3.937   11.924  1.00 33.49 ? 5    ASP A CA  1 
ATOM   15   C C   . ASP A 1 5   ? 7.769   4.469   12.517  1.00 32.54 ? 5    ASP A C   1 
ATOM   16   O O   . ASP A 1 5   ? 7.082   3.779   13.291  1.00 34.10 ? 5    ASP A O   1 
ATOM   17   C CB  . ASP A 1 5   ? 10.349  4.465   12.560  1.00 35.77 ? 5    ASP A CB  1 
ATOM   18   C CG  . ASP A 1 5   ? 11.427  3.440   12.843  1.00 38.01 ? 5    ASP A CG  1 
ATOM   19   O OD1 . ASP A 1 5   ? 11.360  2.272   12.390  1.00 38.96 ? 5    ASP A OD1 1 
ATOM   20   O OD2 . ASP A 1 5   ? 12.392  3.809   13.558  1.00 39.50 ? 5    ASP A OD2 1 
ATOM   21   N N   . LYS A 1 6   ? 7.295   5.643   12.126  1.00 29.63 ? 6    LYS A N   1 
ATOM   22   C CA  . LYS A 1 6   ? 6.063   6.242   12.569  1.00 28.28 ? 6    LYS A CA  1 
ATOM   23   C C   . LYS A 1 6   ? 4.805   5.571   12.039  1.00 27.06 ? 6    LYS A C   1 
ATOM   24   O O   . LYS A 1 6   ? 3.769   5.656   12.719  1.00 26.95 ? 6    LYS A O   1 
ATOM   25   C CB  . LYS A 1 6   ? 6.080   7.728   12.224  1.00 29.82 ? 6    LYS A CB  1 
ATOM   26   C CG  . LYS A 1 6   ? 4.796   8.500   12.078  1.00 30.91 ? 6    LYS A CG  1 
ATOM   27   C CD  . LYS A 1 6   ? 5.060   9.964   11.738  1.00 31.56 ? 6    LYS A CD  1 
ATOM   28   C CE  . LYS A 1 6   ? 3.865   10.605  11.059  1.00 31.86 ? 6    LYS A CE  1 
ATOM   29   N NZ  . LYS A 1 6   ? 3.862   12.097  11.049  1.00 30.95 ? 6    LYS A NZ  1 
ATOM   30   N N   . TYR A 1 7   ? 4.846   4.928   10.864  1.00 22.34 ? 7    TYR A N   1 
ATOM   31   C CA  . TYR A 1 7   ? 3.638   4.279   10.363  1.00 21.18 ? 7    TYR A CA  1 
ATOM   32   C C   . TYR A 1 7   ? 3.608   2.795   10.682  1.00 21.75 ? 7    TYR A C   1 
ATOM   33   O O   . TYR A 1 7   ? 2.500   2.303   10.896  1.00 23.65 ? 7    TYR A O   1 
ATOM   34   C CB  . TYR A 1 7   ? 3.471   4.474   8.842   1.00 17.08 ? 7    TYR A CB  1 
ATOM   35   C CG  . TYR A 1 7   ? 3.472   5.941   8.469   1.00 14.33 ? 7    TYR A CG  1 
ATOM   36   C CD1 . TYR A 1 7   ? 2.459   6.793   8.904   1.00 14.92 ? 7    TYR A CD1 1 
ATOM   37   C CD2 . TYR A 1 7   ? 4.479   6.477   7.690   1.00 12.83 ? 7    TYR A CD2 1 
ATOM   38   C CE1 . TYR A 1 7   ? 2.463   8.132   8.567   1.00 15.57 ? 7    TYR A CE1 1 
ATOM   39   C CE2 . TYR A 1 7   ? 4.496   7.807   7.354   1.00 13.96 ? 7    TYR A CE2 1 
ATOM   40   C CZ  . TYR A 1 7   ? 3.484   8.638   7.792   1.00 14.26 ? 7    TYR A CZ  1 
ATOM   41   O OH  . TYR A 1 7   ? 3.497   9.959   7.448   1.00 15.49 ? 7    TYR A OH  1 
ATOM   42   N N   . LEU A 1 8   ? 4.740   2.144   10.816  1.00 22.76 ? 8    LEU A N   1 
ATOM   43   C CA  . LEU A 1 8   ? 4.906   0.719   11.084  1.00 24.34 ? 8    LEU A CA  1 
ATOM   44   C C   . LEU A 1 8   ? 5.947   0.500   12.204  1.00 23.90 ? 8    LEU A C   1 
ATOM   45   O O   . LEU A 1 8   ? 7.029   -0.058  11.990  1.00 25.15 ? 8    LEU A O   1 
ATOM   46   C CB  . LEU A 1 8   ? 5.489   0.033   9.837   1.00 24.36 ? 8    LEU A CB  1 
ATOM   47   C CG  . LEU A 1 8   ? 4.879   0.226   8.452   1.00 25.58 ? 8    LEU A CG  1 
ATOM   48   C CD1 . LEU A 1 8   ? 5.849   -0.085  7.326   1.00 25.74 ? 8    LEU A CD1 1 
ATOM   49   C CD2 . LEU A 1 8   ? 3.655   -0.666  8.285   1.00 25.60 ? 8    LEU A CD2 1 
ATOM   50   N N   . PRO A 1 9   ? 5.643   0.995   13.385  1.00 26.04 ? 9    PRO A N   1 
ATOM   51   C CA  . PRO A 1 9   ? 6.574   0.947   14.509  1.00 27.03 ? 9    PRO A CA  1 
ATOM   52   C C   . PRO A 1 9   ? 6.922   -0.451  14.962  1.00 27.26 ? 9    PRO A C   1 
ATOM   53   O O   . PRO A 1 9   ? 6.003   -1.215  15.230  1.00 26.21 ? 9    PRO A O   1 
ATOM   54   C CB  . PRO A 1 9   ? 5.893   1.767   15.593  1.00 27.23 ? 9    PRO A CB  1 
ATOM   55   C CG  . PRO A 1 9   ? 4.443   1.773   15.277  1.00 27.52 ? 9    PRO A CG  1 
ATOM   56   C CD  . PRO A 1 9   ? 4.384   1.661   13.778  1.00 25.92 ? 9    PRO A CD  1 
ATOM   57   N N   . GLY A 1 10  ? 8.213   -0.795  14.939  1.00 28.39 ? 10   GLY A N   1 
ATOM   58   C CA  . GLY A 1 10  ? 8.655   -2.087  15.405  1.00 30.15 ? 10   GLY A CA  1 
ATOM   59   C C   . GLY A 1 10  ? 8.436   -3.251  14.464  1.00 30.52 ? 10   GLY A C   1 
ATOM   60   O O   . GLY A 1 10  ? 8.471   -4.410  14.891  1.00 31.09 ? 10   GLY A O   1 
ATOM   61   N N   . ILE A 1 11  ? 8.172   -2.957  13.191  1.00 30.25 ? 11   ILE A N   1 
ATOM   62   C CA  . ILE A 1 11  ? 7.981   -4.027  12.210  1.00 28.89 ? 11   ILE A CA  1 
ATOM   63   C C   . ILE A 1 11  ? 9.216   -3.989  11.325  1.00 28.15 ? 11   ILE A C   1 
ATOM   64   O O   . ILE A 1 11  ? 9.387   -3.020  10.570  1.00 29.52 ? 11   ILE A O   1 
ATOM   65   C CB  . ILE A 1 11  ? 6.667   -3.833  11.431  1.00 27.93 ? 11   ILE A CB  1 
ATOM   66   C CG1 . ILE A 1 11  ? 5.449   -4.007  12.344  1.00 28.48 ? 11   ILE A CG1 1 
ATOM   67   C CG2 . ILE A 1 11  ? 6.598   -4.818  10.279  1.00 26.78 ? 11   ILE A CG2 1 
ATOM   68   C CD1 . ILE A 1 11  ? 4.193   -3.338  11.808  1.00 27.62 ? 11   ILE A CD1 1 
ATOM   69   N N   . GLU A 1 12  ? 10.140  -4.943  11.465  1.00 26.91 ? 12   GLU A N   1 
ATOM   70   C CA  . GLU A 1 12  ? 11.329  -4.890  10.632  1.00 25.84 ? 12   GLU A CA  1 
ATOM   71   C C   . GLU A 1 12  ? 11.123  -5.595  9.298   1.00 24.20 ? 12   GLU A C   1 
ATOM   72   O O   . GLU A 1 12  ? 11.971  -5.466  8.429   1.00 24.57 ? 12   GLU A O   1 
ATOM   73   C CB  . GLU A 1 12  ? 12.562  -5.559  11.228  1.00 25.41 ? 12   GLU A CB  1 
ATOM   74   C CG  . GLU A 1 12  ? 12.638  -5.762  12.717  1.00 25.57 ? 12   GLU A CG  1 
ATOM   75   C CD  . GLU A 1 12  ? 13.919  -6.513  13.073  1.00 25.38 ? 12   GLU A CD  1 
ATOM   76   O OE1 . GLU A 1 12  ? 14.974  -5.859  13.188  1.00 26.64 ? 12   GLU A OE1 1 
ATOM   77   O OE2 . GLU A 1 12  ? 13.873  -7.743  13.229  1.00 25.32 ? 12   GLU A OE2 1 
ATOM   78   N N   . LYS A 1 13  ? 10.102  -6.452  9.221   1.00 23.03 ? 13   LYS A N   1 
ATOM   79   C CA  . LYS A 1 13  ? 9.878   -7.256  8.040   1.00 23.33 ? 13   LYS A CA  1 
ATOM   80   C C   . LYS A 1 13  ? 8.443   -7.144  7.513   1.00 19.36 ? 13   LYS A C   1 
ATOM   81   O O   . LYS A 1 13  ? 7.517   -6.961  8.294   1.00 20.70 ? 13   LYS A O   1 
ATOM   82   C CB  . LYS A 1 13  ? 10.140  -8.735  8.370   1.00 25.26 ? 13   LYS A CB  1 
ATOM   83   C CG  . LYS A 1 13  ? 11.477  -9.124  8.975   1.00 28.73 ? 13   LYS A CG  1 
ATOM   84   C CD  . LYS A 1 13  ? 12.496  -9.624  7.969   1.00 30.07 ? 13   LYS A CD  1 
ATOM   85   C CE  . LYS A 1 13  ? 13.859  -9.924  8.585   1.00 31.08 ? 13   LYS A CE  1 
ATOM   86   N NZ  . LYS A 1 13  ? 13.793  -10.827 9.770   1.00 32.01 ? 13   LYS A NZ  1 
ATOM   87   N N   . LEU A 1 14  ? 8.322   -7.231  6.199   1.00 16.81 ? 14   LEU A N   1 
ATOM   88   C CA  . LEU A 1 14  ? 7.019   -7.248  5.542   1.00 14.85 ? 14   LEU A CA  1 
ATOM   89   C C   . LEU A 1 14  ? 6.974   -8.460  4.621   1.00 15.06 ? 14   LEU A C   1 
ATOM   90   O O   . LEU A 1 14  ? 8.008   -8.947  4.120   1.00 15.64 ? 14   LEU A O   1 
ATOM   91   C CB  . LEU A 1 14  ? 6.781   -5.994  4.697   1.00 12.03 ? 14   LEU A CB  1 
ATOM   92   C CG  . LEU A 1 14  ? 6.711   -4.654  5.429   1.00 11.42 ? 14   LEU A CG  1 
ATOM   93   C CD1 . LEU A 1 14  ? 6.852   -3.490  4.465   1.00 12.91 ? 14   LEU A CD1 1 
ATOM   94   C CD2 . LEU A 1 14  ? 5.444   -4.590  6.256   1.00 12.94 ? 14   LEU A CD2 1 
ATOM   95   N N   . ARG A 1 15  ? 5.753   -8.949  4.361   1.00 13.39 ? 15   ARG A N   1 
ATOM   96   C CA  . ARG A 1 15  ? 5.640   -10.098 3.476   1.00 14.23 ? 15   ARG A CA  1 
ATOM   97   C C   . ARG A 1 15  ? 5.884   -9.744  2.038   1.00 13.30 ? 15   ARG A C   1 
ATOM   98   O O   . ARG A 1 15  ? 5.484   -8.639  1.614   1.00 11.77 ? 15   ARG A O   1 
ATOM   99   C CB  . ARG A 1 15  ? 4.235   -10.708 3.552   1.00 15.30 ? 15   ARG A CB  1 
ATOM   100  C CG  . ARG A 1 15  ? 3.666   -11.007 4.920   1.00 18.37 ? 15   ARG A CG  1 
ATOM   101  C CD  . ARG A 1 15  ? 4.477   -11.975 5.762   1.00 21.96 ? 15   ARG A CD  1 
ATOM   102  N NE  . ARG A 1 15  ? 4.928   -13.147 5.018   1.00 23.97 ? 15   ARG A NE  1 
ATOM   103  C CZ  . ARG A 1 15  ? 5.756   -14.055 5.544   1.00 26.03 ? 15   ARG A CZ  1 
ATOM   104  N NH1 . ARG A 1 15  ? 6.198   -13.915 6.791   1.00 27.42 ? 15   ARG A NH1 1 
ATOM   105  N NH2 . ARG A 1 15  ? 6.145   -15.111 4.831   1.00 26.28 ? 15   ARG A NH2 1 
ATOM   106  N N   . ARG A 1 16  ? 6.441   -10.605 1.205   1.00 14.51 ? 16   ARG A N   1 
ATOM   107  C CA  . ARG A 1 16  ? 6.622   -10.527 -0.201  1.00 16.12 ? 16   ARG A CA  1 
ATOM   108  C C   . ARG A 1 16  ? 6.576   -11.976 -0.766  1.00 15.65 ? 16   ARG A C   1 
ATOM   109  O O   . ARG A 1 16  ? 7.419   -12.769 -0.327  1.00 17.57 ? 16   ARG A O   1 
ATOM   110  C CB  . ARG A 1 16  ? 7.912   -9.894  -0.751  1.00 17.66 ? 16   ARG A CB  1 
ATOM   111  C CG  . ARG A 1 16  ? 7.778   -9.555  -2.229  1.00 19.90 ? 16   ARG A CG  1 
ATOM   112  C CD  . ARG A 1 16  ? 8.849   -8.623  -2.759  1.00 23.81 ? 16   ARG A CD  1 
ATOM   113  N NE  . ARG A 1 16  ? 10.176  -9.221  -2.658  1.00 26.32 ? 16   ARG A NE  1 
ATOM   114  C CZ  . ARG A 1 16  ? 11.247  -8.656  -3.222  1.00 27.27 ? 16   ARG A CZ  1 
ATOM   115  N NH1 . ARG A 1 16  ? 11.129  -7.512  -3.900  1.00 27.72 ? 16   ARG A NH1 1 
ATOM   116  N NH2 . ARG A 1 16  ? 12.430  -9.238  -3.103  1.00 27.56 ? 16   ARG A NH2 1 
ATOM   117  N N   . GLY A 1 17  ? 5.605   -12.230 -1.624  1.00 16.56 ? 17   GLY A N   1 
ATOM   118  C CA  . GLY A 1 17  ? 5.445   -13.587 -2.169  1.00 16.79 ? 17   GLY A CA  1 
ATOM   119  C C   . GLY A 1 17  ? 5.335   -14.549 -0.992  1.00 18.90 ? 17   GLY A C   1 
ATOM   120  O O   . GLY A 1 17  ? 4.571   -14.340 -0.061  1.00 18.94 ? 17   GLY A O   1 
ATOM   121  N N   . ASP A 1 18  ? 6.194   -15.595 -1.011  1.00 22.12 ? 18   ASP A N   1 
ATOM   122  C CA  . ASP A 1 18  ? 6.109   -16.574 0.087   1.00 23.42 ? 18   ASP A CA  1 
ATOM   123  C C   . ASP A 1 18  ? 7.023   -16.310 1.259   1.00 23.07 ? 18   ASP A C   1 
ATOM   124  O O   . ASP A 1 18  ? 7.022   -17.061 2.247   1.00 23.71 ? 18   ASP A O   1 
ATOM   125  C CB  . ASP A 1 18  ? 6.238   -17.995 -0.507  1.00 24.60 ? 18   ASP A CB  1 
ATOM   126  C CG  . ASP A 1 18  ? 5.337   -18.103 -1.735  1.00 25.45 ? 18   ASP A CG  1 
ATOM   127  O OD1 . ASP A 1 18  ? 4.103   -17.954 -1.623  1.00 25.64 ? 18   ASP A OD1 1 
ATOM   128  O OD2 . ASP A 1 18  ? 5.872   -18.328 -2.843  1.00 26.90 ? 18   ASP A OD2 1 
ATOM   129  N N   . GLY A 1 19  ? 7.801   -15.215 1.266   1.00 21.82 ? 19   GLY A N   1 
ATOM   130  C CA  . GLY A 1 19  ? 8.662   -14.892 2.381   1.00 20.77 ? 19   GLY A CA  1 
ATOM   131  C C   . GLY A 1 19  ? 8.499   -13.478 2.929   1.00 21.01 ? 19   GLY A C   1 
ATOM   132  O O   . GLY A 1 19  ? 7.414   -12.900 2.997   1.00 19.06 ? 19   GLY A O   1 
ATOM   133  N N   . GLU A 1 20  ? 9.621   -12.932 3.377   1.00 22.52 ? 20   GLU A N   1 
ATOM   134  C CA  . GLU A 1 20  ? 9.698   -11.628 3.994   1.00 22.92 ? 20   GLU A CA  1 
ATOM   135  C C   . GLU A 1 20  ? 10.817  -10.759 3.406   1.00 24.47 ? 20   GLU A C   1 
ATOM   136  O O   . GLU A 1 20  ? 11.843  -11.277 2.986   1.00 24.81 ? 20   GLU A O   1 
ATOM   137  C CB  . GLU A 1 20  ? 10.069  -11.700 5.475   1.00 23.42 ? 20   GLU A CB  1 
ATOM   138  C CG  . GLU A 1 20  ? 9.375   -12.590 6.452   1.00 24.57 ? 20   GLU A CG  1 
ATOM   139  C CD  . GLU A 1 20  ? 9.841   -12.418 7.886   1.00 24.78 ? 20   GLU A CD  1 
ATOM   140  O OE1 . GLU A 1 20  ? 11.046  -12.579 8.179   1.00 26.77 ? 20   GLU A OE1 1 
ATOM   141  O OE2 . GLU A 1 20  ? 8.994   -12.119 8.755   1.00 26.11 ? 20   GLU A OE2 1 
ATOM   142  N N   . VAL A 1 21  ? 10.644  -9.443  3.485   1.00 22.22 ? 21   VAL A N   1 
ATOM   143  C CA  . VAL A 1 21  ? 11.680  -8.494  3.107   1.00 21.68 ? 21   VAL A CA  1 
ATOM   144  C C   . VAL A 1 21  ? 11.813  -7.538  4.305   1.00 20.05 ? 21   VAL A C   1 
ATOM   145  O O   . VAL A 1 21  ? 10.944  -7.366  5.158   1.00 20.05 ? 21   VAL A O   1 
ATOM   146  C CB  . VAL A 1 21  ? 11.497  -7.620  1.869   1.00 21.39 ? 21   VAL A CB  1 
ATOM   147  C CG1 . VAL A 1 21  ? 11.435  -8.393  0.569   1.00 22.12 ? 21   VAL A CG1 1 
ATOM   148  C CG2 . VAL A 1 21  ? 10.262  -6.719  2.008   1.00 21.64 ? 21   VAL A CG2 1 
ATOM   149  N N   . GLU A 1 22  ? 13.008  -6.917  4.402   1.00 20.54 ? 22   GLU A N   1 
ATOM   150  C CA  . GLU A 1 22  ? 13.210  -6.013  5.526   1.00 19.47 ? 22   GLU A CA  1 
ATOM   151  C C   . GLU A 1 22  ? 12.602  -4.640  5.182   1.00 17.24 ? 22   GLU A C   1 
ATOM   152  O O   . GLU A 1 22  ? 12.826  -4.198  4.064   1.00 18.24 ? 22   GLU A O   1 
ATOM   153  C CB  . GLU A 1 22  ? 14.708  -5.853  5.843   1.00 22.65 ? 22   GLU A CB  1 
ATOM   154  C CG  . GLU A 1 22  ? 15.369  -7.173  6.222   1.00 25.55 ? 22   GLU A CG  1 
ATOM   155  C CD  . GLU A 1 22  ? 16.865  -7.237  6.034   1.00 27.67 ? 22   GLU A CD  1 
ATOM   156  O OE1 . GLU A 1 22  ? 17.438  -6.528  5.178   1.00 29.32 ? 22   GLU A OE1 1 
ATOM   157  O OE2 . GLU A 1 22  ? 17.498  -8.036  6.769   1.00 29.55 ? 22   GLU A OE2 1 
ATOM   158  N N   . VAL A 1 23  ? 12.011  -4.012  6.162   1.00 17.71 ? 23   VAL A N   1 
ATOM   159  C CA  . VAL A 1 23  ? 11.470  -2.643  5.994   1.00 18.65 ? 23   VAL A CA  1 
ATOM   160  C C   . VAL A 1 23  ? 12.559  -1.684  5.589   1.00 18.90 ? 23   VAL A C   1 
ATOM   161  O O   . VAL A 1 23  ? 12.425  -0.799  4.740   1.00 18.54 ? 23   VAL A O   1 
ATOM   162  C CB  . VAL A 1 23  ? 10.736  -2.254  7.278   1.00 19.36 ? 23   VAL A CB  1 
ATOM   163  C CG1 . VAL A 1 23  ? 10.423  -0.785  7.431   1.00 21.68 ? 23   VAL A CG1 1 
ATOM   164  C CG2 . VAL A 1 23  ? 9.427   -3.059  7.360   1.00 21.27 ? 23   VAL A CG2 1 
ATOM   165  N N   . LYS A 1 24  ? 13.794  -1.877  6.085   1.00 20.17 ? 24   LYS A N   1 
ATOM   166  C CA  . LYS A 1 24  ? 14.934  -1.051  5.700   1.00 20.66 ? 24   LYS A CA  1 
ATOM   167  C C   . LYS A 1 24  ? 15.226  -1.064  4.225   1.00 19.21 ? 24   LYS A C   1 
ATOM   168  O O   . LYS A 1 24  ? 15.852  -0.137  3.686   1.00 19.88 ? 24   LYS A O   1 
ATOM   169  C CB  . LYS A 1 24  ? 16.156  -1.477  6.548   1.00 23.90 ? 24   LYS A CB  1 
ATOM   170  C CG  . LYS A 1 24  ? 15.866  -1.329  8.039   1.00 26.34 ? 24   LYS A CG  1 
ATOM   171  C CD  . LYS A 1 24  ? 15.513  0.110   8.408   1.00 26.98 ? 24   LYS A CD  1 
ATOM   172  C CE  . LYS A 1 24  ? 14.560  0.191   9.580   1.00 27.69 ? 24   LYS A CE  1 
ATOM   173  N NZ  . LYS A 1 24  ? 14.486  1.581   10.118  1.00 28.95 ? 24   LYS A NZ  1 
ATOM   174  N N   . SER A 1 25  ? 14.792  -2.051  3.438   1.00 18.15 ? 25   SER A N   1 
ATOM   175  C CA  . SER A 1 25  ? 14.978  -2.157  2.033   1.00 16.85 ? 25   SER A CA  1 
ATOM   176  C C   . SER A 1 25  ? 14.152  -1.131  1.227   1.00 14.95 ? 25   SER A C   1 
ATOM   177  O O   . SER A 1 25  ? 14.345  -0.981  0.020   1.00 16.47 ? 25   SER A O   1 
ATOM   178  C CB  . SER A 1 25  ? 14.665  -3.571  1.508   1.00 18.96 ? 25   SER A CB  1 
ATOM   179  O OG  . SER A 1 25  ? 13.272  -3.805  1.427   1.00 18.99 ? 25   SER A OG  1 
ATOM   180  N N   . LEU A 1 26  ? 13.286  -0.396  1.927   1.00 14.58 ? 26   LEU A N   1 
ATOM   181  C CA  . LEU A 1 26  ? 12.469  0.645   1.266   1.00 12.88 ? 26   LEU A CA  1 
ATOM   182  C C   . LEU A 1 26  ? 13.130  2.012   1.331   1.00 12.61 ? 26   LEU A C   1 
ATOM   183  O O   . LEU A 1 26  ? 12.546  2.992   0.865   1.00 10.67 ? 26   LEU A O   1 
ATOM   184  C CB  . LEU A 1 26  ? 11.085  0.668   1.909   1.00 13.53 ? 26   LEU A CB  1 
ATOM   185  C CG  . LEU A 1 26  ? 10.282  -0.629  1.879   1.00 14.86 ? 26   LEU A CG  1 
ATOM   186  C CD1 . LEU A 1 26  ? 8.946   -0.474  2.580   1.00 16.64 ? 26   LEU A CD1 1 
ATOM   187  C CD2 . LEU A 1 26  ? 10.067  -1.086  0.451   1.00 17.78 ? 26   LEU A CD2 1 
ATOM   188  N N   . ALA A 1 27  ? 14.373  2.067   1.839   1.00 11.75 ? 27   ALA A N   1 
ATOM   189  C CA  . ALA A 1 27  ? 15.077  3.356   1.925   1.00 11.33 ? 27   ALA A CA  1 
ATOM   190  C C   . ALA A 1 27  ? 15.028  4.072   0.597   1.00 9.50  ? 27   ALA A C   1 
ATOM   191  O O   . ALA A 1 27  ? 15.292  3.560   -0.476  1.00 11.32 ? 27   ALA A O   1 
ATOM   192  C CB  . ALA A 1 27  ? 16.541  3.075   2.287   1.00 13.86 ? 27   ALA A CB  1 
ATOM   193  N N   . GLY A 1 28  ? 14.696  5.390   0.642   1.00 9.97  ? 28   GLY A N   1 
ATOM   194  C CA  . GLY A 1 28  ? 14.644  6.213   -0.545  1.00 10.51 ? 28   GLY A CA  1 
ATOM   195  C C   . GLY A 1 28  ? 13.417  6.139   -1.440  1.00 8.84  ? 28   GLY A C   1 
ATOM   196  O O   . GLY A 1 28  ? 13.244  6.968   -2.329  1.00 10.09 ? 28   GLY A O   1 
ATOM   197  N N   . LYS A 1 29  ? 12.533  5.145   -1.136  1.00 8.89  ? 29   LYS A N   1 
ATOM   198  C CA  . LYS A 1 29  ? 11.388  5.020   -2.033  1.00 9.07  ? 29   LYS A CA  1 
ATOM   199  C C   . LYS A 1 29  ? 10.176  5.781   -1.513  1.00 6.66  ? 29   LYS A C   1 
ATOM   200  O O   . LYS A 1 29  ? 10.076  6.250   -0.388  1.00 7.59  ? 29   LYS A O   1 
ATOM   201  C CB  . LYS A 1 29  ? 10.959  3.536   -2.050  1.00 9.97  ? 29   LYS A CB  1 
ATOM   202  C CG  . LYS A 1 29  ? 12.080  2.600   -2.501  1.00 13.30 ? 29   LYS A CG  1 
ATOM   203  C CD  . LYS A 1 29  ? 11.546  1.245   -2.961  1.00 14.18 ? 29   LYS A CD  1 
ATOM   204  C CE  . LYS A 1 29  ? 12.719  0.432   -3.517  1.00 15.15 ? 29   LYS A CE  1 
ATOM   205  N NZ  . LYS A 1 29  ? 12.279  -0.908  -4.010  1.00 19.05 ? 29   LYS A NZ  1 
ATOM   206  N N   . LEU A 1 30  ? 9.274   5.971   -2.481  1.00 6.99  ? 30   LEU A N   1 
ATOM   207  C CA  . LEU A 1 30  ? 7.914   6.408   -2.148  1.00 7.11  ? 30   LEU A CA  1 
ATOM   208  C C   . LEU A 1 30  ? 7.158   5.131   -1.773  1.00 7.00  ? 30   LEU A C   1 
ATOM   209  O O   . LEU A 1 30  ? 7.280   4.120   -2.503  1.00 8.24  ? 30   LEU A O   1 
ATOM   210  C CB  . LEU A 1 30  ? 7.233   7.085   -3.316  1.00 8.38  ? 30   LEU A CB  1 
ATOM   211  C CG  . LEU A 1 30  ? 5.752   7.441   -3.134  1.00 9.67  ? 30   LEU A CG  1 
ATOM   212  C CD1 . LEU A 1 30  ? 5.585   8.507   -2.088  1.00 12.44 ? 30   LEU A CD1 1 
ATOM   213  C CD2 . LEU A 1 30  ? 5.207   7.905   -4.482  1.00 13.22 ? 30   LEU A CD2 1 
ATOM   214  N N   . VAL A 1 31  ? 6.472   5.114   -0.648  1.00 6.34  ? 31   VAL A N   1 
ATOM   215  C CA  . VAL A 1 31  ? 5.757   3.938   -0.165  1.00 6.69  ? 31   VAL A CA  1 
ATOM   216  C C   . VAL A 1 31  ? 4.262   4.206   -0.184  1.00 6.88  ? 31   VAL A C   1 
ATOM   217  O O   . VAL A 1 31  ? 3.784   5.132   0.490   1.00 7.66  ? 31   VAL A O   1 
ATOM   218  C CB  . VAL A 1 31  ? 6.223   3.529   1.244   1.00 6.70  ? 31   VAL A CB  1 
ATOM   219  C CG1 . VAL A 1 31  ? 5.424   2.360   1.801   1.00 9.74  ? 31   VAL A CG1 1 
ATOM   220  C CG2 . VAL A 1 31  ? 7.717   3.204   1.192   1.00 9.50  ? 31   VAL A CG2 1 
ATOM   221  N N   . PHE A 1 32  ? 3.534   3.391   -0.935  1.00 6.96  ? 32   PHE A N   1 
ATOM   222  C CA  . PHE A 1 32  ? 2.074   3.542   -0.924  1.00 6.46  ? 32   PHE A CA  1 
ATOM   223  C C   . PHE A 1 32  ? 1.513   2.483   0.002   1.00 7.40  ? 32   PHE A C   1 
ATOM   224  O O   . PHE A 1 32  ? 1.696   1.264   -0.247  1.00 9.50  ? 32   PHE A O   1 
ATOM   225  C CB  . PHE A 1 32  ? 1.465   3.278   -2.306  1.00 8.25  ? 32   PHE A CB  1 
ATOM   226  C CG  . PHE A 1 32  ? 1.685   4.338   -3.304  1.00 7.25  ? 32   PHE A CG  1 
ATOM   227  C CD1 . PHE A 1 32  ? 0.972   5.527   -3.309  1.00 8.26  ? 32   PHE A CD1 1 
ATOM   228  C CD2 . PHE A 1 32  ? 2.637   4.154   -4.309  1.00 10.94 ? 32   PHE A CD2 1 
ATOM   229  C CE1 . PHE A 1 32  ? 1.176   6.520   -4.241  1.00 8.73  ? 32   PHE A CE1 1 
ATOM   230  C CE2 . PHE A 1 32  ? 2.851   5.142   -5.256  1.00 11.51 ? 32   PHE A CE2 1 
ATOM   231  C CZ  . PHE A 1 32  ? 2.132   6.332   -5.238  1.00 11.68 ? 32   PHE A CZ  1 
ATOM   232  N N   . PHE A 1 33  ? 0.685   2.876   0.945   1.00 6.44  ? 33   PHE A N   1 
ATOM   233  C CA  . PHE A 1 33  ? -0.120  1.959   1.756   1.00 5.78  ? 33   PHE A CA  1 
ATOM   234  C C   . PHE A 1 33  ? -1.427  1.769   0.996   1.00 6.11  ? 33   PHE A C   1 
ATOM   235  O O   . PHE A 1 33  ? -2.136  2.749   0.705   1.00 6.34  ? 33   PHE A O   1 
ATOM   236  C CB  . PHE A 1 33  ? -0.400  2.561   3.142   1.00 8.21  ? 33   PHE A CB  1 
ATOM   237  C CG  . PHE A 1 33  ? 0.871   2.788   3.916   1.00 9.27  ? 33   PHE A CG  1 
ATOM   238  C CD1 . PHE A 1 33  ? 1.669   1.733   4.307   1.00 9.55  ? 33   PHE A CD1 1 
ATOM   239  C CD2 . PHE A 1 33  ? 1.235   4.072   4.259   1.00 10.57 ? 33   PHE A CD2 1 
ATOM   240  C CE1 . PHE A 1 33  ? 2.842   1.976   5.029   1.00 11.09 ? 33   PHE A CE1 1 
ATOM   241  C CE2 . PHE A 1 33  ? 2.400   4.308   4.983   1.00 12.10 ? 33   PHE A CE2 1 
ATOM   242  C CZ  . PHE A 1 33  ? 3.208   3.262   5.367   1.00 12.11 ? 33   PHE A CZ  1 
ATOM   243  N N   . TYR A 1 34  ? -1.683  0.502   0.610   1.00 5.68  ? 34   TYR A N   1 
ATOM   244  C CA  . TYR A 1 34  ? -2.934  0.151   -0.110  1.00 5.08  ? 34   TYR A CA  1 
ATOM   245  C C   . TYR A 1 34  ? -3.911  -0.513  0.851   1.00 4.70  ? 34   TYR A C   1 
ATOM   246  O O   . TYR A 1 34  ? -3.700  -1.663  1.249   1.00 5.77  ? 34   TYR A O   1 
ATOM   247  C CB  . TYR A 1 34  ? -2.589  -0.751  -1.300  1.00 5.47  ? 34   TYR A CB  1 
ATOM   248  C CG  . TYR A 1 34  ? -3.809  -1.131  -2.118  1.00 4.83  ? 34   TYR A CG  1 
ATOM   249  C CD1 . TYR A 1 34  ? -4.799  -0.227  -2.416  1.00 6.22  ? 34   TYR A CD1 1 
ATOM   250  C CD2 . TYR A 1 34  ? -3.968  -2.423  -2.615  1.00 5.88  ? 34   TYR A CD2 1 
ATOM   251  C CE1 . TYR A 1 34  ? -5.929  -0.545  -3.158  1.00 6.05  ? 34   TYR A CE1 1 
ATOM   252  C CE2 . TYR A 1 34  ? -5.081  -2.783  -3.369  1.00 5.91  ? 34   TYR A CE2 1 
ATOM   253  C CZ  . TYR A 1 34  ? -6.055  -1.843  -3.652  1.00 3.95  ? 34   TYR A CZ  1 
ATOM   254  O OH  . TYR A 1 34  ? -7.179  -2.140  -4.405  1.00 6.25  ? 34   TYR A OH  1 
ATOM   255  N N   . PHE A 1 35  ? -4.941  0.222   1.195   1.00 5.68  ? 35   PHE A N   1 
ATOM   256  C CA  . PHE A 1 35  ? -5.991  -0.332  2.089   1.00 5.50  ? 35   PHE A CA  1 
ATOM   257  C C   . PHE A 1 35  ? -7.069  -0.992  1.217   1.00 6.17  ? 35   PHE A C   1 
ATOM   258  O O   . PHE A 1 35  ? -7.665  -0.305  0.364   1.00 6.55  ? 35   PHE A O   1 
ATOM   259  C CB  . PHE A 1 35  ? -6.609  0.794   2.956   1.00 7.10  ? 35   PHE A CB  1 
ATOM   260  C CG  . PHE A 1 35  ? -5.562  1.496   3.804   1.00 6.81  ? 35   PHE A CG  1 
ATOM   261  C CD1 . PHE A 1 35  ? -4.849  2.537   3.262   1.00 8.10  ? 35   PHE A CD1 1 
ATOM   262  C CD2 . PHE A 1 35  ? -5.318  1.109   5.108   1.00 8.37  ? 35   PHE A CD2 1 
ATOM   263  C CE1 . PHE A 1 35  ? -3.881  3.199   4.008   1.00 9.36  ? 35   PHE A CE1 1 
ATOM   264  C CE2 . PHE A 1 35  ? -4.353  1.762   5.866   1.00 8.98  ? 35   PHE A CE2 1 
ATOM   265  C CZ  . PHE A 1 35  ? -3.649  2.800   5.301   1.00 9.33  ? 35   PHE A CZ  1 
ATOM   266  N N   . SER A 1 36  ? -7.236  -2.289  1.396   1.00 5.35  ? 36   SER A N   1 
ATOM   267  C CA  . SER A 1 36  ? -8.168  -3.039  0.546   1.00 5.49  ? 36   SER A CA  1 
ATOM   268  C C   . SER A 1 36  ? -8.598  -4.283  1.300   1.00 6.35  ? 36   SER A C   1 
ATOM   269  O O   . SER A 1 36  ? -8.076  -4.589  2.370   1.00 7.18  ? 36   SER A O   1 
ATOM   270  C CB  . SER A 1 36  ? -7.414  -3.345  -0.766  1.00 7.36  ? 36   SER A CB  1 
ATOM   271  O OG  . SER A 1 36  ? -8.235  -4.046  -1.715  1.00 8.34  ? 36   SER A OG  1 
ATOM   272  N N   . ALA A 1 37  ? -9.544  -5.030  0.733   1.00 6.60  ? 37   ALA A N   1 
ATOM   273  C CA  . ALA A 1 37  ? -10.011 -6.245  1.375   1.00 6.54  ? 37   ALA A CA  1 
ATOM   274  C C   . ALA A 1 37  ? -10.704 -7.074  0.312   1.00 6.42  ? 37   ALA A C   1 
ATOM   275  O O   . ALA A 1 37  ? -11.344 -6.575  -0.611  1.00 7.30  ? 37   ALA A O   1 
ATOM   276  C CB  . ALA A 1 37  ? -11.020 -5.976  2.506   1.00 7.75  ? 37   ALA A CB  1 
ATOM   277  N N   . SER A 1 38  ? -10.689 -8.393  0.585   1.00 8.47  ? 38   SER A N   1 
ATOM   278  C CA  . SER A 1 38  ? -11.420 -9.340  -0.285  1.00 10.02 ? 38   SER A CA  1 
ATOM   279  C C   . SER A 1 38  ? -12.908 -9.080  -0.310  1.00 10.60 ? 38   SER A C   1 
ATOM   280  O O   . SER A 1 38  ? -13.594 -9.314  -1.316  1.00 11.95 ? 38   SER A O   1 
ATOM   281  C CB  . SER A 1 38  ? -11.111 -10.765 0.197   1.00 11.97 ? 38   SER A CB  1 
ATOM   282  O OG  . SER A 1 38  ? -11.756 -11.051 1.439   1.00 14.14 ? 38   SER A OG  1 
ATOM   283  N N   . TRP A 1 39  ? -13.492 -8.509  0.761   1.00 8.36  ? 39   TRP A N   1 
ATOM   284  C CA  . TRP A 1 39  ? -14.921 -8.228  0.777   1.00 7.84  ? 39   TRP A CA  1 
ATOM   285  C C   . TRP A 1 39  ? -15.380 -6.956  0.127   1.00 8.28  ? 39   TRP A C   1 
ATOM   286  O O   . TRP A 1 39  ? -16.534 -6.624  -0.061  1.00 8.99  ? 39   TRP A O   1 
ATOM   287  C CB  . TRP A 1 39  ? -15.405 -8.189  2.254   1.00 7.13  ? 39   TRP A CB  1 
ATOM   288  C CG  . TRP A 1 39  ? -14.765 -7.185  3.196   1.00 7.94  ? 39   TRP A CG  1 
ATOM   289  C CD1 . TRP A 1 39  ? -13.822 -7.539  4.139   1.00 8.47  ? 39   TRP A CD1 1 
ATOM   290  C CD2 . TRP A 1 39  ? -14.963 -5.774  3.303   1.00 6.37  ? 39   TRP A CD2 1 
ATOM   291  N NE1 . TRP A 1 39  ? -13.430 -6.423  4.846   1.00 7.69  ? 39   TRP A NE1 1 
ATOM   292  C CE2 . TRP A 1 39  ? -14.108 -5.347  4.362   1.00 7.29  ? 39   TRP A CE2 1 
ATOM   293  C CE3 . TRP A 1 39  ? -15.755 -4.818  2.678   1.00 7.33  ? 39   TRP A CE3 1 
ATOM   294  C CZ2 . TRP A 1 39  ? -14.035 -4.021  4.765   1.00 6.54  ? 39   TRP A CZ2 1 
ATOM   295  C CZ3 . TRP A 1 39  ? -15.707 -3.481  3.061   1.00 7.51  ? 39   TRP A CZ3 1 
ATOM   296  C CH2 . TRP A 1 39  ? -14.830 -3.132  4.111   1.00 7.02  ? 39   TRP A CH2 1 
ATOM   297  N N   . CYS A 1 40  ? -14.388 -6.117  -0.282  1.00 7.55  ? 40   CYS A N   1 
ATOM   298  C CA  . CYS A 1 40  ? -14.671 -4.788  -0.827  1.00 8.74  ? 40   CYS A CA  1 
ATOM   299  C C   . CYS A 1 40  ? -15.034 -4.801  -2.293  1.00 9.36  ? 40   CYS A C   1 
ATOM   300  O O   . CYS A 1 40  ? -14.190 -5.151  -3.130  1.00 9.13  ? 40   CYS A O   1 
ATOM   301  C CB  . CYS A 1 40  ? -13.371 -3.982  -0.510  1.00 8.68  ? 40   CYS A CB  1 
ATOM   302  S SG  . CYS A 1 40  ? -13.116 -2.495  -1.517  1.00 8.28  ? 40   CYS A SG  1 
ATOM   303  N N   . PRO A 1 41  ? -16.248 -4.454  -2.715  1.00 8.62  ? 41   PRO A N   1 
ATOM   304  C CA  . PRO A 1 41  ? -16.629 -4.548  -4.132  1.00 9.30  ? 41   PRO A CA  1 
ATOM   305  C C   . PRO A 1 41  ? -15.775 -3.692  -5.024  1.00 8.60  ? 41   PRO A C   1 
ATOM   306  O O   . PRO A 1 41  ? -15.245 -4.246  -6.018  1.00 9.29  ? 41   PRO A O   1 
ATOM   307  C CB  . PRO A 1 41  ? -18.107 -4.266  -4.173  1.00 10.17 ? 41   PRO A CB  1 
ATOM   308  C CG  . PRO A 1 41  ? -18.595 -4.540  -2.763  1.00 11.30 ? 41   PRO A CG  1 
ATOM   309  C CD  . PRO A 1 41  ? -17.424 -4.164  -1.852  1.00 11.14 ? 41   PRO A CD  1 
ATOM   310  N N   . PRO A 1 42  ? -15.564 -2.413  -4.756  1.00 8.54  ? 42   PRO A N   1 
ATOM   311  C CA  . PRO A 1 42  ? -14.795 -1.580  -5.698  1.00 8.38  ? 42   PRO A CA  1 
ATOM   312  C C   . PRO A 1 42  ? -13.347 -1.972  -5.698  1.00 8.62  ? 42   PRO A C   1 
ATOM   313  O O   . PRO A 1 42  ? -12.599 -1.607  -6.642  1.00 8.45  ? 42   PRO A O   1 
ATOM   314  C CB  . PRO A 1 42  ? -14.997 -0.160  -5.233  1.00 7.60  ? 42   PRO A CB  1 
ATOM   315  C CG  . PRO A 1 42  ? -15.547 -0.272  -3.843  1.00 11.15 ? 42   PRO A CG  1 
ATOM   316  C CD  . PRO A 1 42  ? -16.183 -1.626  -3.681  1.00 9.17  ? 42   PRO A CD  1 
ATOM   317  N N   . CYS A 1 43  ? -12.815 -2.702  -4.758  1.00 8.56  ? 43   CYS A N   1 
ATOM   318  C CA  . CYS A 1 43  ? -11.441 -3.138  -4.772  1.00 7.94  ? 43   CYS A CA  1 
ATOM   319  C C   . CYS A 1 43  ? -11.200 -4.102  -5.930  1.00 8.72  ? 43   CYS A C   1 
ATOM   320  O O   . CYS A 1 43  ? -10.083 -4.181  -6.461  1.00 9.29  ? 43   CYS A O   1 
ATOM   321  C CB  . CYS A 1 43  ? -11.082 -3.795  -3.429  1.00 8.13  ? 43   CYS A CB  1 
ATOM   322  S SG  . CYS A 1 43  ? -11.097 -2.684  -2.011  1.00 7.05  ? 43   CYS A SG  1 
ATOM   323  N N   . ARG A 1 44  ? -12.232 -4.843  -6.332  1.00 8.14  ? 44   ARG A N   1 
ATOM   324  C CA  . ARG A 1 44  ? -12.066 -5.800  -7.432  1.00 8.39  ? 44   ARG A CA  1 
ATOM   325  C C   . ARG A 1 44  ? -11.636 -5.112  -8.736  1.00 8.02  ? 44   ARG A C   1 
ATOM   326  O O   . ARG A 1 44  ? -10.677 -5.571  -9.357  1.00 8.64  ? 44   ARG A O   1 
ATOM   327  C CB  . ARG A 1 44  ? -13.347 -6.624  -7.660  1.00 8.19  ? 44   ARG A CB  1 
ATOM   328  C CG  . ARG A 1 44  ? -13.579 -7.645  -6.514  1.00 9.36  ? 44   ARG A CG  1 
ATOM   329  C CD  . ARG A 1 44  ? -14.941 -8.342  -6.696  1.00 8.73  ? 44   ARG A CD  1 
ATOM   330  N NE  . ARG A 1 44  ? -15.031 -9.349  -5.619  1.00 10.55 ? 44   ARG A NE  1 
ATOM   331  C CZ  . ARG A 1 44  ? -14.648 -10.593 -5.724  1.00 10.57 ? 44   ARG A CZ  1 
ATOM   332  N NH1 . ARG A 1 44  ? -14.151 -11.053 -6.852  1.00 10.59 ? 44   ARG A NH1 1 
ATOM   333  N NH2 . ARG A 1 44  ? -14.781 -11.378 -4.649  1.00 14.11 ? 44   ARG A NH2 1 
ATOM   334  N N   . GLY A 1 45  ? -12.305 -4.031  -9.077  1.00 7.34  ? 45   GLY A N   1 
ATOM   335  C CA  . GLY A 1 45  ? -11.937 -3.359  -10.346 1.00 8.21  ? 45   GLY A CA  1 
ATOM   336  C C   . GLY A 1 45  ? -10.743 -2.455  -10.201 1.00 7.39  ? 45   GLY A C   1 
ATOM   337  O O   . GLY A 1 45  ? -9.930  -2.302  -11.153 1.00 8.09  ? 45   GLY A O   1 
ATOM   338  N N   . PHE A 1 46  ? -10.438 -1.932  -9.011  1.00 7.06  ? 46   PHE A N   1 
ATOM   339  C CA  . PHE A 1 46  ? -9.272  -1.062  -8.858  1.00 6.35  ? 46   PHE A CA  1 
ATOM   340  C C   . PHE A 1 46  ? -7.986  -1.841  -8.757  1.00 7.25  ? 46   PHE A C   1 
ATOM   341  O O   . PHE A 1 46  ? -6.937  -1.444  -9.322  1.00 6.45  ? 46   PHE A O   1 
ATOM   342  C CB  . PHE A 1 46  ? -9.455  -0.210  -7.593  1.00 6.65  ? 46   PHE A CB  1 
ATOM   343  C CG  . PHE A 1 46  ? -8.268  0.715   -7.446  1.00 7.22  ? 46   PHE A CG  1 
ATOM   344  C CD1 . PHE A 1 46  ? -8.077  1.781   -8.319  1.00 7.22  ? 46   PHE A CD1 1 
ATOM   345  C CD2 . PHE A 1 46  ? -7.349  0.512   -6.456  1.00 6.70  ? 46   PHE A CD2 1 
ATOM   346  C CE1 . PHE A 1 46  ? -6.981  2.623   -8.194  1.00 7.65  ? 46   PHE A CE1 1 
ATOM   347  C CE2 . PHE A 1 46  ? -6.238  1.368   -6.319  1.00 6.98  ? 46   PHE A CE2 1 
ATOM   348  C CZ  . PHE A 1 46  ? -6.062  2.421   -7.184  1.00 7.55  ? 46   PHE A CZ  1 
ATOM   349  N N   . THR A 1 47  ? -7.926  -2.967  -8.015  1.00 7.58  ? 47   THR A N   1 
ATOM   350  C CA  . THR A 1 47  ? -6.677  -3.690  -7.824  1.00 6.49  ? 47   THR A CA  1 
ATOM   351  C C   . THR A 1 47  ? -5.926  -4.012  -9.103  1.00 6.59  ? 47   THR A C   1 
ATOM   352  O O   . THR A 1 47  ? -4.700  -3.739  -9.172  1.00 6.78  ? 47   THR A O   1 
ATOM   353  C CB  . THR A 1 47  ? -6.842  -4.937  -6.939  1.00 6.85  ? 47   THR A CB  1 
ATOM   354  O OG1 . THR A 1 47  ? -7.410  -4.562  -5.670  1.00 7.56  ? 47   THR A OG1 1 
ATOM   355  C CG2 . THR A 1 47  ? -5.521  -5.595  -6.665  1.00 9.59  ? 47   THR A CG2 1 
ATOM   356  N N   . PRO A 1 48  ? -6.551  -4.458  -10.174 1.00 6.21  ? 48   PRO A N   1 
ATOM   357  C CA  . PRO A 1 48  ? -5.811  -4.732  -11.415 1.00 6.93  ? 48   PRO A CA  1 
ATOM   358  C C   . PRO A 1 48  ? -5.240  -3.483  -12.062 1.00 6.93  ? 48   PRO A C   1 
ATOM   359  O O   . PRO A 1 48  ? -4.178  -3.552  -12.704 1.00 7.98  ? 48   PRO A O   1 
ATOM   360  C CB  . PRO A 1 48  ? -6.826  -5.391  -12.365 1.00 7.13  ? 48   PRO A CB  1 
ATOM   361  C CG  . PRO A 1 48  ? -7.870  -5.926  -11.437 1.00 9.54  ? 48   PRO A CG  1 
ATOM   362  C CD  . PRO A 1 48  ? -7.951  -4.970  -10.250 1.00 7.47  ? 48   PRO A CD  1 
ATOM   363  N N   . GLN A 1 49  ? -5.865  -2.323  -11.922 1.00 5.95  ? 49   GLN A N   1 
ATOM   364  C CA  . GLN A 1 49  ? -5.325  -1.055  -12.422 1.00 6.70  ? 49   GLN A CA  1 
ATOM   365  C C   . GLN A 1 49  ? -4.081  -0.701  -11.630 1.00 6.26  ? 49   GLN A C   1 
ATOM   366  O O   . GLN A 1 49  ? -3.075  -0.226  -12.218 1.00 6.84  ? 49   GLN A O   1 
ATOM   367  C CB  . GLN A 1 49  ? -6.369  0.068   -12.397 1.00 6.54  ? 49   GLN A CB  1 
ATOM   368  C CG  . GLN A 1 49  ? -7.595  -0.340  -13.243 1.00 6.06  ? 49   GLN A CG  1 
ATOM   369  C CD  . GLN A 1 49  ? -8.641  0.726   -13.057 1.00 7.36  ? 49   GLN A CD  1 
ATOM   370  O OE1 . GLN A 1 49  ? -8.555  1.855   -13.525 1.00 8.06  ? 49   GLN A OE1 1 
ATOM   371  N NE2 . GLN A 1 49  ? -9.681  0.324   -12.307 1.00 6.69  ? 49   GLN A NE2 1 
ATOM   372  N N   . LEU A 1 50  ? -4.094  -0.930  -10.322 1.00 6.51  ? 50   LEU A N   1 
ATOM   373  C CA  . LEU A 1 50  ? -2.884  -0.673  -9.546  1.00 7.56  ? 50   LEU A CA  1 
ATOM   374  C C   . LEU A 1 50  ? -1.794  -1.660  -9.858  1.00 6.94  ? 50   LEU A C   1 
ATOM   375  O O   . LEU A 1 50  ? -0.619  -1.281  -9.912  1.00 6.57  ? 50   LEU A O   1 
ATOM   376  C CB  . LEU A 1 50  ? -3.253  -0.706  -8.040  1.00 7.12  ? 50   LEU A CB  1 
ATOM   377  C CG  . LEU A 1 50  ? -2.067  -0.456  -7.097  1.00 5.09  ? 50   LEU A CG  1 
ATOM   378  C CD1 . LEU A 1 50  ? -1.385  0.877   -7.350  1.00 7.75  ? 50   LEU A CD1 1 
ATOM   379  C CD2 . LEU A 1 50  ? -2.531  -0.510  -5.617  1.00 6.93  ? 50   LEU A CD2 1 
ATOM   380  N N   . ILE A 1 51  ? -2.131  -2.920  -10.127 1.00 8.19  ? 51   ILE A N   1 
ATOM   381  C CA  . ILE A 1 51  ? -1.112  -3.900  -10.505 1.00 7.53  ? 51   ILE A CA  1 
ATOM   382  C C   . ILE A 1 51  ? -0.471  -3.477  -11.832 1.00 8.80  ? 51   ILE A C   1 
ATOM   383  O O   . ILE A 1 51  ? 0.749   -3.562  -11.948 1.00 7.34  ? 51   ILE A O   1 
ATOM   384  C CB  . ILE A 1 51  ? -1.688  -5.320  -10.587 1.00 7.73  ? 51   ILE A CB  1 
ATOM   385  C CG1 . ILE A 1 51  ? -2.033  -5.844  -9.182  1.00 7.71  ? 51   ILE A CG1 1 
ATOM   386  C CG2 . ILE A 1 51  ? -0.741  -6.262  -11.332 1.00 9.33  ? 51   ILE A CG2 1 
ATOM   387  C CD1 . ILE A 1 51  ? -2.819  -7.163  -9.262  1.00 9.20  ? 51   ILE A CD1 1 
ATOM   388  N N   . GLU A 1 52  ? -1.256  -3.079  -12.815 1.00 7.93  ? 52   GLU A N   1 
ATOM   389  C CA  . GLU A 1 52  ? -0.640  -2.664  -14.100 1.00 8.08  ? 52   GLU A CA  1 
ATOM   390  C C   . GLU A 1 52  ? 0.280   -1.490  -13.886 1.00 8.40  ? 52   GLU A C   1 
ATOM   391  O O   . GLU A 1 52  ? 1.419   -1.494  -14.384 1.00 9.78  ? 52   GLU A O   1 
ATOM   392  C CB  . GLU A 1 52  ? -1.820  -2.263  -15.010 1.00 9.94  ? 52   GLU A CB  1 
ATOM   393  C CG  . GLU A 1 52  ? -1.320  -1.750  -16.377 1.00 11.85 ? 52   GLU A CG  1 
ATOM   394  C CD  . GLU A 1 52  ? -2.410  -1.396  -17.353 1.00 15.40 ? 52   GLU A CD  1 
ATOM   395  O OE1 . GLU A 1 52  ? -3.614  -1.533  -17.025 1.00 17.87 ? 52   GLU A OE1 1 
ATOM   396  O OE2 . GLU A 1 52  ? -2.055  -0.965  -18.470 1.00 15.32 ? 52   GLU A OE2 1 
ATOM   397  N N   . PHE A 1 53  ? -0.115  -0.490  -13.080 1.00 8.00  ? 53   PHE A N   1 
ATOM   398  C CA  . PHE A 1 53  ? 0.717   0.694   -12.816 1.00 7.39  ? 53   PHE A CA  1 
ATOM   399  C C   . PHE A 1 53  ? 1.972   0.264   -12.080 1.00 8.11  ? 53   PHE A C   1 
ATOM   400  O O   . PHE A 1 53  ? 3.125   0.688   -12.387 1.00 8.56  ? 53   PHE A O   1 
ATOM   401  C CB  . PHE A 1 53  ? -0.104  1.728   -12.009 1.00 7.66  ? 53   PHE A CB  1 
ATOM   402  C CG  . PHE A 1 53  ? 0.649   3.028   -11.831 1.00 7.07  ? 53   PHE A CG  1 
ATOM   403  C CD1 . PHE A 1 53  ? 0.525   3.951   -12.869 1.00 8.06  ? 53   PHE A CD1 1 
ATOM   404  C CD2 . PHE A 1 53  ? 1.450   3.327   -10.750 1.00 8.73  ? 53   PHE A CD2 1 
ATOM   405  C CE1 . PHE A 1 53  ? 1.171   5.175   -12.820 1.00 10.58 ? 53   PHE A CE1 1 
ATOM   406  C CE2 . PHE A 1 53  ? 2.097   4.573   -10.700 1.00 9.35  ? 53   PHE A CE2 1 
ATOM   407  C CZ  . PHE A 1 53  ? 1.964   5.487   -11.721 1.00 9.66  ? 53   PHE A CZ  1 
ATOM   408  N N   . TYR A 1 54  ? 1.829   -0.601  -11.084 1.00 8.43  ? 54   TYR A N   1 
ATOM   409  C CA  . TYR A 1 54  ? 2.997   -1.086  -10.361 1.00 7.64  ? 54   TYR A CA  1 
ATOM   410  C C   . TYR A 1 54  ? 3.999   -1.837  -11.230 1.00 9.53  ? 54   TYR A C   1 
ATOM   411  O O   . TYR A 1 54  ? 5.208   -1.560  -11.159 1.00 9.86  ? 54   TYR A O   1 
ATOM   412  C CB  . TYR A 1 54  ? 2.549   -2.014  -9.239  1.00 9.40  ? 54   TYR A CB  1 
ATOM   413  C CG  . TYR A 1 54  ? 3.579   -2.637  -8.357  1.00 8.67  ? 54   TYR A CG  1 
ATOM   414  C CD1 . TYR A 1 54  ? 4.014   -1.974  -7.223  1.00 7.90  ? 54   TYR A CD1 1 
ATOM   415  C CD2 . TYR A 1 54  ? 4.132   -3.880  -8.627  1.00 9.32  ? 54   TYR A CD2 1 
ATOM   416  C CE1 . TYR A 1 54  ? 4.969   -2.495  -6.356  1.00 7.98  ? 54   TYR A CE1 1 
ATOM   417  C CE2 . TYR A 1 54  ? 5.069   -4.421  -7.779  1.00 8.84  ? 54   TYR A CE2 1 
ATOM   418  C CZ  . TYR A 1 54  ? 5.495   -3.748  -6.654  1.00 7.31  ? 54   TYR A CZ  1 
ATOM   419  O OH  . TYR A 1 54  ? 6.425   -4.300  -5.819  1.00 9.96  ? 54   TYR A OH  1 
ATOM   420  N N   . ASP A 1 55  ? 3.491   -2.715  -12.076 1.00 9.58  ? 55   ASP A N   1 
ATOM   421  C CA  . ASP A 1 55  ? 4.427   -3.464  -12.944 1.00 10.24 ? 55   ASP A CA  1 
ATOM   422  C C   . ASP A 1 55  ? 5.097   -2.532  -13.911 1.00 10.42 ? 55   ASP A C   1 
ATOM   423  O O   . ASP A 1 55  ? 6.342   -2.724  -14.110 1.00 11.54 ? 55   ASP A O   1 
ATOM   424  C CB  . ASP A 1 55  ? 3.686   -4.587  -13.637 1.00 12.94 ? 55   ASP A CB  1 
ATOM   425  C CG  . ASP A 1 55  ? 3.349   -5.761  -12.748 1.00 15.24 ? 55   ASP A CG  1 
ATOM   426  O OD1 . ASP A 1 55  ? 3.904   -5.925  -11.636 1.00 16.87 ? 55   ASP A OD1 1 
ATOM   427  O OD2 . ASP A 1 55  ? 2.482   -6.541  -13.217 1.00 17.47 ? 55   ASP A OD2 1 
ATOM   428  N N   . LYS A 1 56  ? 4.443   -1.511  -14.457 1.00 8.63  ? 56   LYS A N   1 
ATOM   429  C CA  . LYS A 1 56  ? 5.102   -0.593  -15.349 1.00 10.15 ? 56   LYS A CA  1 
ATOM   430  C C   . LYS A 1 56  ? 6.120   0.279   -14.676 1.00 11.37 ? 56   LYS A C   1 
ATOM   431  O O   . LYS A 1 56  ? 7.152   0.645   -15.286 1.00 12.27 ? 56   LYS A O   1 
ATOM   432  C CB  . LYS A 1 56  ? 4.074   0.432   -15.903 1.00 9.85  ? 56   LYS A CB  1 
ATOM   433  C CG  . LYS A 1 56  ? 3.153   -0.174  -16.930 1.00 10.97 ? 56   LYS A CG  1 
ATOM   434  C CD  . LYS A 1 56  ? 2.098   0.813   -17.386 1.00 10.42 ? 56   LYS A CD  1 
ATOM   435  C CE  . LYS A 1 56  ? 1.243   0.329   -18.539 1.00 13.48 ? 56   LYS A CE  1 
ATOM   436  N NZ  . LYS A 1 56  ? 0.097   1.236   -18.836 1.00 14.05 ? 56   LYS A NZ  1 
ATOM   437  N N   . PHE A 1 57  ? 5.816   0.806   -13.476 1.00 8.62  ? 57   PHE A N   1 
ATOM   438  C CA  . PHE A 1 57  ? 6.584   1.913   -12.928 1.00 9.46  ? 57   PHE A CA  1 
ATOM   439  C C   . PHE A 1 57  ? 7.198   1.725   -11.569 1.00 8.94  ? 57   PHE A C   1 
ATOM   440  O O   . PHE A 1 57  ? 7.915   2.665   -11.135 1.00 9.51  ? 57   PHE A O   1 
ATOM   441  C CB  . PHE A 1 57  ? 5.631   3.154   -12.882 1.00 9.87  ? 57   PHE A CB  1 
ATOM   442  C CG  . PHE A 1 57  ? 5.053   3.559   -14.200 1.00 10.00 ? 57   PHE A CG  1 
ATOM   443  C CD1 . PHE A 1 57  ? 5.905   3.853   -15.269 1.00 11.86 ? 57   PHE A CD1 1 
ATOM   444  C CD2 . PHE A 1 57  ? 3.701   3.662   -14.420 1.00 11.59 ? 57   PHE A CD2 1 
ATOM   445  C CE1 . PHE A 1 57  ? 5.423   4.225   -16.509 1.00 11.41 ? 57   PHE A CE1 1 
ATOM   446  C CE2 . PHE A 1 57  ? 3.188   4.037   -15.648 1.00 11.16 ? 57   PHE A CE2 1 
ATOM   447  C CZ  . PHE A 1 57  ? 4.040   4.330   -16.701 1.00 12.05 ? 57   PHE A CZ  1 
ATOM   448  N N   . HIS A 1 58  ? 7.008   0.628   -10.828 1.00 8.77  ? 58   HIS A N   1 
ATOM   449  C CA  . HIS A 1 58  ? 7.572   0.604   -9.477  1.00 9.16  ? 58   HIS A CA  1 
ATOM   450  C C   . HIS A 1 58  ? 9.088   0.795   -9.465  1.00 9.22  ? 58   HIS A C   1 
ATOM   451  O O   . HIS A 1 58  ? 9.613   1.376   -8.572  1.00 9.21  ? 58   HIS A O   1 
ATOM   452  C CB  . HIS A 1 58  ? 7.060   -0.578  -8.651  1.00 9.80  ? 58   HIS A CB  1 
ATOM   453  C CG  . HIS A 1 58  ? 7.760   -1.864  -8.894  1.00 11.04 ? 58   HIS A CG  1 
ATOM   454  N ND1 . HIS A 1 58  ? 7.471   -2.695  -9.946  1.00 14.41 ? 58   HIS A ND1 1 
ATOM   455  C CD2 . HIS A 1 58  ? 8.758   -2.455  -8.184  1.00 13.94 ? 58   HIS A CD2 1 
ATOM   456  C CE1 . HIS A 1 58  ? 8.274   -3.755  -9.877  1.00 15.11 ? 58   HIS A CE1 1 
ATOM   457  N NE2 . HIS A 1 58  ? 9.053   -3.642  -8.832  1.00 16.25 ? 58   HIS A NE2 1 
ATOM   458  N N   . GLU A 1 59  ? 9.765   0.246   -10.486 1.00 10.79 ? 59   GLU A N   1 
ATOM   459  C CA  . GLU A 1 59  ? 11.221  0.456   -10.524 1.00 11.45 ? 59   GLU A CA  1 
ATOM   460  C C   . GLU A 1 59  ? 11.571  1.830   -11.086 1.00 10.60 ? 59   GLU A C   1 
ATOM   461  O O   . GLU A 1 59  ? 12.304  2.573   -10.398 1.00 12.02 ? 59   GLU A O   1 
ATOM   462  C CB  . GLU A 1 59  ? 11.864  -0.637  -11.374 1.00 11.27 ? 59   GLU A CB  1 
ATOM   463  C CG  . GLU A 1 59  ? 11.525  -2.066  -10.973 1.00 17.28 ? 59   GLU A CG  1 
ATOM   464  C CD  . GLU A 1 59  ? 11.651  -2.967  -12.198 1.00 19.92 ? 59   GLU A CD  1 
ATOM   465  O OE1 . GLU A 1 59  ? 12.756  -2.968  -12.787 1.00 23.19 ? 59   GLU A OE1 1 
ATOM   466  O OE2 . GLU A 1 59  ? 10.659  -3.643  -12.551 1.00 22.09 ? 59   GLU A OE2 1 
ATOM   467  N N   . SER A 1 60  ? 11.016  2.205   -12.232 1.00 10.62 ? 60   SER A N   1 
ATOM   468  C CA  . SER A 1 60  ? 11.403  3.473   -12.854 1.00 12.00 ? 60   SER A CA  1 
ATOM   469  C C   . SER A 1 60  ? 10.990  4.699   -12.082 1.00 12.33 ? 60   SER A C   1 
ATOM   470  O O   . SER A 1 60  ? 11.629  5.751   -12.149 1.00 14.83 ? 60   SER A O   1 
ATOM   471  C CB  . SER A 1 60  ? 10.974  3.525   -14.313 1.00 14.12 ? 60   SER A CB  1 
ATOM   472  O OG  . SER A 1 60  ? 9.539   3.587   -14.431 1.00 14.04 ? 60   SER A OG  1 
ATOM   473  N N   . LYS A 1 61  ? 9.873   4.638   -11.361 1.00 10.40 ? 61   LYS A N   1 
ATOM   474  C CA  . LYS A 1 61  ? 9.370   5.739   -10.538 1.00 10.44 ? 61   LYS A CA  1 
ATOM   475  C C   . LYS A 1 61  ? 9.653   5.493   -9.050  1.00 10.00 ? 61   LYS A C   1 
ATOM   476  O O   . LYS A 1 61  ? 9.184   6.257   -8.218  1.00 10.65 ? 61   LYS A O   1 
ATOM   477  C CB  . LYS A 1 61  ? 7.890   6.046   -10.787 1.00 10.19 ? 61   LYS A CB  1 
ATOM   478  C CG  . LYS A 1 61  ? 7.580   6.385   -12.250 1.00 9.73  ? 61   LYS A CG  1 
ATOM   479  C CD  . LYS A 1 61  ? 6.262   7.108   -12.430 1.00 11.68 ? 61   LYS A CD  1 
ATOM   480  C CE  . LYS A 1 61  ? 5.848   7.170   -13.881 1.00 11.56 ? 61   LYS A CE  1 
ATOM   481  N NZ  . LYS A 1 61  ? 6.818   7.979   -14.701 1.00 13.97 ? 61   LYS A NZ  1 
ATOM   482  N N   . ASN A 1 62  ? 10.459  4.485   -8.741  1.00 9.15  ? 62   ASN A N   1 
ATOM   483  C CA  . ASN A 1 62  ? 10.960  4.199   -7.428  1.00 10.57 ? 62   ASN A CA  1 
ATOM   484  C C   . ASN A 1 62  ? 9.976   4.251   -6.261  1.00 9.58  ? 62   ASN A C   1 
ATOM   485  O O   . ASN A 1 62  ? 10.074  5.060   -5.326  1.00 9.09  ? 62   ASN A O   1 
ATOM   486  C CB  . ASN A 1 62  ? 12.141  5.154   -7.121  1.00 12.93 ? 62   ASN A CB  1 
ATOM   487  C CG  . ASN A 1 62  ? 13.001  4.571   -6.006  1.00 14.15 ? 62   ASN A CG  1 
ATOM   488  O OD1 . ASN A 1 62  ? 13.492  5.383   -5.233  1.00 18.85 ? 62   ASN A OD1 1 
ATOM   489  N ND2 . ASN A 1 62  ? 13.183  3.273   -5.913  1.00 13.05 ? 62   ASN A ND2 1 
ATOM   490  N N   . PHE A 1 63  ? 8.991   3.337   -6.392  1.00 8.60  ? 63   PHE A N   1 
ATOM   491  C CA  . PHE A 1 63  ? 8.007   3.234   -5.314  1.00 7.98  ? 63   PHE A CA  1 
ATOM   492  C C   . PHE A 1 63  ? 7.779   1.758   -4.991  1.00 8.01  ? 63   PHE A C   1 
ATOM   493  O O   . PHE A 1 63  ? 8.102   0.850   -5.766  1.00 8.33  ? 63   PHE A O   1 
ATOM   494  C CB  . PHE A 1 63  ? 6.692   3.960   -5.626  1.00 7.16  ? 63   PHE A CB  1 
ATOM   495  C CG  . PHE A 1 63  ? 5.913   3.445   -6.811  1.00 7.01  ? 63   PHE A CG  1 
ATOM   496  C CD1 . PHE A 1 63  ? 5.010   2.405   -6.590  1.00 7.41  ? 63   PHE A CD1 1 
ATOM   497  C CD2 . PHE A 1 63  ? 6.047   3.945   -8.090  1.00 7.06  ? 63   PHE A CD2 1 
ATOM   498  C CE1 . PHE A 1 63  ? 4.276   1.909   -7.663  1.00 7.18  ? 63   PHE A CE1 1 
ATOM   499  C CE2 . PHE A 1 63  ? 5.320   3.456   -9.131  1.00 8.91  ? 63   PHE A CE2 1 
ATOM   500  C CZ  . PHE A 1 63  ? 4.420   2.415   -8.941  1.00 7.59  ? 63   PHE A CZ  1 
ATOM   501  N N   . GLU A 1 64  ? 7.082   1.589   -3.877  1.00 6.81  ? 64   GLU A N   1 
ATOM   502  C CA  . GLU A 1 64  ? 6.652   0.263   -3.432  1.00 7.13  ? 64   GLU A CA  1 
ATOM   503  C C   . GLU A 1 64  ? 5.222   0.345   -2.925  1.00 7.30  ? 64   GLU A C   1 
ATOM   504  O O   . GLU A 1 64  ? 4.779   1.451   -2.553  1.00 6.80  ? 64   GLU A O   1 
ATOM   505  C CB  . GLU A 1 64  ? 7.581   -0.285  -2.345  1.00 8.51  ? 64   GLU A CB  1 
ATOM   506  C CG  . GLU A 1 64  ? 7.346   -1.724  -1.854  1.00 10.24 ? 64   GLU A CG  1 
ATOM   507  C CD  . GLU A 1 64  ? 7.389   -2.665  -3.067  1.00 11.16 ? 64   GLU A CD  1 
ATOM   508  O OE1 . GLU A 1 64  ? 8.475   -3.172  -3.431  1.00 14.12 ? 64   GLU A OE1 1 
ATOM   509  O OE2 . GLU A 1 64  ? 6.349   -2.904  -3.652  1.00 9.10  ? 64   GLU A OE2 1 
ATOM   510  N N   . VAL A 1 65  ? 4.517   -0.773  -2.948  1.00 7.29  ? 65   VAL A N   1 
ATOM   511  C CA  . VAL A 1 65  ? 3.124   -0.793  -2.411  1.00 6.70  ? 65   VAL A CA  1 
ATOM   512  C C   . VAL A 1 65  ? 3.120   -1.773  -1.260  1.00 6.32  ? 65   VAL A C   1 
ATOM   513  O O   . VAL A 1 65  ? 3.697   -2.879  -1.320  1.00 7.42  ? 65   VAL A O   1 
ATOM   514  C CB  . VAL A 1 65  ? 2.144   -1.228  -3.501  1.00 6.27  ? 65   VAL A CB  1 
ATOM   515  C CG1 . VAL A 1 65  ? 0.745   -1.414  -2.914  1.00 7.52  ? 65   VAL A CG1 1 
ATOM   516  C CG2 . VAL A 1 65  ? 2.083   -0.193  -4.618  1.00 8.05  ? 65   VAL A CG2 1 
ATOM   517  N N   . VAL A 1 66  ? 2.472   -1.385  -0.158  1.00 6.47  ? 66   VAL A N   1 
ATOM   518  C CA  . VAL A 1 66  ? 2.358   -2.206  1.027   1.00 7.27  ? 66   VAL A CA  1 
ATOM   519  C C   . VAL A 1 66  ? 0.880   -2.436  1.296   1.00 6.32  ? 66   VAL A C   1 
ATOM   520  O O   . VAL A 1 66  ? 0.163   -1.480  1.655   1.00 6.35  ? 66   VAL A O   1 
ATOM   521  C CB  . VAL A 1 66  ? 3.028   -1.541  2.244   1.00 6.04  ? 66   VAL A CB  1 
ATOM   522  C CG1 . VAL A 1 66  ? 2.793   -2.370  3.519   1.00 8.34  ? 66   VAL A CG1 1 
ATOM   523  C CG2 . VAL A 1 66  ? 4.522   -1.331  1.975   1.00 8.39  ? 66   VAL A CG2 1 
ATOM   524  N N   . PHE A 1 67  ? 0.425   -3.661  1.122   1.00 6.73  ? 67   PHE A N   1 
ATOM   525  C CA  . PHE A 1 67  ? -0.997  -3.987  1.342   1.00 6.07  ? 67   PHE A CA  1 
ATOM   526  C C   . PHE A 1 67  ? -1.311  -3.962  2.838   1.00 6.57  ? 67   PHE A C   1 
ATOM   527  O O   . PHE A 1 67  ? -0.616  -4.591  3.656   1.00 7.71  ? 67   PHE A O   1 
ATOM   528  C CB  . PHE A 1 67  ? -1.272  -5.353  0.725   1.00 6.54  ? 67   PHE A CB  1 
ATOM   529  C CG  . PHE A 1 67  ? -2.614  -5.941  1.111   1.00 6.71  ? 67   PHE A CG  1 
ATOM   530  C CD1 . PHE A 1 67  ? -3.790  -5.240  0.993   1.00 7.56  ? 67   PHE A CD1 1 
ATOM   531  C CD2 . PHE A 1 67  ? -2.695  -7.240  1.590   1.00 7.50  ? 67   PHE A CD2 1 
ATOM   532  C CE1 . PHE A 1 67  ? -5.015  -5.775  1.349   1.00 7.55  ? 67   PHE A CE1 1 
ATOM   533  C CE2 . PHE A 1 67  ? -3.903  -7.830  1.950   1.00 6.78  ? 67   PHE A CE2 1 
ATOM   534  C CZ  . PHE A 1 67  ? -5.046  -7.078  1.819   1.00 7.15  ? 67   PHE A CZ  1 
ATOM   535  N N   . CYS A 1 68  ? -2.347  -3.218  3.175   1.00 6.90  ? 68   CYS A N   1 
ATOM   536  C CA  . CYS A 1 68  ? -2.832  -3.053  4.544   1.00 7.12  ? 68   CYS A CA  1 
ATOM   537  C C   . CYS A 1 68  ? -4.255  -3.572  4.590   1.00 6.98  ? 68   CYS A C   1 
ATOM   538  O O   . CYS A 1 68  ? -5.168  -2.884  4.122   1.00 7.74  ? 68   CYS A O   1 
ATOM   539  C CB  . CYS A 1 68  ? -2.783  -1.550  4.811   1.00 7.59  ? 68   CYS A CB  1 
ATOM   540  S SG  . CYS A 1 68  ? -1.126  -0.873  4.995   1.00 7.78  ? 68   CYS A SG  1 
ATOM   541  N N   . THR A 1 69  ? -4.460  -4.802  5.036   1.00 7.25  ? 69   THR A N   1 
ATOM   542  C CA  . THR A 1 69  ? -5.768  -5.407  4.927   1.00 6.54  ? 69   THR A CA  1 
ATOM   543  C C   . THR A 1 69  ? -6.838  -4.863  5.854   1.00 7.10  ? 69   THR A C   1 
ATOM   544  O O   . THR A 1 69  ? -6.596  -4.474  6.989   1.00 8.70  ? 69   THR A O   1 
ATOM   545  C CB  . THR A 1 69  ? -5.624  -6.926  5.169   1.00 8.19  ? 69   THR A CB  1 
ATOM   546  O OG1 . THR A 1 69  ? -6.839  -7.528  4.721   1.00 9.49  ? 69   THR A OG1 1 
ATOM   547  C CG2 . THR A 1 69  ? -5.466  -7.279  6.646   1.00 10.05 ? 69   THR A CG2 1 
ATOM   548  N N   . TRP A 1 70  ? -8.060  -4.805  5.319   1.00 6.82  ? 70   TRP A N   1 
ATOM   549  C CA  . TRP A 1 70  ? -9.281  -4.586  6.101   1.00 7.33  ? 70   TRP A CA  1 
ATOM   550  C C   . TRP A 1 70  ? -10.088 -5.894  6.207   1.00 8.73  ? 70   TRP A C   1 
ATOM   551  O O   . TRP A 1 70  ? -11.227 -5.899  6.703   1.00 8.21  ? 70   TRP A O   1 
ATOM   552  C CB  . TRP A 1 70  ? -10.179 -3.476  5.529   1.00 7.37  ? 70   TRP A CB  1 
ATOM   553  C CG  . TRP A 1 70  ? -9.738  -2.096  5.980   1.00 6.39  ? 70   TRP A CG  1 
ATOM   554  C CD1 . TRP A 1 70  ? -8.528  -1.695  6.493   1.00 7.62  ? 70   TRP A CD1 1 
ATOM   555  C CD2 . TRP A 1 70  ? -10.576 -0.946  5.928   1.00 6.49  ? 70   TRP A CD2 1 
ATOM   556  N NE1 . TRP A 1 70  ? -8.589  -0.330  6.754   1.00 7.66  ? 70   TRP A NE1 1 
ATOM   557  C CE2 . TRP A 1 70  ? -9.809  0.136   6.426   1.00 7.39  ? 70   TRP A CE2 1 
ATOM   558  C CE3 . TRP A 1 70  ? -11.879 -0.720  5.524   1.00 6.78  ? 70   TRP A CE3 1 
ATOM   559  C CZ2 . TRP A 1 70  ? -10.371 1.398   6.519   1.00 7.45  ? 70   TRP A CZ2 1 
ATOM   560  C CZ3 . TRP A 1 70  ? -12.428 0.540   5.602   1.00 6.76  ? 70   TRP A CZ3 1 
ATOM   561  C CH2 . TRP A 1 70  ? -11.655 1.588   6.099   1.00 7.61  ? 70   TRP A CH2 1 
ATOM   562  N N   . ASP A 1 71  ? -9.557  -7.019  5.704   1.00 8.11  ? 71   ASP A N   1 
ATOM   563  C CA  . ASP A 1 71  ? -10.241 -8.290  5.937   1.00 9.96  ? 71   ASP A CA  1 
ATOM   564  C C   . ASP A 1 71  ? -10.040 -8.656  7.403   1.00 11.19 ? 71   ASP A C   1 
ATOM   565  O O   . ASP A 1 71  ? -8.976  -8.430  7.978   1.00 11.75 ? 71   ASP A O   1 
ATOM   566  C CB  . ASP A 1 71  ? -9.610  -9.425  5.122   1.00 9.86  ? 71   ASP A CB  1 
ATOM   567  C CG  . ASP A 1 71  ? -10.155 -9.431  3.710   1.00 10.66 ? 71   ASP A CG  1 
ATOM   568  O OD1 . ASP A 1 71  ? -11.384 -9.576  3.526   1.00 11.41 ? 71   ASP A OD1 1 
ATOM   569  O OD2 . ASP A 1 71  ? -9.317  -9.267  2.783   1.00 10.41 ? 71   ASP A OD2 1 
ATOM   570  N N   . GLU A 1 72  ? -11.028 -9.360  7.956   1.00 10.93 ? 72   GLU A N   1 
ATOM   571  C CA  . GLU A 1 72  ? -11.003 -9.821  9.345   1.00 11.89 ? 72   GLU A CA  1 
ATOM   572  C C   . GLU A 1 72  ? -10.988 -11.331 9.440   1.00 13.23 ? 72   GLU A C   1 
ATOM   573  O O   . GLU A 1 72  ? -11.013 -11.802 10.610  1.00 15.41 ? 72   GLU A O   1 
ATOM   574  C CB  . GLU A 1 72  ? -12.170 -9.214  10.129  1.00 12.10 ? 72   GLU A CB  1 
ATOM   575  C CG  . GLU A 1 72  ? -11.992 -7.705  10.205  1.00 11.12 ? 72   GLU A CG  1 
ATOM   576  C CD  . GLU A 1 72  ? -13.019 -7.013  11.033  1.00 8.95  ? 72   GLU A CD  1 
ATOM   577  O OE1 . GLU A 1 72  ? -13.424 -7.498  12.106  1.00 10.50 ? 72   GLU A OE1 1 
ATOM   578  O OE2 . GLU A 1 72  ? -13.466 -5.916  10.637  1.00 9.25  ? 72   GLU A OE2 1 
ATOM   579  N N   . GLU A 1 73  ? -11.027 -12.021 8.318   1.00 11.51 ? 73   GLU A N   1 
ATOM   580  C CA  . GLU A 1 73  ? -10.906 -13.504 8.421   1.00 12.34 ? 73   GLU A CA  1 
ATOM   581  C C   . GLU A 1 73  ? -9.446  -13.815 8.135   1.00 13.24 ? 73   GLU A C   1 
ATOM   582  O O   . GLU A 1 73  ? -8.946  -13.686 6.997   1.00 14.40 ? 73   GLU A O   1 
ATOM   583  C CB  . GLU A 1 73  ? -11.756 -14.090 7.305   1.00 13.36 ? 73   GLU A CB  1 
ATOM   584  C CG  . GLU A 1 73  ? -13.251 -13.944 7.502   1.00 14.38 ? 73   GLU A CG  1 
ATOM   585  C CD  . GLU A 1 73  ? -14.009 -14.411 6.271   1.00 14.54 ? 73   GLU A CD  1 
ATOM   586  O OE1 . GLU A 1 73  ? -13.952 -13.733 5.222   1.00 14.99 ? 73   GLU A OE1 1 
ATOM   587  O OE2 . GLU A 1 73  ? -14.667 -15.464 6.350   1.00 14.28 ? 73   GLU A OE2 1 
ATOM   588  N N   . GLU A 1 74  ? -8.707  -14.345 9.088   1.00 14.16 ? 74   GLU A N   1 
ATOM   589  C CA  . GLU A 1 74  ? -7.299  -14.638 8.934   1.00 15.06 ? 74   GLU A CA  1 
ATOM   590  C C   . GLU A 1 74  ? -7.067  -15.661 7.839   1.00 15.02 ? 74   GLU A C   1 
ATOM   591  O O   . GLU A 1 74  ? -6.113  -15.575 7.052   1.00 14.32 ? 74   GLU A O   1 
ATOM   592  C CB  . GLU A 1 74  ? -6.787  -15.213 10.266  1.00 18.32 ? 74   GLU A CB  1 
ATOM   593  C CG  . GLU A 1 74  ? -5.306  -15.531 10.217  1.00 21.80 ? 74   GLU A CG  1 
ATOM   594  C CD  . GLU A 1 74  ? -4.737  -16.113 11.488  1.00 24.37 ? 74   GLU A CD  1 
ATOM   595  O OE1 . GLU A 1 74  ? -5.421  -16.175 12.535  1.00 25.57 ? 74   GLU A OE1 1 
ATOM   596  O OE2 . GLU A 1 74  ? -3.558  -16.530 11.444  1.00 25.07 ? 74   GLU A OE2 1 
ATOM   597  N N   . ASP A 1 75  ? -7.965  -16.626 7.733   1.00 14.45 ? 75   ASP A N   1 
ATOM   598  C CA  . ASP A 1 75  ? -7.793  -17.696 6.761   1.00 16.61 ? 75   ASP A CA  1 
ATOM   599  C C   . ASP A 1 75  ? -7.887  -17.241 5.330   1.00 15.45 ? 75   ASP A C   1 
ATOM   600  O O   . ASP A 1 75  ? -7.408  -17.978 4.463   1.00 14.08 ? 75   ASP A O   1 
ATOM   601  C CB  . ASP A 1 75  ? -8.711  -18.860 7.150   1.00 20.33 ? 75   ASP A CB  1 
ATOM   602  C CG  . ASP A 1 75  ? -8.098  -19.635 8.311   1.00 21.47 ? 75   ASP A CG  1 
ATOM   603  O OD1 . ASP A 1 75  ? -7.031  -19.258 8.823   1.00 23.44 ? 75   ASP A OD1 1 
ATOM   604  O OD2 . ASP A 1 75  ? -8.761  -20.631 8.662   1.00 23.67 ? 75   ASP A OD2 1 
ATOM   605  N N   . GLY A 1 76  ? -8.389  -16.070 4.970   1.00 13.24 ? 76   GLY A N   1 
ATOM   606  C CA  . GLY A 1 76  ? -8.410  -15.663 3.591   1.00 12.37 ? 76   GLY A CA  1 
ATOM   607  C C   . GLY A 1 76  ? -7.239  -14.754 3.207   1.00 10.58 ? 76   GLY A C   1 
ATOM   608  O O   . GLY A 1 76  ? -7.111  -14.461 2.025   1.00 11.67 ? 76   GLY A O   1 
ATOM   609  N N   . PHE A 1 77  ? -6.392  -14.382 4.141   1.00 11.18 ? 77   PHE A N   1 
ATOM   610  C CA  . PHE A 1 77  ? -5.316  -13.432 3.880   1.00 10.18 ? 77   PHE A CA  1 
ATOM   611  C C   . PHE A 1 77  ? -4.341  -13.988 2.866   1.00 10.29 ? 77   PHE A C   1 
ATOM   612  O O   . PHE A 1 77  ? -3.972  -13.313 1.902   1.00 11.15 ? 77   PHE A O   1 
ATOM   613  C CB  . PHE A 1 77  ? -4.546  -13.118 5.156   1.00 10.66 ? 77   PHE A CB  1 
ATOM   614  C CG  . PHE A 1 77  ? -3.446  -12.100 4.978   1.00 12.25 ? 77   PHE A CG  1 
ATOM   615  C CD1 . PHE A 1 77  ? -3.708  -10.745 4.988   1.00 12.96 ? 77   PHE A CD1 1 
ATOM   616  C CD2 . PHE A 1 77  ? -2.142  -12.509 4.791   1.00 13.23 ? 77   PHE A CD2 1 
ATOM   617  C CE1 . PHE A 1 77  ? -2.667  -9.829  4.817   1.00 12.71 ? 77   PHE A CE1 1 
ATOM   618  C CE2 . PHE A 1 77  ? -1.103  -11.627 4.619   1.00 14.48 ? 77   PHE A CE2 1 
ATOM   619  C CZ  . PHE A 1 77  ? -1.382  -10.274 4.630   1.00 13.60 ? 77   PHE A CZ  1 
ATOM   620  N N   . ALA A 1 78  ? -3.853  -15.206 3.113   1.00 11.47 ? 78   ALA A N   1 
ATOM   621  C CA  . ALA A 1 78  ? -2.824  -15.755 2.232   1.00 12.67 ? 78   ALA A CA  1 
ATOM   622  C C   . ALA A 1 78  ? -3.291  -15.776 0.798   1.00 12.44 ? 78   ALA A C   1 
ATOM   623  O O   . ALA A 1 78  ? -2.536  -15.346 -0.088  1.00 12.44 ? 78   ALA A O   1 
ATOM   624  C CB  . ALA A 1 78  ? -2.436  -17.166 2.643   1.00 12.10 ? 78   ALA A CB  1 
ATOM   625  N N   . GLY A 1 79  ? -4.466  -16.281 0.496   1.00 12.94 ? 79   GLY A N   1 
ATOM   626  C CA  . GLY A 1 79  ? -4.981  -16.367 -0.858  1.00 11.79 ? 79   GLY A CA  1 
ATOM   627  C C   . GLY A 1 79  ? -5.205  -14.981 -1.462  1.00 12.45 ? 79   GLY A C   1 
ATOM   628  O O   . GLY A 1 79  ? -4.966  -14.882 -2.670  1.00 14.13 ? 79   GLY A O   1 
ATOM   629  N N   . TYR A 1 80  ? -5.741  -14.033 -0.714  1.00 11.70 ? 80   TYR A N   1 
ATOM   630  C CA  . TYR A 1 80  ? -5.955  -12.689 -1.248  1.00 10.90 ? 80   TYR A CA  1 
ATOM   631  C C   . TYR A 1 80  ? -4.627  -11.956 -1.535  1.00 10.32 ? 80   TYR A C   1 
ATOM   632  O O   . TYR A 1 80  ? -4.463  -11.433 -2.653  1.00 10.68 ? 80   TYR A O   1 
ATOM   633  C CB  . TYR A 1 80  ? -6.802  -11.876 -0.243  1.00 8.91  ? 80   TYR A CB  1 
ATOM   634  C CG  . TYR A 1 80  ? -7.253  -10.549 -0.815  1.00 8.19  ? 80   TYR A CG  1 
ATOM   635  C CD1 . TYR A 1 80  ? -8.093  -10.398 -1.904  1.00 8.52  ? 80   TYR A CD1 1 
ATOM   636  C CD2 . TYR A 1 80  ? -6.783  -9.372  -0.215  1.00 8.74  ? 80   TYR A CD2 1 
ATOM   637  C CE1 . TYR A 1 80  ? -8.460  -9.161  -2.378  1.00 9.55  ? 80   TYR A CE1 1 
ATOM   638  C CE2 . TYR A 1 80  ? -7.154  -8.126  -0.687  1.00 8.71  ? 80   TYR A CE2 1 
ATOM   639  C CZ  . TYR A 1 80  ? -7.987  -8.016  -1.768  1.00 7.11  ? 80   TYR A CZ  1 
ATOM   640  O OH  . TYR A 1 80  ? -8.337  -6.771  -2.241  1.00 9.34  ? 80   TYR A OH  1 
ATOM   641  N N   . PHE A 1 81  ? -3.687  -12.016 -0.616  1.00 8.80  ? 81   PHE A N   1 
ATOM   642  C CA  . PHE A 1 81  ? -2.386  -11.350 -0.846  1.00 10.00 ? 81   PHE A CA  1 
ATOM   643  C C   . PHE A 1 81  ? -1.604  -12.072 -1.911  1.00 9.71  ? 81   PHE A C   1 
ATOM   644  O O   . PHE A 1 81  ? -0.840  -11.449 -2.657  1.00 9.42  ? 81   PHE A O   1 
ATOM   645  C CB  . PHE A 1 81  ? -1.626  -11.182 0.481   1.00 8.93  ? 81   PHE A CB  1 
ATOM   646  C CG  . PHE A 1 81  ? -0.191  -10.738 0.291   1.00 8.48  ? 81   PHE A CG  1 
ATOM   647  C CD1 . PHE A 1 81  ? 0.055   -9.524  -0.365  1.00 10.59 ? 81   PHE A CD1 1 
ATOM   648  C CD2 . PHE A 1 81  ? 0.864   -11.499 0.731   1.00 10.97 ? 81   PHE A CD2 1 
ATOM   649  C CE1 . PHE A 1 81  ? 1.353   -9.105  -0.569  1.00 11.23 ? 81   PHE A CE1 1 
ATOM   650  C CE2 . PHE A 1 81  ? 2.159   -11.053 0.516   1.00 11.62 ? 81   PHE A CE2 1 
ATOM   651  C CZ  . PHE A 1 81  ? 2.432   -9.855  -0.125  1.00 11.21 ? 81   PHE A CZ  1 
ATOM   652  N N   . ALA A 1 82  ? -1.776  -13.401 -2.067  1.00 10.64 ? 82   ALA A N   1 
ATOM   653  C CA  . ALA A 1 82  ? -0.974  -14.115 -3.063  1.00 11.53 ? 82   ALA A CA  1 
ATOM   654  C C   . ALA A 1 82  ? -1.255  -13.576 -4.458  1.00 11.83 ? 82   ALA A C   1 
ATOM   655  O O   . ALA A 1 82  ? -0.383  -13.663 -5.345  1.00 11.81 ? 82   ALA A O   1 
ATOM   656  C CB  . ALA A 1 82  ? -1.245  -15.617 -3.030  1.00 13.13 ? 82   ALA A CB  1 
ATOM   657  N N   . LYS A 1 83  ? -2.412  -12.968 -4.718  1.00 11.13 ? 83   LYS A N   1 
ATOM   658  C CA  . LYS A 1 83  ? -2.793  -12.457 -6.002  1.00 11.09 ? 83   LYS A CA  1 
ATOM   659  C C   . LYS A 1 83  ? -2.193  -11.082 -6.300  1.00 11.87 ? 83   LYS A C   1 
ATOM   660  O O   . LYS A 1 83  ? -2.379  -10.539 -7.404  1.00 13.32 ? 83   LYS A O   1 
ATOM   661  C CB  . LYS A 1 83  ? -4.330  -12.414 -6.141  1.00 13.39 ? 83   LYS A CB  1 
ATOM   662  C CG  . LYS A 1 83  ? -4.999  -13.793 -6.125  1.00 16.01 ? 83   LYS A CG  1 
ATOM   663  C CD  . LYS A 1 83  ? -6.407  -13.655 -5.544  1.00 17.56 ? 83   LYS A CD  1 
ATOM   664  C CE  . LYS A 1 83  ? -7.092  -15.010 -5.436  1.00 20.22 ? 83   LYS A CE  1 
ATOM   665  N NZ  . LYS A 1 83  ? -8.490  -14.835 -4.938  1.00 21.48 ? 83   LYS A NZ  1 
ATOM   666  N N   . MET A 1 84  ? -1.476  -10.501 -5.357  1.00 10.66 ? 84   MET A N   1 
ATOM   667  C CA  . MET A 1 84  ? -0.821  -9.205  -5.480  1.00 9.54  ? 84   MET A CA  1 
ATOM   668  C C   . MET A 1 84  ? 0.675   -9.385  -5.619  1.00 7.93  ? 84   MET A C   1 
ATOM   669  O O   . MET A 1 84  ? 1.245   -10.359 -5.065  1.00 10.06 ? 84   MET A O   1 
ATOM   670  C CB  . MET A 1 84  ? -1.124  -8.418  -4.174  1.00 9.15  ? 84   MET A CB  1 
ATOM   671  C CG  . MET A 1 84  ? -2.567  -7.998  -4.005  1.00 6.13  ? 84   MET A CG  1 
ATOM   672  S SD  . MET A 1 84  ? -2.832  -7.361  -2.226  1.00 2.01  ? 84   MET A SD  1 
ATOM   673  C CE  . MET A 1 84  ? -4.496  -6.594  -2.556  1.00 11.81 ? 84   MET A CE  1 
ATOM   674  N N   . PRO A 1 85  ? 1.359   -8.467  -6.295  1.00 8.55  ? 85   PRO A N   1 
ATOM   675  C CA  . PRO A 1 85  ? 2.789   -8.627  -6.577  1.00 9.02  ? 85   PRO A CA  1 
ATOM   676  C C   . PRO A 1 85  ? 3.727   -7.903  -5.645  1.00 9.60  ? 85   PRO A C   1 
ATOM   677  O O   . PRO A 1 85  ? 4.959   -8.024  -5.692  1.00 11.21 ? 85   PRO A O   1 
ATOM   678  C CB  . PRO A 1 85  ? 2.917   -8.002  -7.958  1.00 10.61 ? 85   PRO A CB  1 
ATOM   679  C CG  . PRO A 1 85  ? 1.949   -6.854  -7.901  1.00 11.28 ? 85   PRO A CG  1 
ATOM   680  C CD  . PRO A 1 85  ? 0.758   -7.412  -7.142  1.00 8.92  ? 85   PRO A CD  1 
ATOM   681  N N   . TRP A 1 86  ? 3.157   -7.122  -4.708  1.00 7.96  ? 86   TRP A N   1 
ATOM   682  C CA  . TRP A 1 86  ? 3.909   -6.208  -3.843  1.00 7.86  ? 86   TRP A CA  1 
ATOM   683  C C   . TRP A 1 86  ? 4.075   -6.663  -2.429  1.00 8.49  ? 86   TRP A C   1 
ATOM   684  O O   . TRP A 1 86  ? 4.186   -7.907  -2.200  1.00 9.48  ? 86   TRP A O   1 
ATOM   685  C CB  . TRP A 1 86  ? 3.251   -4.797  -3.913  1.00 8.21  ? 86   TRP A CB  1 
ATOM   686  C CG  . TRP A 1 86  ? 1.750   -4.822  -3.803  1.00 7.43  ? 86   TRP A CG  1 
ATOM   687  C CD1 . TRP A 1 86  ? 1.046   -5.251  -2.712  1.00 6.60  ? 86   TRP A CD1 1 
ATOM   688  C CD2 . TRP A 1 86  ? 0.824   -4.436  -4.810  1.00 5.88  ? 86   TRP A CD2 1 
ATOM   689  N NE1 . TRP A 1 86  ? -0.293  -5.135  -3.010  1.00 6.97  ? 86   TRP A NE1 1 
ATOM   690  C CE2 . TRP A 1 86  ? -0.466  -4.642  -4.275  1.00 6.59  ? 86   TRP A CE2 1 
ATOM   691  C CE3 . TRP A 1 86  ? 0.934   -3.906  -6.121  1.00 6.25  ? 86   TRP A CE3 1 
ATOM   692  C CZ2 . TRP A 1 86  ? -1.647  -4.368  -4.982  1.00 7.02  ? 86   TRP A CZ2 1 
ATOM   693  C CZ3 . TRP A 1 86  ? -0.226  -3.658  -6.791  1.00 6.64  ? 86   TRP A CZ3 1 
ATOM   694  C CH2 . TRP A 1 86  ? -1.515  -3.877  -6.261  1.00 7.69  ? 86   TRP A CH2 1 
ATOM   695  N N   . LEU A 1 87  ? 4.155   -5.827  -1.413  1.00 7.58  ? 87   LEU A N   1 
ATOM   696  C CA  . LEU A 1 87  ? 4.404   -6.210  -0.053  1.00 7.39  ? 87   LEU A CA  1 
ATOM   697  C C   . LEU A 1 87  ? 3.126   -6.222  0.788   1.00 7.77  ? 87   LEU A C   1 
ATOM   698  O O   . LEU A 1 87  ? 2.121   -5.661  0.342   1.00 7.90  ? 87   LEU A O   1 
ATOM   699  C CB  . LEU A 1 87  ? 5.437   -5.267  0.574   1.00 8.72  ? 87   LEU A CB  1 
ATOM   700  C CG  . LEU A 1 87  ? 6.745   -4.979  -0.172  1.00 10.21 ? 87   LEU A CG  1 
ATOM   701  C CD1 . LEU A 1 87  ? 7.710   -4.164  0.698   1.00 10.65 ? 87   LEU A CD1 1 
ATOM   702  C CD2 . LEU A 1 87  ? 7.359   -6.293  -0.641  1.00 12.40 ? 87   LEU A CD2 1 
ATOM   703  N N   . ALA A 1 88  ? 3.201   -6.777  1.992   1.00 7.88  ? 88   ALA A N   1 
ATOM   704  C CA  . ALA A 1 88  ? 2.060   -6.684  2.898   1.00 7.29  ? 88   ALA A CA  1 
ATOM   705  C C   . ALA A 1 88  ? 2.473   -6.646  4.361   1.00 9.18  ? 88   ALA A C   1 
ATOM   706  O O   . ALA A 1 88  ? 3.443   -7.305  4.750   1.00 10.15 ? 88   ALA A O   1 
ATOM   707  C CB  . ALA A 1 88  ? 1.101   -7.872  2.727   1.00 8.93  ? 88   ALA A CB  1 
ATOM   708  N N   . VAL A 1 89  ? 1.685   -5.954  5.123   1.00 8.58  ? 89   VAL A N   1 
ATOM   709  C CA  . VAL A 1 89  ? 1.783   -6.053  6.596   1.00 11.05 ? 89   VAL A CA  1 
ATOM   710  C C   . VAL A 1 89  ? 1.135   -7.404  6.907   1.00 13.01 ? 89   VAL A C   1 
ATOM   711  O O   . VAL A 1 89  ? 0.051   -7.739  6.440   1.00 11.22 ? 89   VAL A O   1 
ATOM   712  C CB  . VAL A 1 89  ? 0.995   -4.946  7.307   1.00 11.31 ? 89   VAL A CB  1 
ATOM   713  C CG1 . VAL A 1 89  ? 1.095   -5.156  8.824   1.00 11.36 ? 89   VAL A CG1 1 
ATOM   714  C CG2 . VAL A 1 89  ? 1.565   -3.568  6.954   1.00 10.34 ? 89   VAL A CG2 1 
ATOM   715  N N   . PRO A 1 90  ? 1.786   -8.268  7.700   1.00 13.93 ? 90   PRO A N   1 
ATOM   716  C CA  . PRO A 1 90  ? 1.201   -9.570  7.998   1.00 15.40 ? 90   PRO A CA  1 
ATOM   717  C C   . PRO A 1 90  ? -0.127  -9.454  8.717   1.00 13.75 ? 90   PRO A C   1 
ATOM   718  O O   . PRO A 1 90  ? -0.350  -8.488  9.462   1.00 14.20 ? 90   PRO A O   1 
ATOM   719  C CB  . PRO A 1 90  ? 2.251   -10.253 8.873   1.00 16.60 ? 90   PRO A CB  1 
ATOM   720  C CG  . PRO A 1 90  ? 3.513   -9.498  8.651   1.00 17.55 ? 90   PRO A CG  1 
ATOM   721  C CD  . PRO A 1 90  ? 3.127   -8.078  8.280   1.00 16.86 ? 90   PRO A CD  1 
ATOM   722  N N   . PHE A 1 91  ? -1.049  -10.412 8.596   1.00 12.49 ? 91   PHE A N   1 
ATOM   723  C CA  . PHE A 1 91  ? -2.348  -10.395 9.243   1.00 14.69 ? 91   PHE A CA  1 
ATOM   724  C C   . PHE A 1 91  ? -2.272  -10.261 10.754  1.00 15.15 ? 91   PHE A C   1 
ATOM   725  O O   . PHE A 1 91  ? -3.074  -9.550  11.360  1.00 15.99 ? 91   PHE A O   1 
ATOM   726  C CB  . PHE A 1 91  ? -3.152  -11.665 8.894   1.00 14.70 ? 91   PHE A CB  1 
ATOM   727  C CG  . PHE A 1 91  ? -4.580  -11.534 9.359   1.00 14.95 ? 91   PHE A CG  1 
ATOM   728  C CD1 . PHE A 1 91  ? -4.944  -11.950 10.638  1.00 16.37 ? 91   PHE A CD1 1 
ATOM   729  C CD2 . PHE A 1 91  ? -5.551  -10.994 8.525   1.00 15.63 ? 91   PHE A CD2 1 
ATOM   730  C CE1 . PHE A 1 91  ? -6.249  -11.827 11.071  1.00 16.48 ? 91   PHE A CE1 1 
ATOM   731  C CE2 . PHE A 1 91  ? -6.842  -10.887 8.968   1.00 14.61 ? 91   PHE A CE2 1 
ATOM   732  C CZ  . PHE A 1 91  ? -7.210  -11.291 10.240  1.00 15.51 ? 91   PHE A CZ  1 
ATOM   733  N N   . ALA A 1 92  ? -1.226  -10.830 11.362  1.00 16.83 ? 92   ALA A N   1 
ATOM   734  C CA  . ALA A 1 92  ? -1.024  -10.749 12.799  1.00 18.45 ? 92   ALA A CA  1 
ATOM   735  C C   . ALA A 1 92  ? -0.748  -9.333  13.271  1.00 19.02 ? 92   ALA A C   1 
ATOM   736  O O   . ALA A 1 92  ? -0.981  -9.065  14.457  1.00 20.03 ? 92   ALA A O   1 
ATOM   737  C CB  . ALA A 1 92  ? 0.143   -11.647 13.209  1.00 18.45 ? 92   ALA A CB  1 
ATOM   738  N N   . GLN A 1 93  ? -0.303  -8.421  12.408  1.00 16.81 ? 93   GLN A N   1 
ATOM   739  C CA  . GLN A 1 93  ? -0.034  -7.049  12.740  1.00 16.11 ? 93   GLN A CA  1 
ATOM   740  C C   . GLN A 1 93  ? -1.187  -6.171  12.255  1.00 15.15 ? 93   GLN A C   1 
ATOM   741  O O   . GLN A 1 93  ? -1.026  -4.975  11.985  1.00 14.99 ? 93   GLN A O   1 
ATOM   742  C CB  . GLN A 1 93  ? 1.316   -6.527  12.263  1.00 18.19 ? 93   GLN A CB  1 
ATOM   743  C CG  . GLN A 1 93  ? 2.545   -6.973  13.024  1.00 20.39 ? 93   GLN A CG  1 
ATOM   744  C CD  . GLN A 1 93  ? 3.351   -8.095  12.423  1.00 23.22 ? 93   GLN A CD  1 
ATOM   745  O OE1 . GLN A 1 93  ? 4.522   -7.952  12.034  1.00 24.31 ? 93   GLN A OE1 1 
ATOM   746  N NE2 . GLN A 1 93  ? 2.734   -9.268  12.326  1.00 23.02 ? 93   GLN A NE2 1 
ATOM   747  N N   . SER A 1 94  ? -2.398  -6.709  12.239  1.00 14.34 ? 94   SER A N   1 
ATOM   748  C CA  . SER A 1 94  ? -3.589  -5.982  11.845  1.00 16.12 ? 94   SER A CA  1 
ATOM   749  C C   . SER A 1 94  ? -3.807  -4.770  12.739  1.00 17.44 ? 94   SER A C   1 
ATOM   750  O O   . SER A 1 94  ? -4.268  -3.762  12.221  1.00 16.09 ? 94   SER A O   1 
ATOM   751  C CB  . SER A 1 94  ? -4.868  -6.821  11.767  1.00 15.05 ? 94   SER A CB  1 
ATOM   752  O OG  . SER A 1 94  ? -4.818  -7.697  10.637  1.00 15.82 ? 94   SER A OG  1 
ATOM   753  N N   . GLU A 1 95  ? -3.471  -4.865  14.041  1.00 17.33 ? 95   GLU A N   1 
ATOM   754  C CA  . GLU A 1 95  ? -3.667  -3.678  14.874  1.00 17.92 ? 95   GLU A CA  1 
ATOM   755  C C   . GLU A 1 95  ? -2.852  -2.520  14.313  1.00 15.60 ? 95   GLU A C   1 
ATOM   756  O O   . GLU A 1 95  ? -3.384  -1.391  14.359  1.00 15.70 ? 95   GLU A O   1 
ATOM   757  C CB  . GLU A 1 95  ? -3.253  -3.978  16.319  1.00 19.70 ? 95   GLU A CB  1 
ATOM   758  C CG  . GLU A 1 95  ? -3.302  -2.725  17.181  1.00 23.53 ? 95   GLU A CG  1 
ATOM   759  C CD  . GLU A 1 95  ? -2.886  -2.945  18.618  1.00 25.73 ? 95   GLU A CD  1 
ATOM   760  O OE1 . GLU A 1 95  ? -2.517  -4.086  18.965  1.00 27.28 ? 95   GLU A OE1 1 
ATOM   761  O OE2 . GLU A 1 95  ? -2.943  -1.960  19.389  1.00 26.56 ? 95   GLU A OE2 1 
ATOM   762  N N   . ALA A 1 96  ? -1.654  -2.713  13.781  1.00 15.21 ? 96   ALA A N   1 
ATOM   763  C CA  . ALA A 1 96  ? -0.899  -1.606  13.198  1.00 15.09 ? 96   ALA A CA  1 
ATOM   764  C C   . ALA A 1 96  ? -1.669  -1.032  12.008  1.00 14.94 ? 96   ALA A C   1 
ATOM   765  O O   . ALA A 1 96  ? -1.696  0.180   11.807  1.00 14.27 ? 96   ALA A O   1 
ATOM   766  C CB  . ALA A 1 96  ? 0.504   -1.964  12.766  1.00 15.23 ? 96   ALA A CB  1 
ATOM   767  N N   . VAL A 1 97  ? -2.280  -1.889  11.191  1.00 13.23 ? 97   VAL A N   1 
ATOM   768  C CA  . VAL A 1 97  ? -3.079  -1.415  10.063  1.00 11.00 ? 97   VAL A CA  1 
ATOM   769  C C   . VAL A 1 97  ? -4.269  -0.587  10.490  1.00 11.05 ? 97   VAL A C   1 
ATOM   770  O O   . VAL A 1 97  ? -4.625  0.442   9.885   1.00 10.11 ? 97   VAL A O   1 
ATOM   771  C CB  . VAL A 1 97  ? -3.555  -2.606  9.195   1.00 11.09 ? 97   VAL A CB  1 
ATOM   772  C CG1 . VAL A 1 97  ? -4.516  -2.132  8.127   1.00 11.63 ? 97   VAL A CG1 1 
ATOM   773  C CG2 . VAL A 1 97  ? -2.329  -3.194  8.509   1.00 12.19 ? 97   VAL A CG2 1 
ATOM   774  N N   . GLN A 1 98  ? -4.966  -1.002  11.548  1.00 11.58 ? 98   GLN A N   1 
ATOM   775  C CA  . GLN A 1 98  ? -6.107  -0.234  12.028  1.00 11.95 ? 98   GLN A CA  1 
ATOM   776  C C   . GLN A 1 98  ? -5.656  1.103   12.596  1.00 11.17 ? 98   GLN A C   1 
ATOM   777  O O   . GLN A 1 98  ? -6.317  2.098   12.297  1.00 9.90  ? 98   GLN A O   1 
ATOM   778  C CB  . GLN A 1 98  ? -6.821  -1.055  13.112  1.00 14.45 ? 98   GLN A CB  1 
ATOM   779  C CG  . GLN A 1 98  ? -7.347  -2.351  12.474  1.00 15.54 ? 98   GLN A CG  1 
ATOM   780  C CD  . GLN A 1 98  ? -7.866  -3.317  13.508  1.00 18.43 ? 98   GLN A CD  1 
ATOM   781  O OE1 . GLN A 1 98  ? -7.376  -3.300  14.639  1.00 20.25 ? 98   GLN A OE1 1 
ATOM   782  N NE2 . GLN A 1 98  ? -8.828  -4.115  13.103  1.00 18.87 ? 98   GLN A NE2 1 
ATOM   783  N N   . LYS A 1 99  ? -4.501  1.101   13.265  1.00 12.45 ? 99   LYS A N   1 
ATOM   784  C CA  . LYS A 1 99  ? -4.032  2.413   13.787  1.00 13.39 ? 99   LYS A CA  1 
ATOM   785  C C   . LYS A 1 99  ? -3.668  3.321   12.628  1.00 11.62 ? 99   LYS A C   1 
ATOM   786  O O   . LYS A 1 99  ? -3.902  4.530   12.674  1.00 11.02 ? 99   LYS A O   1 
ATOM   787  C CB  . LYS A 1 99  ? -2.908  2.184   14.787  1.00 17.15 ? 99   LYS A CB  1 
ATOM   788  C CG  . LYS A 1 99  ? -3.448  1.551   16.084  1.00 19.98 ? 99   LYS A CG  1 
ATOM   789  C CD  . LYS A 1 99  ? -2.314  1.236   17.044  1.00 21.46 ? 99   LYS A CD  1 
ATOM   790  C CE  . LYS A 1 99  ? -2.895  0.986   18.435  1.00 23.03 ? 99   LYS A CE  1 
ATOM   791  N NZ  . LYS A 1 99  ? -1.837  0.448   19.350  1.00 24.60 ? 99   LYS A NZ  1 
ATOM   792  N N   . LEU A 1 100 ? -3.090  2.766   11.559  1.00 10.95 ? 100  LEU A N   1 
ATOM   793  C CA  . LEU A 1 100 ? -2.713  3.549   10.389  1.00 10.09 ? 100  LEU A CA  1 
ATOM   794  C C   . LEU A 1 100 ? -3.909  4.072   9.625   1.00 9.32  ? 100  LEU A C   1 
ATOM   795  O O   . LEU A 1 100 ? -3.980  5.222   9.159   1.00 8.49  ? 100  LEU A O   1 
ATOM   796  C CB  . LEU A 1 100 ? -1.866  2.624   9.499   1.00 12.58 ? 100  LEU A CB  1 
ATOM   797  C CG  . LEU A 1 100 ? -1.218  3.364   8.340   1.00 13.18 ? 100  LEU A CG  1 
ATOM   798  C CD1 . LEU A 1 100 ? -0.363  4.553   8.823   1.00 14.12 ? 100  LEU A CD1 1 
ATOM   799  C CD2 . LEU A 1 100 ? -0.353  2.401   7.531   1.00 14.19 ? 100  LEU A CD2 1 
ATOM   800  N N   . SER A 1 101 ? -5.000  3.261   9.589   1.00 9.09  ? 101  SER A N   1 
ATOM   801  C CA  . SER A 1 101 ? -6.255  3.657   8.977   1.00 10.15 ? 101  SER A CA  1 
ATOM   802  C C   . SER A 1 101 ? -6.838  4.865   9.687   1.00 8.89  ? 101  SER A C   1 
ATOM   803  O O   . SER A 1 101 ? -7.322  5.787   9.046   1.00 9.93  ? 101  SER A O   1 
ATOM   804  C CB  . SER A 1 101 ? -7.261  2.505   9.057   1.00 9.90  ? 101  SER A CB  1 
ATOM   805  O OG  . SER A 1 101 ? -6.807  1.371   8.318   1.00 9.61  ? 101  SER A OG  1 
ATOM   806  N N   . LYS A 1 102 ? -6.728  4.860   11.040  1.00 9.99  ? 102  LYS A N   1 
ATOM   807  C CA  . LYS A 1 102 ? -7.219  6.016   11.778  1.00 10.03 ? 102  LYS A CA  1 
ATOM   808  C C   . LYS A 1 102 ? -6.287  7.233   11.535  1.00 9.10  ? 102  LYS A C   1 
ATOM   809  O O   . LYS A 1 102 ? -6.813  8.295   11.309  1.00 9.49  ? 102  LYS A O   1 
ATOM   810  C CB  . LYS A 1 102 ? -7.310  5.684   13.285  1.00 11.62 ? 102  LYS A CB  1 
ATOM   811  C CG  . LYS A 1 102 ? -7.618  6.907   14.130  1.00 10.30 ? 102  LYS A CG  1 
ATOM   812  C CD  . LYS A 1 102 ? -7.775  6.617   15.607  1.00 11.27 ? 102  LYS A CD  1 
ATOM   813  C CE  . LYS A 1 102 ? -8.064  7.901   16.359  1.00 12.17 ? 102  LYS A CE  1 
ATOM   814  N NZ  . LYS A 1 102 ? -8.374  7.581   17.800  1.00 12.81 ? 102  LYS A NZ  1 
ATOM   815  N N   . HIS A 1 103 ? -4.987  6.983   11.580  1.00 9.49  ? 103  HIS A N   1 
ATOM   816  C CA  . HIS A 1 103 ? -4.081  8.123   11.361  1.00 10.39 ? 103  HIS A CA  1 
ATOM   817  C C   . HIS A 1 103 ? -4.325  8.862   10.062  1.00 10.82 ? 103  HIS A C   1 
ATOM   818  O O   . HIS A 1 103 ? -4.257  10.116  9.987   1.00 10.46 ? 103  HIS A O   1 
ATOM   819  C CB  . HIS A 1 103 ? -2.650  7.563   11.425  1.00 11.69 ? 103  HIS A CB  1 
ATOM   820  C CG  . HIS A 1 103 ? -1.639  8.647   11.176  1.00 12.25 ? 103  HIS A CG  1 
ATOM   821  N ND1 . HIS A 1 103 ? -1.270  9.516   12.189  1.00 15.00 ? 103  HIS A ND1 1 
ATOM   822  C CD2 . HIS A 1 103 ? -0.953  8.984   10.071  1.00 13.90 ? 103  HIS A CD2 1 
ATOM   823  C CE1 . HIS A 1 103 ? -0.373  10.352  11.686  1.00 15.66 ? 103  HIS A CE1 1 
ATOM   824  N NE2 . HIS A 1 103 ? -0.155  10.064  10.411  1.00 15.17 ? 103  HIS A NE2 1 
ATOM   825  N N   . PHE A 1 104 ? -4.575  8.114   8.979   1.00 9.65  ? 104  PHE A N   1 
ATOM   826  C CA  . PHE A 1 104 ? -4.859  8.734   7.698   1.00 10.53 ? 104  PHE A CA  1 
ATOM   827  C C   . PHE A 1 104 ? -6.316  8.985   7.427   1.00 10.01 ? 104  PHE A C   1 
ATOM   828  O O   . PHE A 1 104 ? -6.767  9.322   6.300   1.00 11.82 ? 104  PHE A O   1 
ATOM   829  C CB  . PHE A 1 104 ? -4.258  7.899   6.550   1.00 11.25 ? 104  PHE A CB  1 
ATOM   830  C CG  . PHE A 1 104 ? -2.766  8.046   6.462   1.00 12.84 ? 104  PHE A CG  1 
ATOM   831  C CD1 . PHE A 1 104 ? -2.269  9.321   6.141   1.00 15.87 ? 104  PHE A CD1 1 
ATOM   832  C CD2 . PHE A 1 104 ? -1.935  7.000   6.676   1.00 14.92 ? 104  PHE A CD2 1 
ATOM   833  C CE1 . PHE A 1 104 ? -0.895  9.528   6.042   1.00 18.58 ? 104  PHE A CE1 1 
ATOM   834  C CE2 . PHE A 1 104 ? -0.536  7.209   6.584   1.00 17.28 ? 104  PHE A CE2 1 
ATOM   835  C CZ  . PHE A 1 104 ? -0.066  8.459   6.275   1.00 18.38 ? 104  PHE A CZ  1 
ATOM   836  N N   . ASN A 1 105 ? -7.197  8.791   8.414   1.00 9.83  ? 105  ASN A N   1 
ATOM   837  C CA  . ASN A 1 105 ? -8.627  9.005   8.223   1.00 11.18 ? 105  ASN A CA  1 
ATOM   838  C C   . ASN A 1 105 ? -9.192  8.210   7.045   1.00 11.73 ? 105  ASN A C   1 
ATOM   839  O O   . ASN A 1 105 ? -10.064 8.682   6.287   1.00 13.96 ? 105  ASN A O   1 
ATOM   840  C CB  . ASN A 1 105 ? -9.034  10.490  8.101   1.00 12.66 ? 105  ASN A CB  1 
ATOM   841  C CG  A ASN A 1 105 ? -10.532 10.671  8.273   0.70 15.06 ? 105  ASN A CG  1 
ATOM   842  C CG  B ASN A 1 105 ? -8.619  11.246  9.342   0.30 0.00  ? 105  ASN A CG  1 
ATOM   843  O OD1 A ASN A 1 105 ? -11.241 9.885   8.927   0.70 15.31 ? 105  ASN A OD1 1 
ATOM   844  O OD1 B ASN A 1 105 ? -9.245  11.140  10.397  0.30 0.00  ? 105  ASN A OD1 1 
ATOM   845  N ND2 A ASN A 1 105 ? -11.094 11.723  7.679   0.70 16.88 ? 105  ASN A ND2 1 
ATOM   846  N ND2 B ASN A 1 105 ? -7.544  12.006  9.179   0.30 0.00  ? 105  ASN A ND2 1 
ATOM   847  N N   . VAL A 1 106 ? -8.830  6.929   6.976   1.00 9.79  ? 106  VAL A N   1 
ATOM   848  C CA  . VAL A 1 106 ? -9.353  6.055   5.905   1.00 9.97  ? 106  VAL A CA  1 
ATOM   849  C C   . VAL A 1 106 ? -10.728 5.593   6.380   1.00 9.71  ? 106  VAL A C   1 
ATOM   850  O O   . VAL A 1 106 ? -10.843 4.976   7.441   1.00 10.95 ? 106  VAL A O   1 
ATOM   851  C CB  . VAL A 1 106 ? -8.417  4.856   5.707   1.00 7.74  ? 106  VAL A CB  1 
ATOM   852  C CG1 . VAL A 1 106 ? -8.925  3.996   4.549   1.00 9.61  ? 106  VAL A CG1 1 
ATOM   853  C CG2 . VAL A 1 106 ? -6.986  5.308   5.399   1.00 8.15  ? 106  VAL A CG2 1 
ATOM   854  N N   . GLU A 1 107 ? -11.774 5.940   5.629   1.00 12.14 ? 107  GLU A N   1 
ATOM   855  C CA  . GLU A 1 107 ? -13.135 5.574   5.993   1.00 12.38 ? 107  GLU A CA  1 
ATOM   856  C C   . GLU A 1 107 ? -13.797 4.595   5.026   1.00 12.04 ? 107  GLU A C   1 
ATOM   857  O O   . GLU A 1 107 ? -14.779 3.932   5.364   1.00 12.43 ? 107  GLU A O   1 
ATOM   858  C CB  . GLU A 1 107 ? -14.043 6.817   6.052   1.00 14.50 ? 107  GLU A CB  1 
ATOM   859  C CG  . GLU A 1 107 ? -13.565 7.804   7.126   1.00 17.20 ? 107  GLU A CG  1 
ATOM   860  C CD  . GLU A 1 107 ? -14.557 8.948   7.161   1.00 19.32 ? 107  GLU A CD  1 
ATOM   861  O OE1 . GLU A 1 107 ? -14.597 9.730   6.187   1.00 21.57 ? 107  GLU A OE1 1 
ATOM   862  O OE2 . GLU A 1 107 ? -15.251 9.001   8.181   1.00 21.97 ? 107  GLU A OE2 1 
ATOM   863  N N   . SER A 1 108 ? -13.209 4.487   3.831   1.00 10.06 ? 108  SER A N   1 
ATOM   864  C CA  . SER A 1 108 ? -13.696 3.549   2.824   1.00 10.56 ? 108  SER A CA  1 
ATOM   865  C C   . SER A 1 108 ? -12.461 3.013   2.077   1.00 7.02  ? 108  SER A C   1 
ATOM   866  O O   . SER A 1 108 ? -11.364 3.604   2.159   1.00 8.87  ? 108  SER A O   1 
ATOM   867  C CB  . SER A 1 108 ? -14.671 4.196   1.851   1.00 11.23 ? 108  SER A CB  1 
ATOM   868  O OG  . SER A 1 108 ? -13.966 5.206   1.127   1.00 16.78 ? 108  SER A OG  1 
ATOM   869  N N   . ILE A 1 109 ? -12.698 1.881   1.470   1.00 6.79  ? 109  ILE A N   1 
ATOM   870  C CA  . ILE A 1 109 ? -11.696 1.226   0.664   1.00 7.66  ? 109  ILE A CA  1 
ATOM   871  C C   . ILE A 1 109 ? -12.167 0.888   -0.716  1.00 8.51  ? 109  ILE A C   1 
ATOM   872  O O   . ILE A 1 109 ? -13.409 0.914   -0.855  1.00 8.46  ? 109  ILE A O   1 
ATOM   873  C CB  . ILE A 1 109 ? -11.062 -0.037  1.302   1.00 5.86  ? 109  ILE A CB  1 
ATOM   874  C CG1 . ILE A 1 109 ? -12.171 -1.020  1.744   1.00 7.70  ? 109  ILE A CG1 1 
ATOM   875  C CG2 . ILE A 1 109 ? -10.162 0.388   2.455   1.00 8.83  ? 109  ILE A CG2 1 
ATOM   876  C CD1 . ILE A 1 109 ? -11.596 -2.346  2.158   1.00 8.27  ? 109  ILE A CD1 1 
ATOM   877  N N   . PRO A 1 110 ? -11.406 1.091   -1.756  1.00 6.62  ? 110  PRO A N   1 
ATOM   878  C CA  . PRO A 1 110 ? -9.957  1.058   -1.766  1.00 6.28  ? 110  PRO A CA  1 
ATOM   879  C C   . PRO A 1 110 ? -9.439  2.469   -1.444  1.00 7.26  ? 110  PRO A C   1 
ATOM   880  O O   . PRO A 1 110 ? -10.033 3.460   -1.881  1.00 7.08  ? 110  PRO A O   1 
ATOM   881  C CB  . PRO A 1 110 ? -9.518  0.635   -3.159  1.00 6.61  ? 110  PRO A CB  1 
ATOM   882  C CG  . PRO A 1 110 ? -10.656 1.045   -4.037  1.00 5.72  ? 110  PRO A CG  1 
ATOM   883  C CD  . PRO A 1 110 ? -11.849 0.818   -3.148  1.00 7.53  ? 110  PRO A CD  1 
ATOM   884  N N   . THR A 1 111 ? -8.294  2.563   -0.802  1.00 6.30  ? 111  THR A N   1 
ATOM   885  C CA  . THR A 1 111 ? -7.654  3.873   -0.546  1.00 6.47  ? 111  THR A CA  1 
ATOM   886  C C   . THR A 1 111 ? -6.147  3.631   -0.701  1.00 5.55  ? 111  THR A C   1 
ATOM   887  O O   . THR A 1 111 ? -5.607  2.586   -0.317  1.00 6.02  ? 111  THR A O   1 
ATOM   888  C CB  . THR A 1 111 ? -7.942  4.426   0.859   1.00 6.28  ? 111  THR A CB  1 
ATOM   889  O OG1 . THR A 1 111 ? -9.319  4.831   0.923   1.00 8.49  ? 111  THR A OG1 1 
ATOM   890  C CG2 . THR A 1 111 ? -7.087  5.604   1.281   1.00 7.89  ? 111  THR A CG2 1 
ATOM   891  N N   . LEU A 1 112 ? -5.483  4.624   -1.257  1.00 6.17  ? 112  LEU A N   1 
ATOM   892  C CA  . LEU A 1 112 ? -4.047  4.497   -1.552  1.00 6.76  ? 112  LEU A CA  1 
ATOM   893  C C   . LEU A 1 112 ? -3.324  5.750   -1.103  1.00 8.96  ? 112  LEU A C   1 
ATOM   894  O O   . LEU A 1 112 ? -3.668  6.822   -1.663  1.00 10.80 ? 112  LEU A O   1 
ATOM   895  C CB  . LEU A 1 112 ? -3.949  4.147   -3.039  1.00 9.33  ? 112  LEU A CB  1 
ATOM   896  C CG  . LEU A 1 112 ? -2.607  3.831   -3.626  1.00 10.25 ? 112  LEU A CG  1 
ATOM   897  C CD1 . LEU A 1 112 ? -2.064  2.525   -3.073  1.00 7.18  ? 112  LEU A CD1 1 
ATOM   898  C CD2 . LEU A 1 112 ? -2.716  3.714   -5.139  1.00 9.10  ? 112  LEU A CD2 1 
ATOM   899  N N   . ILE A 1 113 ? -2.481  5.644   -0.098  1.00 8.10  ? 113  ILE A N   1 
ATOM   900  C CA  . ILE A 1 113 ? -1.766  6.779   0.522   1.00 8.76  ? 113  ILE A CA  1 
ATOM   901  C C   . ILE A 1 113 ? -0.261  6.627   0.331   1.00 8.27  ? 113  ILE A C   1 
ATOM   902  O O   . ILE A 1 113 ? 0.320   5.600   0.734   1.00 7.96  ? 113  ILE A O   1 
ATOM   903  C CB  . ILE A 1 113 ? -2.036  6.810   2.031   1.00 10.33 ? 113  ILE A CB  1 
ATOM   904  C CG1 . ILE A 1 113 ? -3.506  6.746   2.396   1.00 15.92 ? 113  ILE A CG1 1 
ATOM   905  C CG2 . ILE A 1 113 ? -1.284  7.996   2.682   1.00 10.01 ? 113  ILE A CG2 1 
ATOM   906  C CD1 . ILE A 1 113 ? -4.252  7.915   2.920   1.00 14.90 ? 113  ILE A CD1 1 
ATOM   907  N N   . GLY A 1 114 ? 0.332   7.628   -0.268  1.00 7.42  ? 114  GLY A N   1 
ATOM   908  C CA  . GLY A 1 114 ? 1.776   7.594   -0.526  1.00 6.84  ? 114  GLY A CA  1 
ATOM   909  C C   . GLY A 1 114 ? 2.585   8.435   0.418   1.00 7.83  ? 114  GLY A C   1 
ATOM   910  O O   . GLY A 1 114 ? 2.248   9.615   0.627   1.00 9.19  ? 114  GLY A O   1 
ATOM   911  N N   . VAL A 1 115 ? 3.599   7.854   1.032   1.00 7.36  ? 115  VAL A N   1 
ATOM   912  C CA  . VAL A 1 115 ? 4.459   8.559   1.977   1.00 8.00  ? 115  VAL A CA  1 
ATOM   913  C C   . VAL A 1 115 ? 5.917   8.426   1.559   1.00 8.37  ? 115  VAL A C   1 
ATOM   914  O O   . VAL A 1 115 ? 6.299   7.403   0.964   1.00 9.49  ? 115  VAL A O   1 
ATOM   915  C CB  . VAL A 1 115 ? 4.299   8.118   3.447   1.00 8.20  ? 115  VAL A CB  1 
ATOM   916  C CG1 . VAL A 1 115 ? 2.841   8.180   3.905   1.00 10.85 ? 115  VAL A CG1 1 
ATOM   917  C CG2 . VAL A 1 115 ? 4.834   6.715   3.679   1.00 8.63  ? 115  VAL A CG2 1 
ATOM   918  N N   . ASP A 1 116 ? 6.757   9.383   1.839   1.00 7.52  ? 116  ASP A N   1 
ATOM   919  C CA  . ASP A 1 116 ? 8.186   9.273   1.570   1.00 8.64  ? 116  ASP A CA  1 
ATOM   920  C C   . ASP A 1 116 ? 8.752   8.428   2.696   1.00 9.01  ? 116  ASP A C   1 
ATOM   921  O O   . ASP A 1 116 ? 8.653   8.748   3.900   1.00 8.51  ? 116  ASP A O   1 
ATOM   922  C CB  . ASP A 1 116 ? 8.793   10.673  1.624   1.00 7.92  ? 116  ASP A CB  1 
ATOM   923  C CG  . ASP A 1 116 ? 10.288  10.641  1.346   1.00 9.33  ? 116  ASP A CG  1 
ATOM   924  O OD1 . ASP A 1 116 ? 10.712  10.199  0.295   1.00 9.63  ? 116  ASP A OD1 1 
ATOM   925  O OD2 . ASP A 1 116 ? 10.999  11.095  2.307   1.00 10.24 ? 116  ASP A OD2 1 
ATOM   926  N N   . ALA A 1 117 ? 9.470   7.337   2.332   1.00 7.98  ? 117  ALA A N   1 
ATOM   927  C CA  . ALA A 1 117 ? 10.020  6.461   3.348   1.00 9.28  ? 117  ALA A CA  1 
ATOM   928  C C   . ALA A 1 117 ? 11.038  7.151   4.266   1.00 8.47  ? 117  ALA A C   1 
ATOM   929  O O   . ALA A 1 117 ? 10.966  6.889   5.451   1.00 11.39 ? 117  ALA A O   1 
ATOM   930  C CB  . ALA A 1 117 ? 10.697  5.243   2.720   1.00 10.60 ? 117  ALA A CB  1 
ATOM   931  N N   . ASP A 1 118 ? 11.907  7.959   3.710   1.00 8.80  ? 118  ASP A N   1 
ATOM   932  C CA  . ASP A 1 118 ? 13.006  8.506   4.535   1.00 9.62  ? 118  ASP A CA  1 
ATOM   933  C C   . ASP A 1 118 ? 12.531  9.554   5.525   1.00 10.76 ? 118  ASP A C   1 
ATOM   934  O O   . ASP A 1 118 ? 12.990  9.573   6.677   1.00 13.88 ? 118  ASP A O   1 
ATOM   935  C CB  . ASP A 1 118 ? 14.075  9.067   3.614   1.00 10.33 ? 118  ASP A CB  1 
ATOM   936  C CG  . ASP A 1 118 ? 14.864  8.019   2.828   1.00 9.14  ? 118  ASP A CG  1 
ATOM   937  O OD1 . ASP A 1 118 ? 14.770  6.814   3.129   1.00 11.69 ? 118  ASP A OD1 1 
ATOM   938  O OD2 . ASP A 1 118 ? 15.588  8.447   1.904   1.00 8.24  ? 118  ASP A OD2 1 
ATOM   939  N N   . SER A 1 119 ? 11.628  10.440  5.117   1.00 10.12 ? 119  SER A N   1 
ATOM   940  C CA  . SER A 1 119 ? 11.174  11.527  5.991   1.00 10.99 ? 119  SER A CA  1 
ATOM   941  C C   . SER A 1 119 ? 9.887   11.163  6.701   1.00 11.02 ? 119  SER A C   1 
ATOM   942  O O   . SER A 1 119 ? 9.641   11.769  7.734   1.00 13.22 ? 119  SER A O   1 
ATOM   943  C CB  . SER A 1 119 ? 10.945  12.792  5.175   1.00 10.28 ? 119  SER A CB  1 
ATOM   944  O OG  . SER A 1 119 ? 9.852   12.584  4.236   1.00 10.52 ? 119  SER A OG  1 
ATOM   945  N N   . GLY A 1 120 ? 9.116   10.268  6.104   1.00 10.75 ? 120  GLY A N   1 
ATOM   946  C CA  . GLY A 1 120 ? 7.792   9.962   6.665   1.00 12.60 ? 120  GLY A CA  1 
ATOM   947  C C   . GLY A 1 120 ? 6.795   11.000  6.146   1.00 12.35 ? 120  GLY A C   1 
ATOM   948  O O   . GLY A 1 120 ? 5.596   10.879  6.503   1.00 13.80 ? 120  GLY A O   1 
ATOM   949  N N   . ASP A 1 121 ? 7.191   11.956  5.322   1.00 10.20 ? 121  ASP A N   1 
ATOM   950  C CA  . ASP A 1 121 ? 6.225   12.983  4.901   1.00 9.75  ? 121  ASP A CA  1 
ATOM   951  C C   . ASP A 1 121 ? 5.137   12.415  3.992   1.00 9.38  ? 121  ASP A C   1 
ATOM   952  O O   . ASP A 1 121 ? 5.387   11.553  3.157   1.00 9.81  ? 121  ASP A O   1 
ATOM   953  C CB  . ASP A 1 121 ? 6.922   14.104  4.151   1.00 11.34 ? 121  ASP A CB  1 
ATOM   954  C CG  . ASP A 1 121 ? 7.931   14.914  4.969   1.00 12.02 ? 121  ASP A CG  1 
ATOM   955  O OD1 . ASP A 1 121 ? 7.982   14.807  6.187   1.00 14.60 ? 121  ASP A OD1 1 
ATOM   956  O OD2 . ASP A 1 121 ? 8.610   15.635  4.228   1.00 13.95 ? 121  ASP A OD2 1 
ATOM   957  N N   . VAL A 1 122 ? 3.914   12.896  4.201   1.00 10.50 ? 122  VAL A N   1 
ATOM   958  C CA  . VAL A 1 122 ? 2.805   12.465  3.342   1.00 10.58 ? 122  VAL A CA  1 
ATOM   959  C C   . VAL A 1 122 ? 2.977   13.091  1.992   1.00 10.20 ? 122  VAL A C   1 
ATOM   960  O O   . VAL A 1 122 ? 3.216   14.323  1.907   1.00 15.16 ? 122  VAL A O   1 
ATOM   961  C CB  . VAL A 1 122 ? 1.477   12.876  4.004   1.00 12.04 ? 122  VAL A CB  1 
ATOM   962  C CG1 . VAL A 1 122 ? 0.308   12.484  3.073   1.00 13.52 ? 122  VAL A CG1 1 
ATOM   963  C CG2 . VAL A 1 122 ? 1.322   12.198  5.345   1.00 14.37 ? 122  VAL A CG2 1 
ATOM   964  N N   . VAL A 1 123 ? 2.963   12.364  0.914   1.00 7.92  ? 123  VAL A N   1 
ATOM   965  C CA  . VAL A 1 123 ? 3.100   12.847  -0.436  1.00 8.12  ? 123  VAL A CA  1 
ATOM   966  C C   . VAL A 1 123 ? 1.726   12.952  -1.105  1.00 7.48  ? 123  VAL A C   1 
ATOM   967  O O   . VAL A 1 123 ? 1.388   14.033  -1.628  1.00 8.18  ? 123  VAL A O   1 
ATOM   968  C CB  . VAL A 1 123 ? 4.041   11.930  -1.243  1.00 8.12  ? 123  VAL A CB  1 
ATOM   969  C CG1 . VAL A 1 123 ? 4.070   12.384  -2.698  1.00 9.62  ? 123  VAL A CG1 1 
ATOM   970  C CG2 . VAL A 1 123 ? 5.465   12.013  -0.687  1.00 10.14 ? 123  VAL A CG2 1 
ATOM   971  N N   . THR A 1 124 ? 0.901   11.890  -1.032  1.00 7.43  ? 124  THR A N   1 
ATOM   972  C CA  . THR A 1 124 ? -0.420  11.959  -1.665  1.00 7.51  ? 124  THR A CA  1 
ATOM   973  C C   . THR A 1 124 ? -1.391  11.154  -0.842  1.00 7.55  ? 124  THR A C   1 
ATOM   974  O O   . THR A 1 124 ? -1.029  10.078  -0.379  1.00 7.17  ? 124  THR A O   1 
ATOM   975  C CB  . THR A 1 124 ? -0.387  11.454  -3.102  1.00 6.96  ? 124  THR A CB  1 
ATOM   976  O OG1 . THR A 1 124 ? -1.711  11.585  -3.655  1.00 7.67  ? 124  THR A OG1 1 
ATOM   977  C CG2 . THR A 1 124 ? 0.090   10.013  -3.316  1.00 8.80  ? 124  THR A CG2 1 
ATOM   978  N N   . THR A 1 125 ? -2.635  11.625  -0.727  1.00 6.46  ? 125  THR A N   1 
ATOM   979  C CA  . THR A 1 125 ? -3.631  10.859  -0.012  1.00 7.13  ? 125  THR A CA  1 
ATOM   980  C C   . THR A 1 125 ? -4.758  10.431  -0.960  1.00 7.45  ? 125  THR A C   1 
ATOM   981  O O   . THR A 1 125 ? -5.719  9.792   -0.563  1.00 7.96  ? 125  THR A O   1 
ATOM   982  C CB  . THR A 1 125 ? -4.243  11.684  1.145   1.00 7.50  ? 125  THR A CB  1 
ATOM   983  O OG1 . THR A 1 125 ? -4.658  12.957  0.627   1.00 10.91 ? 125  THR A OG1 1 
ATOM   984  C CG2 . THR A 1 125 ? -3.254  11.907  2.285   1.00 9.43  ? 125  THR A CG2 1 
ATOM   985  N N   . ARG A 1 126 ? -4.600  10.792  -2.228  1.00 7.02  ? 126  ARG A N   1 
ATOM   986  C CA  . ARG A 1 126 ? -5.708  10.583  -3.168  1.00 6.98  ? 126  ARG A CA  1 
ATOM   987  C C   . ARG A 1 126 ? -5.336  9.779   -4.365  1.00 6.53  ? 126  ARG A C   1 
ATOM   988  O O   . ARG A 1 126 ? -5.939  9.838   -5.437  1.00 6.32  ? 126  ARG A O   1 
ATOM   989  C CB  . ARG A 1 126 ? -6.100  12.000  -3.626  1.00 8.52  ? 126  ARG A CB  1 
ATOM   990  C CG  . ARG A 1 126 ? -6.612  12.922  -2.554  1.00 7.05  ? 126  ARG A CG  1 
ATOM   991  C CD  . ARG A 1 126 ? -5.977  14.339  -2.619  1.00 11.66 ? 126  ARG A CD  1 
ATOM   992  N NE  . ARG A 1 126 ? -5.744  14.748  -3.969  1.00 14.18 ? 126  ARG A NE  1 
ATOM   993  C CZ  . ARG A 1 126 ? -4.743  14.957  -4.753  1.00 11.31 ? 126  ARG A CZ  1 
ATOM   994  N NH1 . ARG A 1 126 ? -3.466  14.857  -4.332  1.00 10.96 ? 126  ARG A NH1 1 
ATOM   995  N NH2 . ARG A 1 126 ? -4.925  15.305  -6.017  1.00 11.48 ? 126  ARG A NH2 1 
ATOM   996  N N   . ALA A 1 127 ? -4.321  8.911   -4.221  1.00 6.26  ? 127  ALA A N   1 
ATOM   997  C CA  . ALA A 1 127 ? -3.801  8.191   -5.382  1.00 6.07  ? 127  ALA A CA  1 
ATOM   998  C C   . ALA A 1 127 ? -4.793  7.183   -5.950  1.00 5.72  ? 127  ALA A C   1 
ATOM   999  O O   . ALA A 1 127 ? -4.692  6.841   -7.130  1.00 7.59  ? 127  ALA A O   1 
ATOM   1000 C CB  . ALA A 1 127 ? -2.500  7.457   -4.989  1.00 6.49  ? 127  ALA A CB  1 
ATOM   1001 N N   . ARG A 1 128 ? -5.763  6.701   -5.173  1.00 7.27  ? 128  ARG A N   1 
ATOM   1002 C CA  . ARG A 1 128 ? -6.758  5.828   -5.826  1.00 7.94  ? 128  ARG A CA  1 
ATOM   1003 C C   . ARG A 1 128 ? -7.484  6.638   -6.893  1.00 9.18  ? 128  ARG A C   1 
ATOM   1004 O O   . ARG A 1 128 ? -7.616  6.242   -8.067  1.00 13.35 ? 128  ARG A O   1 
ATOM   1005 C CB  . ARG A 1 128 ? -7.724  5.216   -4.804  1.00 9.21  ? 128  ARG A CB  1 
ATOM   1006 C CG  . ARG A 1 128 ? -8.783  4.261   -5.412  1.00 5.64  ? 128  ARG A CG  1 
ATOM   1007 C CD  . ARG A 1 128 ? -9.698  4.839   -6.502  1.00 5.27  ? 128  ARG A CD  1 
ATOM   1008 N NE  . ARG A 1 128 ? -10.798 3.925   -6.908  1.00 5.58  ? 128  ARG A NE  1 
ATOM   1009 C CZ  . ARG A 1 128 ? -11.804 3.859   -6.072  1.00 6.12  ? 128  ARG A CZ  1 
ATOM   1010 N NH1 . ARG A 1 128 ? -11.844 4.571   -4.938  1.00 5.92  ? 128  ARG A NH1 1 
ATOM   1011 N NH2 . ARG A 1 128 ? -12.843 3.064   -6.320  1.00 4.92  ? 128  ARG A NH2 1 
ATOM   1012 N N   . ALA A 1 129 ? -7.976  7.826   -6.545  1.00 7.38  ? 129  ALA A N   1 
ATOM   1013 C CA  . ALA A 1 129 ? -8.695  8.672   -7.466  1.00 6.68  ? 129  ALA A CA  1 
ATOM   1014 C C   . ALA A 1 129 ? -7.817  9.161   -8.602  1.00 8.05  ? 129  ALA A C   1 
ATOM   1015 O O   . ALA A 1 129 ? -8.212  9.248   -9.789  1.00 9.28  ? 129  ALA A O   1 
ATOM   1016 C CB  . ALA A 1 129 ? -9.269  9.884   -6.749  1.00 7.71  ? 129  ALA A CB  1 
ATOM   1017 N N   . THR A 1 130 ? -6.578  9.543   -8.330  1.00 8.22  ? 130  THR A N   1 
ATOM   1018 C CA  . THR A 1 130 ? -5.735  10.150  -9.377  1.00 7.76  ? 130  THR A CA  1 
ATOM   1019 C C   . THR A 1 130 ? -5.160  9.081   -10.271 1.00 8.14  ? 130  THR A C   1 
ATOM   1020 O O   . THR A 1 130 ? -5.023  9.354   -11.492 1.00 8.92  ? 130  THR A O   1 
ATOM   1021 C CB  . THR A 1 130 ? -4.632  11.013  -8.768  1.00 8.57  ? 130  THR A CB  1 
ATOM   1022 O OG1 . THR A 1 130 ? -3.844  10.219  -7.900  1.00 8.41  ? 130  THR A OG1 1 
ATOM   1023 C CG2 . THR A 1 130 ? -5.217  12.210  -8.020  1.00 10.01 ? 130  THR A CG2 1 
ATOM   1024 N N   . LEU A 1 131 ? -4.842  7.882   -9.840  1.00 7.59  ? 131  LEU A N   1 
ATOM   1025 C CA  . LEU A 1 131 ? -4.289  6.862   -10.699 1.00 7.29  ? 131  LEU A CA  1 
ATOM   1026 C C   . LEU A 1 131 ? -5.273  6.470   -11.784 1.00 8.25  ? 131  LEU A C   1 
ATOM   1027 O O   . LEU A 1 131 ? -4.836  6.311   -12.955 1.00 8.63  ? 131  LEU A O   1 
ATOM   1028 C CB  . LEU A 1 131 ? -3.934  5.618   -9.870  1.00 9.13  ? 131  LEU A CB  1 
ATOM   1029 C CG  . LEU A 1 131 ? -3.484  4.407   -10.719 1.00 9.80  ? 131  LEU A CG  1 
ATOM   1030 C CD1 . LEU A 1 131 ? -2.391  4.806   -11.672 1.00 12.72 ? 131  LEU A CD1 1 
ATOM   1031 C CD2 . LEU A 1 131 ? -3.068  3.287   -9.771  1.00 12.97 ? 131  LEU A CD2 1 
ATOM   1032 N N   . VAL A 1 132 ? -6.570  6.380   -11.489 1.00 9.21  ? 132  VAL A N   1 
ATOM   1033 C CA  . VAL A 1 132 ? -7.465  5.956   -12.577 1.00 11.40 ? 132  VAL A CA  1 
ATOM   1034 C C   . VAL A 1 132 ? -7.554  7.031   -13.649 1.00 11.99 ? 132  VAL A C   1 
ATOM   1035 O O   . VAL A 1 132 ? -7.875  6.584   -14.770 1.00 14.60 ? 132  VAL A O   1 
ATOM   1036 C CB  . VAL A 1 132 ? -8.849  5.500   -12.078 1.00 13.67 ? 132  VAL A CB  1 
ATOM   1037 C CG1 . VAL A 1 132 ? -8.786  4.394   -11.032 1.00 13.52 ? 132  VAL A CG1 1 
ATOM   1038 C CG2 . VAL A 1 132 ? -9.610  6.679   -11.505 1.00 12.49 ? 132  VAL A CG2 1 
ATOM   1039 N N   . LYS A 1 133 ? -7.248  8.284   -13.379 1.00 12.71 ? 133  LYS A N   1 
ATOM   1040 C CA  . LYS A 1 133 ? -7.249  9.315   -14.414 1.00 14.89 ? 133  LYS A CA  1 
ATOM   1041 C C   . LYS A 1 133 ? -5.874  9.591   -14.980 1.00 15.55 ? 133  LYS A C   1 
ATOM   1042 O O   . LYS A 1 133 ? -5.774  10.400  -15.908 1.00 15.98 ? 133  LYS A O   1 
ATOM   1043 C CB  . LYS A 1 133 ? -7.787  10.601  -13.774 1.00 17.60 ? 133  LYS A CB  1 
ATOM   1044 C CG  . LYS A 1 133 ? -9.279  10.340  -13.494 1.00 21.50 ? 133  LYS A CG  1 
ATOM   1045 C CD  . LYS A 1 133 ? -9.950  11.633  -13.101 1.00 22.99 ? 133  LYS A CD  1 
ATOM   1046 C CE  . LYS A 1 133 ? -10.171 12.478  -14.359 1.00 24.66 ? 133  LYS A CE  1 
ATOM   1047 N NZ  . LYS A 1 133 ? -11.391 12.009  -15.074 1.00 25.63 ? 133  LYS A NZ  1 
ATOM   1048 N N   . ASP A 1 134 ? -4.884  8.821   -14.568 1.00 12.61 ? 134  ASP A N   1 
ATOM   1049 C CA  . ASP A 1 134 ? -3.503  9.053   -15.034 1.00 11.92 ? 134  ASP A CA  1 
ATOM   1050 C C   . ASP A 1 134 ? -2.805  7.724   -15.004 1.00 11.26 ? 134  ASP A C   1 
ATOM   1051 O O   . ASP A 1 134 ? -1.779  7.535   -14.321 1.00 10.66 ? 134  ASP A O   1 
ATOM   1052 C CB  . ASP A 1 134 ? -2.838  10.087  -14.140 1.00 10.91 ? 134  ASP A CB  1 
ATOM   1053 C CG  . ASP A 1 134 ? -1.427  10.446  -14.567 1.00 11.63 ? 134  ASP A CG  1 
ATOM   1054 O OD1 . ASP A 1 134 ? -1.109  10.382  -15.795 1.00 12.99 ? 134  ASP A OD1 1 
ATOM   1055 O OD2 . ASP A 1 134 ? -0.637  10.800  -13.679 1.00 11.95 ? 134  ASP A OD2 1 
ATOM   1056 N N   . PRO A 1 135 ? -3.171  6.752   -15.838 1.00 10.85 ? 135  PRO A N   1 
ATOM   1057 C CA  . PRO A 1 135 ? -2.583  5.440   -15.901 1.00 11.13 ? 135  PRO A CA  1 
ATOM   1058 C C   . PRO A 1 135 ? -1.113  5.397   -16.267 1.00 10.80 ? 135  PRO A C   1 
ATOM   1059 O O   . PRO A 1 135 ? -0.355  4.506   -15.919 1.00 12.38 ? 135  PRO A O   1 
ATOM   1060 C CB  . PRO A 1 135 ? -3.393  4.661   -16.941 1.00 14.50 ? 135  PRO A CB  1 
ATOM   1061 C CG  . PRO A 1 135 ? -3.983  5.767   -17.776 1.00 13.35 ? 135  PRO A CG  1 
ATOM   1062 C CD  . PRO A 1 135 ? -4.346  6.842   -16.767 1.00 12.39 ? 135  PRO A CD  1 
ATOM   1063 N N   . GLU A 1 136 ? -0.681  6.448   -17.012 1.00 12.23 ? 136  GLU A N   1 
ATOM   1064 C CA  . GLU A 1 136 ? 0.720   6.498   -17.404 1.00 13.14 ? 136  GLU A CA  1 
ATOM   1065 C C   . GLU A 1 136 ? 1.537   7.303   -16.414 1.00 12.95 ? 136  GLU A C   1 
ATOM   1066 O O   . GLU A 1 136 ? 2.731   7.514   -16.688 1.00 13.26 ? 136  GLU A O   1 
ATOM   1067 C CB  . GLU A 1 136 ? 0.905   7.035   -18.824 1.00 15.57 ? 136  GLU A CB  1 
ATOM   1068 C CG  . GLU A 1 136 ? 0.375   6.131   -19.933 1.00 18.46 ? 136  GLU A CG  1 
ATOM   1069 C CD  . GLU A 1 136 ? 0.876   4.707   -19.733 1.00 19.78 ? 136  GLU A CD  1 
ATOM   1070 O OE1 . GLU A 1 136 ? 2.106   4.496   -19.779 1.00 22.58 ? 136  GLU A OE1 1 
ATOM   1071 O OE2 . GLU A 1 136 ? 0.028   3.819   -19.515 1.00 18.99 ? 136  GLU A OE2 1 
ATOM   1072 N N   . GLY A 1 137 ? 0.968   7.791   -15.326 1.00 11.12 ? 137  GLY A N   1 
ATOM   1073 C CA  . GLY A 1 137 ? 1.720   8.503   -14.308 1.00 10.30 ? 137  GLY A CA  1 
ATOM   1074 C C   . GLY A 1 137 ? 2.383   9.774   -14.786 1.00 11.17 ? 137  GLY A C   1 
ATOM   1075 O O   . GLY A 1 137 ? 3.411   10.155  -14.232 1.00 11.07 ? 137  GLY A O   1 
ATOM   1076 N N   . GLU A 1 138 ? 1.745   10.468  -15.704 1.00 10.91 ? 138  GLU A N   1 
ATOM   1077 C CA  . GLU A 1 138 ? 2.313   11.739  -16.179 1.00 13.23 ? 138  GLU A CA  1 
ATOM   1078 C C   . GLU A 1 138 ? 2.281   12.749  -15.060 1.00 13.93 ? 138  GLU A C   1 
ATOM   1079 O O   . GLU A 1 138 ? 3.057   13.738  -15.150 1.00 15.22 ? 138  GLU A O   1 
ATOM   1080 C CB  . GLU A 1 138 ? 1.547   12.200  -17.417 1.00 14.93 ? 138  GLU A CB  1 
ATOM   1081 C CG  . GLU A 1 138 ? 1.700   11.154  -18.527 1.00 21.03 ? 138  GLU A CG  1 
ATOM   1082 C CD  . GLU A 1 138 ? 0.793   11.326  -19.722 1.00 25.34 ? 138  GLU A CD  1 
ATOM   1083 O OE1 . GLU A 1 138 ? 0.469   12.465  -20.085 1.00 27.29 ? 138  GLU A OE1 1 
ATOM   1084 O OE2 . GLU A 1 138 ? 0.402   10.291  -20.311 1.00 29.54 ? 138  GLU A OE2 1 
ATOM   1085 N N   . GLN A 1 139 ? 1.419   12.653  -14.067 1.00 11.22 ? 139  GLN A N   1 
ATOM   1086 C CA  . GLN A 1 139 ? 1.358   13.569  -12.967 1.00 11.81 ? 139  GLN A CA  1 
ATOM   1087 C C   . GLN A 1 139 ? 1.732   12.930  -11.630 1.00 9.33  ? 139  GLN A C   1 
ATOM   1088 O O   . GLN A 1 139 ? 1.586   13.550  -10.571 1.00 11.16 ? 139  GLN A O   1 
ATOM   1089 C CB  . GLN A 1 139 ? -0.010  14.269  -12.828 1.00 14.48 ? 139  GLN A CB  1 
ATOM   1090 C CG  . GLN A 1 139 ? -0.237  15.356  -13.880 1.00 17.48 ? 139  GLN A CG  1 
ATOM   1091 C CD  . GLN A 1 139 ? -0.561  14.752  -15.225 1.00 19.21 ? 139  GLN A CD  1 
ATOM   1092 O OE1 . GLN A 1 139 ? 0.012   15.125  -16.258 1.00 21.81 ? 139  GLN A OE1 1 
ATOM   1093 N NE2 . GLN A 1 139 ? -1.484  13.792  -15.250 1.00 22.02 ? 139  GLN A NE2 1 
ATOM   1094 N N   . PHE A 1 140 ? 2.293   11.733  -11.739 1.00 9.12  ? 140  PHE A N   1 
ATOM   1095 C CA  . PHE A 1 140 ? 2.828   11.076  -10.538 1.00 8.98  ? 140  PHE A CA  1 
ATOM   1096 C C   . PHE A 1 140 ? 3.886   11.802  -9.767  1.00 9.18  ? 140  PHE A C   1 
ATOM   1097 O O   . PHE A 1 140 ? 4.582   12.521  -10.513 1.00 11.20 ? 140  PHE A O   1 
ATOM   1098 C CB  . PHE A 1 140 ? 3.455   9.717   -10.944 1.00 11.22 ? 140  PHE A CB  1 
ATOM   1099 C CG  . PHE A 1 140 ? 4.176   8.947   -9.879  1.00 10.67 ? 140  PHE A CG  1 
ATOM   1100 C CD1 . PHE A 1 140 ? 5.500   9.253   -9.569  1.00 12.07 ? 140  PHE A CD1 1 
ATOM   1101 C CD2 . PHE A 1 140 ? 3.587   7.913   -9.168  1.00 12.88 ? 140  PHE A CD2 1 
ATOM   1102 C CE1 . PHE A 1 140 ? 6.226   8.585   -8.599  1.00 13.26 ? 140  PHE A CE1 1 
ATOM   1103 C CE2 . PHE A 1 140 ? 4.294   7.223   -8.185  1.00 13.53 ? 140  PHE A CE2 1 
ATOM   1104 C CZ  . PHE A 1 140 ? 5.595   7.569   -7.929  1.00 11.68 ? 140  PHE A CZ  1 
ATOM   1105 N N   . PRO A 1 141 ? 3.821   12.021  -8.478  1.00 8.26  ? 141  PRO A N   1 
ATOM   1106 C CA  . PRO A 1 141 ? 3.211   11.179  -7.477  1.00 9.65  ? 141  PRO A CA  1 
ATOM   1107 C C   . PRO A 1 141 ? 1.899   11.819  -6.977  1.00 9.45  ? 141  PRO A C   1 
ATOM   1108 O O   . PRO A 1 141 ? 1.420   11.538  -5.884  1.00 8.98  ? 141  PRO A O   1 
ATOM   1109 C CB  . PRO A 1 141 ? 4.204   10.955  -6.351  1.00 10.23 ? 141  PRO A CB  1 
ATOM   1110 C CG  . PRO A 1 141 ? 4.834   12.311  -6.282  1.00 9.99  ? 141  PRO A CG  1 
ATOM   1111 C CD  . PRO A 1 141 ? 4.915   12.680  -7.733  1.00 10.20 ? 141  PRO A CD  1 
ATOM   1112 N N   . TRP A 1 142 ? 1.263   12.645  -7.804  1.00 9.01  ? 142  TRP A N   1 
ATOM   1113 C CA  . TRP A 1 142 ? -0.057  13.226  -7.523  1.00 8.92  ? 142  TRP A CA  1 
ATOM   1114 C C   . TRP A 1 142 ? -0.082  13.946  -6.196  1.00 9.26  ? 142  TRP A C   1 
ATOM   1115 O O   . TRP A 1 142 ? -0.912  13.763  -5.277  1.00 8.17  ? 142  TRP A O   1 
ATOM   1116 C CB  . TRP A 1 142 ? -1.115  12.119  -7.533  1.00 8.88  ? 142  TRP A CB  1 
ATOM   1117 C CG  . TRP A 1 142 ? -1.029  11.267  -8.772  1.00 8.48  ? 142  TRP A CG  1 
ATOM   1118 C CD1 . TRP A 1 142 ? -1.217  11.685  -10.062 1.00 10.34 ? 142  TRP A CD1 1 
ATOM   1119 C CD2 . TRP A 1 142 ? -0.735  9.888   -8.849  1.00 7.83  ? 142  TRP A CD2 1 
ATOM   1120 N NE1 . TRP A 1 142 ? -1.055  10.642  -10.926 1.00 9.54  ? 142  TRP A NE1 1 
ATOM   1121 C CE2 . TRP A 1 142 ? -0.757  9.499   -10.222 1.00 8.18  ? 142  TRP A CE2 1 
ATOM   1122 C CE3 . TRP A 1 142 ? -0.458  8.924   -7.881  1.00 9.95  ? 142  TRP A CE3 1 
ATOM   1123 C CZ2 . TRP A 1 142 ? -0.515  8.189   -10.611 1.00 9.84  ? 142  TRP A CZ2 1 
ATOM   1124 C CZ3 . TRP A 1 142 ? -0.220  7.622   -8.288  1.00 10.12 ? 142  TRP A CZ3 1 
ATOM   1125 C CH2 . TRP A 1 142 ? -0.244  7.272   -9.643  1.00 9.86  ? 142  TRP A CH2 1 
ATOM   1126 N N   . LYS A 1 143 ? 0.894   14.817  -5.933  1.00 10.34 ? 143  LYS A N   1 
ATOM   1127 C CA  . LYS A 1 143 ? 1.082   15.463  -4.669  1.00 11.74 ? 143  LYS A CA  1 
ATOM   1128 C C   . LYS A 1 143 ? -0.104  16.222  -4.115  1.00 10.64 ? 143  LYS A C   1 
ATOM   1129 O O   . LYS A 1 143 ? -0.770  16.971  -4.861  1.00 11.42 ? 143  LYS A O   1 
ATOM   1130 C CB  . LYS A 1 143 ? 2.200   16.533  -4.860  1.00 13.77 ? 143  LYS A CB  1 
ATOM   1131 C CG  . LYS A 1 143 ? 3.526   15.891  -5.218  1.00 16.68 ? 143  LYS A CG  1 
ATOM   1132 C CD  . LYS A 1 143 ? 4.581   17.000  -5.188  1.00 19.25 ? 143  LYS A CD  1 
ATOM   1133 C CE  . LYS A 1 143 ? 5.912   16.454  -5.686  1.00 22.59 ? 143  LYS A CE  1 
ATOM   1134 N NZ  . LYS A 1 143 ? 6.914   17.569  -5.623  1.00 25.01 ? 143  LYS A NZ  1 
ATOM   1135 N N   . ASP A 1 144 ? -0.432  16.065  -2.856  1.00 10.06 ? 144  ASP A N   1 
ATOM   1136 C CA  . ASP A 1 144 ? -1.485  16.827  -2.195  1.00 10.32 ? 144  ASP A CA  1 
ATOM   1137 C C   . ASP A 1 144 ? -1.033  18.308  -2.203  1.00 13.17 ? 144  ASP A C   1 
ATOM   1138 O O   . ASP A 1 144 ? 0.159   18.632  -2.176  1.00 15.37 ? 144  ASP A O   1 
ATOM   1139 C CB  . ASP A 1 144 ? -1.687  16.391  -0.748  1.00 10.48 ? 144  ASP A CB  1 
ATOM   1140 C CG  . ASP A 1 144 ? -2.427  15.079  -0.561  1.00 8.66  ? 144  ASP A CG  1 
ATOM   1141 O OD1 . ASP A 1 144 ? -2.668  14.393  -1.569  1.00 8.74  ? 144  ASP A OD1 1 
ATOM   1142 O OD2 . ASP A 1 144 ? -2.732  14.780  0.600   1.00 10.89 ? 144  ASP A OD2 1 
ATOM   1143 N N   . ALA A 1 145 ? -2.048  19.176  -2.216  1.00 15.69 ? 145  ALA A N   1 
ATOM   1144 C CA  . ALA A 1 145 ? -1.681  20.609  -2.214  1.00 22.03 ? 145  ALA A CA  1 
ATOM   1145 C C   . ALA A 1 145 ? -0.873  20.918  -0.963  1.00 24.71 ? 145  ALA A C   1 
ATOM   1146 O O   . ALA A 1 145 ? -1.248  20.394  0.113   1.00 26.47 ? 145  ALA A O   1 
ATOM   1147 C CB  . ALA A 1 145 ? -2.933  21.458  -2.309  1.00 21.32 ? 145  ALA A CB  1 
HETATM 1148 O O   . HOH B 2 .   ? 12.335  5.153   9.668   1.00 35.50 ? 2001 HOH A O   1 
HETATM 1149 O O   . HOH B 2 .   ? 6.495   9.051   9.450   1.00 93.68 ? 2002 HOH A O   1 
HETATM 1150 O O   . HOH B 2 .   ? 10.591  7.290   11.448  1.00 46.82 ? 2003 HOH A O   1 
HETATM 1151 O O   . HOH B 2 .   ? 11.734  4.538   6.896   1.00 33.22 ? 2004 HOH A O   1 
HETATM 1152 O O   . HOH B 2 .   ? 11.711  1.590   16.068  1.00 39.67 ? 2005 HOH A O   1 
HETATM 1153 O O   . HOH B 2 .   ? 1.863   8.798   14.013  1.00 31.92 ? 2006 HOH A O   1 
HETATM 1154 O O   . HOH B 2 .   ? 8.634   4.146   16.994  1.00 46.59 ? 2007 HOH A O   1 
HETATM 1155 O O   . HOH B 2 .   ? 4.546   13.073  8.596   1.00 33.56 ? 2008 HOH A O   1 
HETATM 1156 O O   . HOH B 2 .   ? 1.373   6.549   12.409  1.00 38.16 ? 2009 HOH A O   1 
HETATM 1157 O O   . HOH B 2 .   ? 3.505   -1.417  14.323  1.00 31.24 ? 2010 HOH A O   1 
HETATM 1158 O O   . HOH B 2 .   ? 14.086  -3.786  8.368   1.00 27.08 ? 2011 HOH A O   1 
HETATM 1159 O O   . HOH B 2 .   ? 9.102   -7.672  12.576  1.00 39.64 ? 2012 HOH A O   1 
HETATM 1160 O O   . HOH B 2 .   ? 17.493  -5.306  14.538  1.00 35.23 ? 2013 HOH A O   1 
HETATM 1161 O O   . HOH B 2 .   ? 8.564   12.151  -7.769  1.00 27.92 ? 2014 HOH A O   1 
HETATM 1162 O O   . HOH B 2 .   ? 16.248  -10.764 12.173  1.00 34.24 ? 2015 HOH A O   1 
HETATM 1163 O O   . HOH B 2 .   ? 1.654   -13.633 5.843   1.00 28.13 ? 2016 HOH A O   1 
HETATM 1164 O O   . HOH B 2 .   ? 8.103   -16.658 5.758   1.00 67.18 ? 2017 HOH A O   1 
HETATM 1165 O O   . HOH B 2 .   ? 3.911   -14.306 2.787   1.00 27.03 ? 2018 HOH A O   1 
HETATM 1166 O O   . HOH B 2 .   ? -16.028 -12.219 2.549   1.00 32.71 ? 2019 HOH A O   1 
HETATM 1167 O O   . HOH B 2 .   ? 1.988   -14.214 -1.181  1.00 14.52 ? 2020 HOH A O   1 
HETATM 1168 O O   . HOH B 2 .   ? 2.306   -16.506 -3.039  1.00 23.80 ? 2021 HOH A O   1 
HETATM 1169 O O   . HOH B 2 .   ? 8.388   -15.728 -2.733  1.00 34.79 ? 2022 HOH A O   1 
HETATM 1170 O O   . HOH B 2 .   ? 7.723   14.005  -2.921  1.00 34.94 ? 2023 HOH A O   1 
HETATM 1171 O O   . HOH B 2 .   ? -4.023  -8.111  -12.674 1.00 30.75 ? 2024 HOH A O   1 
HETATM 1172 O O   . HOH B 2 .   ? -1.236  -6.254  -15.595 1.00 31.03 ? 2025 HOH A O   1 
HETATM 1173 O O   . HOH B 2 .   ? 1.858   -3.134  -18.975 1.00 24.58 ? 2026 HOH A O   1 
HETATM 1174 O O   . HOH B 2 .   ? -1.740  -4.925  -18.298 1.00 20.29 ? 2027 HOH A O   1 
HETATM 1175 O O   . HOH B 2 .   ? 15.078  -7.218  2.607   1.00 28.96 ? 2028 HOH A O   1 
HETATM 1176 O O   . HOH B 2 .   ? 17.868  -3.898  2.837   1.00 31.71 ? 2029 HOH A O   1 
HETATM 1177 O O   . HOH B 2 .   ? 12.116  2.374   5.631   1.00 32.99 ? 2030 HOH A O   1 
HETATM 1178 O O   . HOH B 2 .   ? 7.821   10.233  -5.987  1.00 20.54 ? 2031 HOH A O   1 
HETATM 1179 O O   . HOH B 2 .   ? 10.831  8.111   -14.930 1.00 32.43 ? 2032 HOH A O   1 
HETATM 1180 O O   . HOH B 2 .   ? 9.173   9.505   -10.892 1.00 27.44 ? 2033 HOH A O   1 
HETATM 1181 O O   . HOH B 2 .   ? 8.740   11.127  -15.733 1.00 47.47 ? 2034 HOH A O   1 
HETATM 1182 O O   . HOH B 2 .   ? 17.148  1.914   5.700   1.00 31.16 ? 2035 HOH A O   1 
HETATM 1183 O O   . HOH B 2 .   ? 14.402  2.516   5.510   1.00 25.46 ? 2036 HOH A O   1 
HETATM 1184 O O   . HOH B 2 .   ? 15.867  7.290   -7.745  1.00 48.26 ? 2037 HOH A O   1 
HETATM 1185 O O   . HOH B 2 .   ? 15.206  1.022   -1.548  1.00 22.64 ? 2038 HOH A O   1 
HETATM 1186 O O   . HOH B 2 .   ? 11.825  -4.411  -0.677  1.00 37.04 ? 2039 HOH A O   1 
HETATM 1187 O O   . HOH B 2 .   ? 15.017  -2.492  -2.202  1.00 29.94 ? 2040 HOH A O   1 
HETATM 1188 O O   . HOH B 2 .   ? -8.393  -8.211  12.547  1.00 28.34 ? 2041 HOH A O   1 
HETATM 1189 O O   . HOH B 2 .   ? 14.454  9.455   -2.116  1.00 16.51 ? 2042 HOH A O   1 
HETATM 1190 O O   . HOH B 2 .   ? 11.272  8.436   -3.705  1.00 14.07 ? 2043 HOH A O   1 
HETATM 1191 O O   . HOH B 2 .   ? 10.834  -2.281  -2.236  1.00 24.34 ? 2044 HOH A O   1 
HETATM 1192 O O   . HOH B 2 .   ? -3.924  -19.483 5.309   1.00 25.25 ? 2045 HOH A O   1 
HETATM 1193 O O   . HOH B 2 .   ? -2.023  -15.532 6.935   1.00 26.51 ? 2046 HOH A O   1 
HETATM 1194 O O   . HOH B 2 .   ? -5.606  -20.082 0.673   1.00 22.71 ? 2047 HOH A O   1 
HETATM 1195 O O   . HOH B 2 .   ? 1.202   -14.979 3.040   1.00 24.99 ? 2048 HOH A O   1 
HETATM 1196 O O   . HOH B 2 .   ? 0.694   -17.883 0.467   1.00 21.04 ? 2049 HOH A O   1 
HETATM 1197 O O   . HOH B 2 .   ? -9.337  -8.688  -6.319  1.00 20.36 ? 2050 HOH A O   1 
HETATM 1198 O O   . HOH B 2 .   ? -6.709  -9.614  -6.569  1.00 27.69 ? 2051 HOH A O   1 
HETATM 1199 O O   . HOH B 2 .   ? 0.144   -10.079 -11.363 1.00 22.09 ? 2052 HOH A O   1 
HETATM 1200 O O   . HOH B 2 .   ? -11.543 -12.251 -2.959  1.00 27.97 ? 2053 HOH A O   1 
HETATM 1201 O O   . HOH B 2 .   ? -6.605  -7.938  -8.774  1.00 14.85 ? 2054 HOH A O   1 
HETATM 1202 O O   . HOH B 2 .   ? 4.322   -11.500 -8.803  1.00 27.34 ? 2055 HOH A O   1 
HETATM 1203 O O   . HOH B 2 .   ? -12.199 -7.149  -3.224  1.00 13.60 ? 2056 HOH A O   1 
HETATM 1204 O O   . HOH B 2 .   ? -15.420 -8.088  -3.095  1.00 16.25 ? 2057 HOH A O   1 
HETATM 1205 O O   . HOH B 2 .   ? -14.631 -11.763 0.598   1.00 25.88 ? 2058 HOH A O   1 
HETATM 1206 O O   . HOH B 2 .   ? -11.813 -9.588  -4.071  1.00 24.96 ? 2059 HOH A O   1 
HETATM 1207 O O   . HOH B 2 .   ? -10.226 -12.981 3.516   1.00 25.98 ? 2060 HOH A O   1 
HETATM 1208 O O   . HOH B 2 .   ? 3.176   -4.016  15.015  1.00 30.01 ? 2061 HOH A O   1 
HETATM 1209 O O   . HOH B 2 .   ? 1.586   0.044   15.320  1.00 37.25 ? 2062 HOH A O   1 
HETATM 1210 O O   . HOH B 2 .   ? -1.388  6.005   15.089  1.00 36.95 ? 2063 HOH A O   1 
HETATM 1211 O O   . HOH B 2 .   ? -6.701  0.246   18.578  1.00 28.18 ? 2064 HOH A O   1 
HETATM 1212 O O   . HOH B 2 .   ? -5.849  10.188  14.630  1.00 21.26 ? 2065 HOH A O   1 
HETATM 1213 O O   . HOH B 2 .   ? -2.660  12.428  6.078   1.00 32.97 ? 2066 HOH A O   1 
HETATM 1214 O O   . HOH B 2 .   ? -17.909 6.582   6.517   1.00 30.77 ? 2067 HOH A O   1 
HETATM 1215 O O   . HOH B 2 .   ? -15.833 -10.973 -2.038  1.00 18.21 ? 2068 HOH A O   1 
HETATM 1216 O O   . HOH B 2 .   ? -17.957 -0.427  -0.932  1.00 21.48 ? 2069 HOH A O   1 
HETATM 1217 O O   . HOH B 2 .   ? -18.179 -1.438  1.640   1.00 28.55 ? 2070 HOH A O   1 
HETATM 1218 O O   . HOH B 2 .   ? -17.529 2.187   2.162   1.00 21.00 ? 2071 HOH A O   1 
HETATM 1219 O O   . HOH B 2 .   ? -17.700 2.394   -0.812  1.00 31.28 ? 2072 HOH A O   1 
HETATM 1220 O O   . HOH B 2 .   ? -15.052 -3.355  -8.804  1.00 13.76 ? 2073 HOH A O   1 
HETATM 1221 O O   . HOH B 2 .   ? 12.453  13.159  -1.115  1.00 38.17 ? 2074 HOH A O   1 
HETATM 1222 O O   . HOH B 2 .   ? 8.039   11.377  -3.445  1.00 23.94 ? 2075 HOH A O   1 
HETATM 1223 O O   . HOH B 2 .   ? -3.475  -5.885  -14.070 1.00 16.44 ? 2076 HOH A O   1 
HETATM 1224 O O   . HOH B 2 .   ? -6.746  2.563   -15.553 1.00 11.73 ? 2077 HOH A O   1 
HETATM 1225 O O   . HOH B 2 .   ? -3.182  1.504   -14.356 1.00 11.40 ? 2078 HOH A O   1 
HETATM 1226 O O   . HOH B 2 .   ? -9.279  11.159  -0.087  1.00 28.08 ? 2079 HOH A O   1 
HETATM 1227 O O   . HOH B 2 .   ? 5.998   15.689  -1.837  1.00 26.50 ? 2080 HOH A O   1 
HETATM 1228 O O   . HOH B 2 .   ? -13.231 8.036   -4.648  1.00 25.91 ? 2081 HOH A O   1 
HETATM 1229 O O   . HOH B 2 .   ? -15.227 6.350   -4.639  1.00 44.77 ? 2082 HOH A O   1 
HETATM 1230 O O   . HOH B 2 .   ? -12.352 9.836   -2.734  1.00 32.58 ? 2083 HOH A O   1 
HETATM 1231 O O   . HOH B 2 .   ? -3.316  14.426  -10.650 1.00 31.84 ? 2084 HOH A O   1 
HETATM 1232 O O   . HOH B 2 .   ? -12.438 9.975   -7.907  1.00 15.12 ? 2085 HOH A O   1 
HETATM 1233 O O   . HOH B 2 .   ? -9.497  10.705  -2.844  1.00 16.10 ? 2086 HOH A O   1 
HETATM 1234 O O   . HOH B 2 .   ? -4.961  0.647   -16.208 1.00 16.93 ? 2087 HOH A O   1 
HETATM 1235 O O   . HOH B 2 .   ? 1.940   -3.467  -16.377 1.00 16.44 ? 2088 HOH A O   1 
HETATM 1236 O O   . HOH B 2 .   ? -4.320  -3.931  -17.163 1.00 19.33 ? 2089 HOH A O   1 
HETATM 1237 O O   . HOH B 2 .   ? -0.734  -2.787  -19.869 1.00 16.34 ? 2090 HOH A O   1 
HETATM 1238 O O   . HOH B 2 .   ? 5.530   10.827  -18.335 1.00 20.59 ? 2091 HOH A O   1 
HETATM 1239 O O   . HOH B 2 .   ? 4.819   10.711  -21.071 1.00 20.49 ? 2092 HOH A O   1 
HETATM 1240 O O   . HOH B 2 .   ? 6.287   -5.740  -11.205 1.00 27.89 ? 2093 HOH A O   1 
HETATM 1241 O O   . HOH B 2 .   ? 1.243   -5.908  -15.503 1.00 20.84 ? 2094 HOH A O   1 
HETATM 1242 O O   . HOH B 2 .   ? 6.993   15.491  -9.808  1.00 52.89 ? 2095 HOH A O   1 
HETATM 1243 O O   . HOH B 2 .   ? 4.574   -3.911  -17.208 1.00 28.52 ? 2096 HOH A O   1 
HETATM 1244 O O   . HOH B 2 .   ? -0.583  0.797   -21.624 1.00 18.10 ? 2097 HOH A O   1 
HETATM 1245 O O   . HOH B 2 .   ? 9.488   0.366   -13.994 1.00 17.55 ? 2098 HOH A O   1 
HETATM 1246 O O   . HOH B 2 .   ? -1.710  14.643  5.158   1.00 29.14 ? 2099 HOH A O   1 
HETATM 1247 O O   . HOH B 2 .   ? 2.123   23.122  -1.047  1.00 70.21 ? 2100 HOH A O   1 
HETATM 1248 O O   . HOH B 2 .   ? 11.281  0.278   -6.496  1.00 29.93 ? 2101 HOH A O   1 
HETATM 1249 O O   . HOH B 2 .   ? 8.658   -1.737  -12.662 1.00 18.55 ? 2102 HOH A O   1 
HETATM 1250 O O   . HOH B 2 .   ? 12.710  7.743   -10.104 1.00 32.87 ? 2103 HOH A O   1 
HETATM 1251 O O   . HOH B 2 .   ? 8.947   6.183   -15.490 1.00 20.62 ? 2104 HOH A O   1 
HETATM 1252 O O   . HOH B 2 .   ? 7.417   10.280  -13.089 1.00 28.51 ? 2105 HOH A O   1 
HETATM 1253 O O   . HOH B 2 .   ? 9.600   8.039   -6.079  1.00 14.55 ? 2106 HOH A O   1 
HETATM 1254 O O   . HOH B 2 .   ? 13.478  1.666   -8.070  1.00 35.27 ? 2107 HOH A O   1 
HETATM 1255 O O   . HOH B 2 .   ? 15.352  4.103   -3.379  1.00 16.59 ? 2108 HOH A O   1 
HETATM 1256 O O   . HOH B 2 .   ? 13.747  8.478   -5.957  1.00 30.15 ? 2109 HOH A O   1 
HETATM 1257 O O   . HOH B 2 .   ? 9.488   -1.422  -5.623  1.00 24.53 ? 2110 HOH A O   1 
HETATM 1258 O O   . HOH B 2 .   ? 9.194   -5.556  -4.303  1.00 23.32 ? 2111 HOH A O   1 
HETATM 1259 O O   . HOH B 2 .   ? -7.300  -4.499  9.644   1.00 15.88 ? 2112 HOH A O   1 
HETATM 1260 O O   . HOH B 2 .   ? -6.818  -9.977  3.500   1.00 10.87 ? 2113 HOH A O   1 
HETATM 1261 O O   . HOH B 2 .   ? -7.555  -7.544  10.103  1.00 15.65 ? 2114 HOH A O   1 
HETATM 1262 O O   . HOH B 2 .   ? -12.304 -11.411 5.412   1.00 16.60 ? 2115 HOH A O   1 
HETATM 1263 O O   . HOH B 2 .   ? -13.665 -9.283  7.108   1.00 11.40 ? 2116 HOH A O   1 
HETATM 1264 O O   . HOH B 2 .   ? -12.545 -4.396  12.712  1.00 10.13 ? 2117 HOH A O   1 
HETATM 1265 O O   . HOH B 2 .   ? -12.477 -9.313  13.914  1.00 17.32 ? 2118 HOH A O   1 
HETATM 1266 O O   . HOH B 2 .   ? -12.561 -13.961 11.917  1.00 20.88 ? 2119 HOH A O   1 
HETATM 1267 O O   . HOH B 2 .   ? -11.744 -4.435  9.087   1.00 9.65  ? 2120 HOH A O   1 
HETATM 1268 O O   . HOH B 2 .   ? -12.046 -11.826 13.073  1.00 23.97 ? 2121 HOH A O   1 
HETATM 1269 O O   . HOH B 2 .   ? -12.609 -15.283 3.455   1.00 29.29 ? 2122 HOH A O   1 
HETATM 1270 O O   . HOH B 2 .   ? -8.099  -12.054 4.786   1.00 20.01 ? 2123 HOH A O   1 
HETATM 1271 O O   . HOH B 2 .   ? -16.719 -15.498 3.815   1.00 37.50 ? 2124 HOH A O   1 
HETATM 1272 O O   . HOH B 2 .   ? -5.063  -15.067 14.998  1.00 38.56 ? 2125 HOH A O   1 
HETATM 1273 O O   . HOH B 2 .   ? -1.822  -14.663 11.413  1.00 35.54 ? 2126 HOH A O   1 
HETATM 1274 O O   . HOH B 2 .   ? -5.137  -18.616 13.946  1.00 20.21 ? 2127 HOH A O   1 
HETATM 1275 O O   . HOH B 2 .   ? -4.140  -16.664 5.587   1.00 14.84 ? 2128 HOH A O   1 
HETATM 1276 O O   . HOH B 2 .   ? -6.292  -21.015 4.603   1.00 25.86 ? 2129 HOH A O   1 
HETATM 1277 O O   . HOH B 2 .   ? -9.889  -17.307 9.758   1.00 17.44 ? 2130 HOH A O   1 
HETATM 1278 O O   . HOH B 2 .   ? -6.252  -17.924 2.006   1.00 17.24 ? 2131 HOH A O   1 
HETATM 1279 O O   . HOH B 2 .   ? -7.358  -22.408 6.492   1.00 34.92 ? 2132 HOH A O   1 
HETATM 1280 O O   . HOH B 2 .   ? -10.302 -18.638 2.399   1.00 41.39 ? 2133 HOH A O   1 
HETATM 1281 O O   . HOH B 2 .   ? -9.825  -23.107 6.512   1.00 38.39 ? 2134 HOH A O   1 
HETATM 1282 O O   . HOH B 2 .   ? -11.465 -17.448 4.410   1.00 41.85 ? 2135 HOH A O   1 
HETATM 1283 O O   . HOH B 2 .   ? -9.124  -14.826 0.256   1.00 19.71 ? 2136 HOH A O   1 
HETATM 1284 O O   . HOH B 2 .   ? 0.057   -15.164 0.593   1.00 14.88 ? 2137 HOH A O   1 
HETATM 1285 O O   . HOH B 2 .   ? -4.463  -17.234 -4.063  1.00 20.51 ? 2138 HOH A O   1 
HETATM 1286 O O   . HOH B 2 .   ? -5.692  -9.630  -4.152  1.00 16.03 ? 2139 HOH A O   1 
HETATM 1287 O O   . HOH B 2 .   ? -9.712  -6.689  -4.446  1.00 14.39 ? 2140 HOH A O   1 
HETATM 1288 O O   . HOH B 2 .   ? 1.845   -12.185 -2.995  1.00 11.19 ? 2141 HOH A O   1 
HETATM 1289 O O   . HOH B 2 .   ? 2.673   -14.984 -5.193  1.00 25.03 ? 2142 HOH A O   1 
HETATM 1290 O O   . HOH B 2 .   ? -0.718  -15.343 -7.588  1.00 33.41 ? 2143 HOH A O   1 
HETATM 1291 O O   . HOH B 2 .   ? -4.631  -8.821  -7.012  1.00 28.67 ? 2144 HOH A O   1 
HETATM 1292 O O   . HOH B 2 .   ? 0.181   -10.321 -8.649  1.00 16.27 ? 2145 HOH A O   1 
HETATM 1293 O O   . HOH B 2 .   ? -9.161  -13.724 -2.338  1.00 19.36 ? 2146 HOH A O   1 
HETATM 1294 O O   . HOH B 2 .   ? -3.494  -11.397 -9.658  1.00 23.31 ? 2147 HOH A O   1 
HETATM 1295 O O   . HOH B 2 .   ? 1.959   -12.735 -5.451  1.00 11.57 ? 2148 HOH A O   1 
HETATM 1296 O O   . HOH B 2 .   ? 1.808   -12.225 -7.824  1.00 23.39 ? 2149 HOH A O   1 
HETATM 1297 O O   . HOH B 2 .   ? 3.985   -11.903 -5.788  1.00 26.98 ? 2150 HOH A O   1 
HETATM 1298 O O   . HOH B 2 .   ? 6.065   -10.051 -7.308  1.00 20.96 ? 2151 HOH A O   1 
HETATM 1299 O O   . HOH B 2 .   ? 7.665   -7.247  -6.123  1.00 27.35 ? 2152 HOH A O   1 
HETATM 1300 O O   . HOH B 2 .   ? 4.050   -10.486 -3.165  1.00 13.34 ? 2153 HOH A O   1 
HETATM 1301 O O   . HOH B 2 .   ? -2.135  -6.257  5.749   1.00 13.41 ? 2154 HOH A O   1 
HETATM 1302 O O   . HOH B 2 .   ? -0.408  -13.131 7.445   1.00 20.73 ? 2155 HOH A O   1 
HETATM 1303 O O   . HOH B 2 .   ? -2.778  -7.215  15.470  1.00 23.06 ? 2156 HOH A O   1 
HETATM 1304 O O   . HOH B 2 .   ? 0.190   -13.064 10.159  1.00 20.32 ? 2157 HOH A O   1 
HETATM 1305 O O   . HOH B 2 .   ? -2.777  -6.832  8.776   1.00 20.26 ? 2158 HOH A O   1 
HETATM 1306 O O   . HOH B 2 .   ? -0.139  -2.002  16.670  1.00 30.75 ? 2159 HOH A O   1 
HETATM 1307 O O   . HOH B 2 .   ? 0.318   1.931   12.676  1.00 21.39 ? 2160 HOH A O   1 
HETATM 1308 O O   . HOH B 2 .   ? 0.245   -4.595  15.292  1.00 20.77 ? 2161 HOH A O   1 
HETATM 1309 O O   . HOH B 2 .   ? -9.814  -3.321  10.357  1.00 18.21 ? 2162 HOH A O   1 
HETATM 1310 O O   . HOH B 2 .   ? -10.308 -6.570  13.711  1.00 27.12 ? 2163 HOH A O   1 
HETATM 1311 O O   . HOH B 2 .   ? -6.672  -1.161  16.380  1.00 26.46 ? 2164 HOH A O   1 
HETATM 1312 O O   . HOH B 2 .   ? -0.618  4.888   12.713  1.00 28.19 ? 2165 HOH A O   1 
HETATM 1313 O O   . HOH B 2 .   ? -3.930  5.815   15.186  1.00 17.56 ? 2166 HOH A O   1 
HETATM 1314 O O   . HOH B 2 .   ? -9.099  10.236  18.087  1.00 28.29 ? 2167 HOH A O   1 
HETATM 1315 O O   . HOH B 2 .   ? -2.859  12.192  8.703   1.00 30.72 ? 2168 HOH A O   1 
HETATM 1316 O O   . HOH B 2 .   ? -1.808  8.952   14.862  1.00 31.11 ? 2169 HOH A O   1 
HETATM 1317 O O   . HOH B 2 .   ? -4.490  11.540  12.508  1.00 25.78 ? 2170 HOH A O   1 
HETATM 1318 O O   . HOH B 2 .   ? 1.575   11.528  8.805   1.00 21.64 ? 2171 HOH A O   1 
HETATM 1319 O O   . HOH B 2 .   ? -6.222  10.541  4.015   1.00 31.46 ? 2172 HOH A O   1 
HETATM 1320 O O   . HOH B 2 .   ? -8.049  8.418   3.684   1.00 24.76 ? 2173 HOH A O   1 
HETATM 1321 O O   . HOH B 2 .   ? -5.194  12.214  5.503   1.00 35.37 ? 2174 HOH A O   1 
HETATM 1322 O O   . HOH B 2 .   ? -13.532 10.871  9.919   1.00 37.24 ? 2175 HOH A O   1 
HETATM 1323 O O   . HOH B 2 .   ? -8.553  10.616  13.787  1.00 47.91 ? 2176 HOH A O   1 
HETATM 1324 O O   . HOH B 2 .   ? -5.686  13.013  7.856   1.00 39.58 ? 2177 HOH A O   1 
HETATM 1325 O O   . HOH B 2 .   ? -9.161  13.162  5.525   1.00 36.09 ? 2178 HOH A O   1 
HETATM 1326 O O   . HOH B 2 .   ? -15.087 7.412   10.152  1.00 39.98 ? 2179 HOH A O   1 
HETATM 1327 O O   . HOH B 2 .   ? -17.155 7.343   9.073   1.00 39.11 ? 2180 HOH A O   1 
HETATM 1328 O O   . HOH B 2 .   ? -12.250 9.843   4.980   1.00 42.31 ? 2181 HOH A O   1 
HETATM 1329 O O   . HOH B 2 .   ? -15.411 3.241   7.832   1.00 12.32 ? 2182 HOH A O   1 
HETATM 1330 O O   . HOH B 2 .   ? -17.118 8.843   5.011   1.00 27.68 ? 2183 HOH A O   1 
HETATM 1331 O O   . HOH B 2 .   ? -11.671 7.448   3.261   1.00 22.91 ? 2184 HOH A O   1 
HETATM 1332 O O   . HOH B 2 .   ? -14.130 7.635   2.131   1.00 29.29 ? 2185 HOH A O   1 
HETATM 1333 O O   . HOH B 2 .   ? -15.485 -1.154  -0.049  1.00 14.57 ? 2186 HOH A O   1 
HETATM 1334 O O   . HOH B 2 .   ? -15.211 0.540   2.248   1.00 11.37 ? 2187 HOH A O   1 
HETATM 1335 O O   . HOH B 2 .   ? -15.182 2.778   -1.840  1.00 15.43 ? 2188 HOH A O   1 
HETATM 1336 O O   . HOH B 2 .   ? -12.566 4.217   -2.243  1.00 20.85 ? 2189 HOH A O   1 
HETATM 1337 O O   . HOH B 2 .   ? -10.087 7.410   0.947   1.00 29.49 ? 2190 HOH A O   1 
HETATM 1338 O O   . HOH B 2 .   ? -6.454  7.211   -2.208  1.00 8.28  ? 2191 HOH A O   1 
HETATM 1339 O O   . HOH B 2 .   ? 12.298  7.935   0.795   1.00 9.49  ? 2192 HOH A O   1 
HETATM 1340 O O   . HOH B 2 .   ? 9.287   9.444   -1.891  1.00 15.66 ? 2193 HOH A O   1 
HETATM 1341 O O   . HOH B 2 .   ? 13.255  12.397  1.431   1.00 13.57 ? 2194 HOH A O   1 
HETATM 1342 O O   . HOH B 2 .   ? 8.792   13.670  0.154   1.00 29.50 ? 2195 HOH A O   1 
HETATM 1343 O O   . HOH B 2 .   ? 14.131  4.969   5.074   1.00 27.35 ? 2196 HOH A O   1 
HETATM 1344 O O   . HOH B 2 .   ? 15.755  6.204   6.523   1.00 27.41 ? 2197 HOH A O   1 
HETATM 1345 O O   . HOH B 2 .   ? 15.201  10.613  0.423   1.00 11.23 ? 2198 HOH A O   1 
HETATM 1346 O O   . HOH B 2 .   ? 15.561  8.836   7.287   1.00 21.86 ? 2199 HOH A O   1 
HETATM 1347 O O   . HOH B 2 .   ? 7.311   12.994  8.861   1.00 24.15 ? 2200 HOH A O   1 
HETATM 1348 O O   . HOH B 2 .   ? 7.189   17.058  2.561   1.00 30.63 ? 2201 HOH A O   1 
HETATM 1349 O O   . HOH B 2 .   ? 11.151  16.212  3.697   1.00 24.70 ? 2202 HOH A O   1 
HETATM 1350 O O   . HOH B 2 .   ? 9.826   15.947  7.863   1.00 18.13 ? 2203 HOH A O   1 
HETATM 1351 O O   . HOH B 2 .   ? 3.192   16.144  -1.956  1.00 23.80 ? 2204 HOH A O   1 
HETATM 1352 O O   . HOH B 2 .   ? -7.195  13.916  1.327   1.00 29.42 ? 2205 HOH A O   1 
HETATM 1353 O O   . HOH B 2 .   ? -7.624  9.447   1.371   1.00 21.81 ? 2206 HOH A O   1 
HETATM 1354 O O   . HOH B 2 .   ? -10.607 6.777   -3.420  1.00 26.97 ? 2207 HOH A O   1 
HETATM 1355 O O   . HOH B 2 .   ? -15.229 5.430   -7.217  1.00 28.84 ? 2208 HOH A O   1 
HETATM 1356 O O   . HOH B 2 .   ? -15.102 3.294   -4.468  1.00 17.24 ? 2209 HOH A O   1 
HETATM 1357 O O   . HOH B 2 .   ? -11.988 7.467   -6.829  1.00 16.30 ? 2210 HOH A O   1 
HETATM 1358 O O   . HOH B 2 .   ? -8.514  8.351   -3.530  1.00 17.51 ? 2211 HOH A O   1 
HETATM 1359 O O   . HOH B 2 .   ? -10.944 9.766   -10.323 1.00 15.24 ? 2212 HOH A O   1 
HETATM 1360 O O   . HOH B 2 .   ? -4.939  12.152  -12.178 1.00 14.72 ? 2213 HOH A O   1 
HETATM 1361 O O   . HOH B 2 .   ? -4.775  3.627   -14.049 1.00 14.92 ? 2214 HOH A O   1 
HETATM 1362 O O   . HOH B 2 .   ? -8.343  4.360   -16.492 1.00 22.68 ? 2215 HOH A O   1 
HETATM 1363 O O   . HOH B 2 .   ? -11.918 14.690  -16.127 1.00 43.44 ? 2216 HOH A O   1 
HETATM 1364 O O   . HOH B 2 .   ? -1.763  8.916   -18.015 1.00 13.85 ? 2217 HOH A O   1 
HETATM 1365 O O   . HOH B 2 .   ? -0.986  1.858   -15.938 1.00 13.17 ? 2218 HOH A O   1 
HETATM 1366 O O   . HOH B 2 .   ? 3.460   2.316   -20.187 1.00 32.75 ? 2219 HOH A O   1 
HETATM 1367 O O   . HOH B 2 .   ? 4.089   6.070   -20.523 1.00 29.94 ? 2220 HOH A O   1 
HETATM 1368 O O   . HOH B 2 .   ? -2.401  3.843   -20.538 1.00 28.20 ? 2221 HOH A O   1 
HETATM 1369 O O   . HOH B 2 .   ? 5.305   8.407   -16.999 1.00 17.01 ? 2222 HOH A O   1 
HETATM 1370 O O   . HOH B 2 .   ? 5.415   11.896  -13.343 1.00 24.25 ? 2223 HOH A O   1 
HETATM 1371 O O   . HOH B 2 .   ? 4.590   15.843  -14.167 1.00 27.71 ? 2224 HOH A O   1 
HETATM 1372 O O   . HOH B 2 .   ? 3.655   13.181  -21.119 1.00 31.09 ? 2225 HOH A O   1 
HETATM 1373 O O   . HOH B 2 .   ? 6.553   14.001  -14.881 1.00 30.95 ? 2226 HOH A O   1 
HETATM 1374 O O   . HOH B 2 .   ? 2.990   8.683   -21.343 1.00 23.38 ? 2227 HOH A O   1 
HETATM 1375 O O   . HOH B 2 .   ? 5.366   13.395  -17.334 1.00 24.98 ? 2228 HOH A O   1 
HETATM 1376 O O   . HOH B 2 .   ? -1.203  15.520  -9.698  1.00 39.93 ? 2229 HOH A O   1 
HETATM 1377 O O   . HOH B 2 .   ? -2.879  12.553  -17.224 1.00 31.77 ? 2230 HOH A O   1 
HETATM 1378 O O   . HOH B 2 .   ? 4.394   15.525  -9.857  1.00 32.99 ? 2231 HOH A O   1 
HETATM 1379 O O   . HOH B 2 .   ? 6.560   18.786  -7.819  1.00 39.46 ? 2232 HOH A O   1 
HETATM 1380 O O   . HOH B 2 .   ? -2.374  16.461  -7.174  1.00 25.65 ? 2233 HOH A O   1 
HETATM 1381 O O   . HOH B 2 .   ? 2.131   15.875  -8.470  1.00 23.90 ? 2234 HOH A O   1 
HETATM 1382 O O   . HOH B 2 .   ? 2.282   20.117  -3.087  1.00 33.50 ? 2235 HOH A O   1 
HETATM 1383 O O   . HOH B 2 .   ? -1.571  15.847  2.675   1.00 21.60 ? 2236 HOH A O   1 
HETATM 1384 O O   . HOH B 2 .   ? -4.523  17.885  -1.789  1.00 17.58 ? 2237 HOH A O   1 
# 
